data_9E5Y
#
_entry.id   9E5Y
#
_cell.length_a   1.00
_cell.length_b   1.00
_cell.length_c   1.00
_cell.angle_alpha   90.00
_cell.angle_beta   90.00
_cell.angle_gamma   90.00
#
_symmetry.space_group_name_H-M   'P 1'
#
loop_
_entity.id
_entity.type
_entity.pdbx_description
1 polymer 'DNA-directed DNA polymerase'
2 polymer 'Sliding clamp'
3 polymer "DNA (5'-AGC TAT GAC CAT GAT TAC GAA TTG ddC-3')"
4 polymer 'DNA (38-MER)'
#
loop_
_entity_poly.entity_id
_entity_poly.type
_entity_poly.pdbx_seq_one_letter_code
_entity_poly.pdbx_strand_id
1 'polypeptide(L)'
;MKEFYISIETVGNNIVERYIDENGKERTREVEYLPTMFRHCKEESKYKDIYGKNCAPQKFPSMKDARDWMKRMEDIGLEA
LGMNDFKLAYISDTYGSEIVYDRKFVRVANCDIEVTGDKFPDPMKAEYEIDAITHYDSIDDRFYVFDLLNSMYGSVSKWD
AKLAAKLDCEGGDEVPQEILDRVIYMPFDNERDMLMEYINLWEQKRPAIFTGWNIEGFAVPYIMNRVKMILGERSMKRFS
PIGRVKSKLIQNMYGSKEIYSIDGVSILDYLDLYKKFAFTNLPSFSLESVAQHETKKGKLPYDGPINKLRETNHQRYISY
NIIDVESVQAIDKIRGFIDLVLSMSYYAKMPFSGVMSPIKTWDAIIFNSLKGEHKVIPQQGSHVKQSFPGAFVFEPKPIA
RRYIMSFDLTSLYPSIIRQVNISPETIRGQFKVHPIHEYIAGTAPKPSDEYSCSPNGWMYDKHQEGIIPKEIAKVFFQRK
DWKKKMFAEEMNAEAIKKIIMKGAGSCSTKPEVERYVKFSDDFLNELSNYTESVLNSLIEECEKAATLANTNQLNRKILI
NSLYGALGNIHFRYYDLRNATAITIFGQVGIQWIARKINEYLNKVCGTNDEDFIAAGDTDSVYVCVDKVIEKVGLDRFKE
QNDLVEFMNQFGKKKMEPMIDVAYRELCDYMNNREHLMHMDREAISCPPLGSKGVGGFWKAKKRYALNVYDMEDKRFAEP
HLKIMGMETQQSSTPKAVQEALEESIRRILQEGEESVQEYYKNFEKEYRQLDYKVIAEVKTANDIAKYDDKGWPGFKCPF
HIRGVLTYRRAVSGLGVAPILDGNKVMVLPLREGNPFGDKCIAWPSGTELPKEIRSDVLSWIDHSTLFQKSFVKPLAGMC
ESAGMDYEEKASLDFLFG
;
A,C
2 'polypeptide(L)'
;MKLSKDTTALLKNFATINSGIMLKSGQFIMTRAVNGTTYAEANISDVIDFDVAIYDLNGFLGILSLVNDDAEISQSEDGN
IKIADARSTIFWPAADPSTVVAPNKPIPFPVASAVTEIKAEDLQQLLRVSRGLQIDTIAITVKEGKIVINGFNKVEDSAL
TRVKYSLTLGDYDGENTFNFIINMANMKMQPGNYKLLLWAKGKQGAAKFEGEHANYVVALEADSTHDF
;
B,D,E
3 'polydeoxyribonucleotide'
;(DA)(DT)(DG)(DA)(DC)(DC)(DA)(DT)(DG)(DA)(DT)(DT)(DA)(DC)(DG)(DA)(DA)(DT)(DT)(DG)
(DC)
;
P
4 'polydeoxyribonucleotide'
;(DC)(DT)(DG)(DC)(DA)(DC)(DG)(DA)(DA)(DT)(DT)(DA)(DA)(DG)(DC)(DA)(DA)(DT)(DT)(DC)
(DG)(DT)(DA)(DA)(DT)(DC)(DA)(DT)(DG)(DG)(DT)(DC)(DA)(DT)(DA)(DG)(DC)(DT)
;
T
#
loop_
_chem_comp.id
_chem_comp.type
_chem_comp.name
_chem_comp.formula
DA DNA linking 2'-DEOXYADENOSINE-5'-MONOPHOSPHATE 'C10 H14 N5 O6 P'
DC DNA linking 2'-DEOXYCYTIDINE-5'-MONOPHOSPHATE 'C9 H14 N3 O7 P'
DG DNA linking 2'-DEOXYGUANOSINE-5'-MONOPHOSPHATE 'C10 H14 N5 O7 P'
DT DNA linking THYMIDINE-5'-MONOPHOSPHATE 'C10 H15 N2 O8 P'
#
# COMPACT_ATOMS: atom_id res chain seq x y z
N MET A 1 -35.89 -25.42 -42.01
CA MET A 1 -34.73 -26.24 -42.35
C MET A 1 -34.10 -25.75 -43.64
N LYS A 2 -32.87 -25.26 -43.54
CA LYS A 2 -32.16 -24.70 -44.68
C LYS A 2 -30.66 -24.83 -44.43
N GLU A 3 -29.87 -24.31 -45.35
CA GLU A 3 -28.43 -24.33 -45.20
C GLU A 3 -27.98 -23.15 -44.34
N PHE A 4 -26.96 -23.39 -43.52
CA PHE A 4 -26.37 -22.34 -42.70
C PHE A 4 -24.92 -22.73 -42.43
N TYR A 5 -24.21 -21.89 -41.68
CA TYR A 5 -22.80 -22.08 -41.41
C TYR A 5 -22.62 -22.59 -39.99
N ILE A 6 -21.60 -23.43 -39.79
CA ILE A 6 -21.24 -23.91 -38.47
C ILE A 6 -19.95 -23.29 -37.98
N SER A 7 -18.98 -23.09 -38.87
CA SER A 7 -17.80 -22.34 -38.48
C SER A 7 -17.11 -21.83 -39.74
N ILE A 8 -16.62 -20.60 -39.65
CA ILE A 8 -15.99 -19.91 -40.77
C ILE A 8 -14.56 -19.58 -40.40
N GLU A 9 -13.62 -19.88 -41.29
CA GLU A 9 -12.24 -19.45 -41.12
C GLU A 9 -11.69 -19.03 -42.47
N THR A 10 -10.57 -18.34 -42.46
CA THR A 10 -9.97 -17.84 -43.68
C THR A 10 -8.47 -18.13 -43.66
N VAL A 11 -8.00 -18.84 -44.69
CA VAL A 11 -6.60 -19.21 -44.81
C VAL A 11 -6.10 -18.72 -46.16
N GLY A 12 -4.98 -18.01 -46.14
CA GLY A 12 -4.45 -17.41 -47.36
C GLY A 12 -5.44 -16.44 -47.98
N ASN A 13 -6.04 -16.83 -49.09
CA ASN A 13 -7.10 -16.06 -49.72
C ASN A 13 -8.36 -16.89 -49.92
N ASN A 14 -8.39 -18.11 -49.38
CA ASN A 14 -9.54 -19.00 -49.48
C ASN A 14 -10.23 -19.07 -48.13
N ILE A 15 -11.56 -18.97 -48.15
CA ILE A 15 -12.34 -18.99 -46.87
C ILE A 15 -13.02 -20.35 -46.73
N VAL A 16 -12.65 -21.12 -45.68
CA VAL A 16 -13.28 -22.45 -45.43
C VAL A 16 -14.60 -22.22 -44.68
N GLU A 17 -15.57 -23.12 -44.87
CA GLU A 17 -16.90 -22.94 -44.22
C GLU A 17 -17.51 -24.28 -43.83
N ARG A 18 -17.32 -24.70 -42.58
CA ARG A 18 -18.02 -25.92 -42.12
C ARG A 18 -19.50 -25.54 -42.08
N TYR A 19 -20.37 -26.30 -42.74
CA TYR A 19 -21.76 -25.87 -42.84
C TYR A 19 -22.66 -27.08 -42.94
N ILE A 20 -23.95 -26.86 -42.69
CA ILE A 20 -24.98 -27.89 -42.84
C ILE A 20 -25.71 -27.65 -44.15
N ASP A 21 -25.67 -28.64 -45.04
CA ASP A 21 -26.35 -28.51 -46.31
C ASP A 21 -27.86 -28.58 -46.13
N GLU A 22 -28.58 -28.26 -47.20
CA GLU A 22 -30.05 -28.32 -47.14
C GLU A 22 -30.53 -29.74 -46.85
N ASN A 23 -29.81 -30.75 -47.35
CA ASN A 23 -30.18 -32.13 -47.02
C ASN A 23 -30.03 -32.40 -45.53
N GLY A 24 -28.95 -31.90 -44.92
CA GLY A 24 -28.74 -32.09 -43.50
C GLY A 24 -27.42 -32.73 -43.16
N LYS A 25 -26.54 -32.86 -44.15
CA LYS A 25 -25.24 -33.48 -43.98
C LYS A 25 -24.16 -32.41 -43.89
N GLU A 26 -23.27 -32.53 -42.92
CA GLU A 26 -22.20 -31.56 -42.78
C GLU A 26 -21.27 -31.60 -43.99
N ARG A 27 -20.93 -30.43 -44.50
CA ARG A 27 -19.99 -30.29 -45.60
C ARG A 27 -18.94 -29.26 -45.22
N THR A 28 -17.78 -29.36 -45.86
CA THR A 28 -16.66 -28.45 -45.61
C THR A 28 -16.33 -27.76 -46.94
N ARG A 29 -17.01 -26.66 -47.22
CA ARG A 29 -16.75 -25.96 -48.46
C ARG A 29 -15.56 -25.01 -48.27
N GLU A 30 -15.03 -24.54 -49.39
CA GLU A 30 -13.91 -23.59 -49.35
C GLU A 30 -13.94 -22.81 -50.65
N VAL A 31 -14.17 -21.50 -50.57
CA VAL A 31 -14.34 -20.70 -51.76
C VAL A 31 -13.33 -19.56 -51.78
N GLU A 32 -13.06 -19.06 -52.98
CA GLU A 32 -12.16 -17.93 -53.18
C GLU A 32 -13.00 -16.66 -53.06
N TYR A 33 -13.06 -16.13 -51.84
CA TYR A 33 -13.86 -14.94 -51.60
C TYR A 33 -13.24 -13.72 -52.26
N LEU A 34 -14.10 -12.87 -52.80
CA LEU A 34 -13.66 -11.58 -53.35
C LEU A 34 -14.10 -10.46 -52.43
N PRO A 35 -13.19 -9.76 -51.76
CA PRO A 35 -13.59 -8.70 -50.85
C PRO A 35 -14.22 -7.53 -51.60
N THR A 36 -15.15 -6.86 -50.92
CA THR A 36 -15.83 -5.68 -51.45
C THR A 36 -15.69 -4.58 -50.42
N MET A 37 -14.93 -3.55 -50.73
CA MET A 37 -14.69 -2.46 -49.79
C MET A 37 -15.22 -1.15 -50.35
N PHE A 38 -14.99 -0.06 -49.62
CA PHE A 38 -15.55 1.23 -49.97
C PHE A 38 -14.53 2.32 -49.71
N ARG A 39 -14.68 3.43 -50.42
CA ARG A 39 -13.72 4.53 -50.31
C ARG A 39 -14.43 5.86 -50.51
N HIS A 40 -13.73 6.92 -50.12
CA HIS A 40 -14.26 8.26 -50.31
C HIS A 40 -14.43 8.55 -51.81
N CYS A 41 -15.45 9.35 -52.13
CA CYS A 41 -15.67 9.75 -53.51
C CYS A 41 -16.39 11.08 -53.56
N LYS A 42 -16.10 11.86 -54.60
CA LYS A 42 -16.74 13.14 -54.82
C LYS A 42 -17.92 13.05 -55.77
N GLU A 43 -18.26 11.86 -56.25
CA GLU A 43 -19.34 11.66 -57.20
C GLU A 43 -20.54 11.04 -56.50
N GLU A 44 -21.73 11.50 -56.89
CA GLU A 44 -22.95 11.01 -56.26
C GLU A 44 -23.17 9.53 -56.56
N SER A 45 -23.61 8.79 -55.55
CA SER A 45 -23.88 7.37 -55.69
C SER A 45 -24.86 6.94 -54.63
N LYS A 46 -25.44 5.76 -54.82
CA LYS A 46 -26.38 5.23 -53.84
C LYS A 46 -25.69 4.79 -52.56
N TYR A 47 -24.38 4.56 -52.61
CA TYR A 47 -23.62 4.16 -51.43
C TYR A 47 -23.08 5.40 -50.73
N LYS A 48 -23.57 5.65 -49.52
CA LYS A 48 -23.25 6.87 -48.79
C LYS A 48 -22.66 6.54 -47.44
N ASP A 49 -21.88 7.47 -46.91
CA ASP A 49 -21.35 7.36 -45.57
C ASP A 49 -22.45 7.67 -44.55
N ILE A 50 -22.16 7.38 -43.28
CA ILE A 50 -23.15 7.63 -42.23
C ILE A 50 -23.43 9.12 -42.10
N TYR A 51 -22.46 9.96 -42.42
CA TYR A 51 -22.66 11.41 -42.40
C TYR A 51 -23.37 11.91 -43.64
N GLY A 52 -23.63 11.04 -44.62
CA GLY A 52 -24.26 11.45 -45.86
C GLY A 52 -23.31 11.72 -47.01
N LYS A 53 -22.01 11.60 -46.79
CA LYS A 53 -21.05 11.82 -47.86
C LYS A 53 -21.15 10.73 -48.91
N ASN A 54 -20.87 11.10 -50.15
CA ASN A 54 -20.90 10.14 -51.24
C ASN A 54 -19.69 9.21 -51.17
N CYS A 55 -19.94 7.92 -51.40
CA CYS A 55 -18.92 6.89 -51.25
C CYS A 55 -18.91 6.00 -52.48
N ALA A 56 -17.72 5.57 -52.90
CA ALA A 56 -17.57 4.73 -54.07
C ALA A 56 -17.20 3.31 -53.66
N PRO A 57 -17.92 2.31 -54.17
CA PRO A 57 -17.59 0.92 -53.87
C PRO A 57 -16.33 0.49 -54.61
N GLN A 58 -15.90 -0.73 -54.29
CA GLN A 58 -14.80 -1.36 -55.01
C GLN A 58 -14.86 -2.86 -54.72
N LYS A 59 -14.56 -3.66 -55.75
CA LYS A 59 -14.49 -5.11 -55.61
C LYS A 59 -13.08 -5.57 -55.97
N PHE A 60 -12.63 -6.62 -55.31
CA PHE A 60 -11.22 -7.02 -55.37
C PHE A 60 -11.09 -8.48 -55.77
N PRO A 61 -9.97 -8.84 -56.38
CA PRO A 61 -9.76 -10.26 -56.74
C PRO A 61 -9.61 -11.16 -55.53
N SER A 62 -8.72 -10.81 -54.60
CA SER A 62 -8.42 -11.67 -53.47
C SER A 62 -8.34 -10.85 -52.19
N MET A 63 -8.43 -11.54 -51.06
CA MET A 63 -8.39 -10.85 -49.77
C MET A 63 -7.05 -10.18 -49.54
N LYS A 64 -5.96 -10.80 -49.99
CA LYS A 64 -4.65 -10.18 -49.84
C LYS A 64 -4.56 -8.87 -50.61
N ASP A 65 -5.24 -8.78 -51.76
CA ASP A 65 -5.28 -7.51 -52.48
C ASP A 65 -5.95 -6.41 -51.66
N ALA A 66 -7.02 -6.75 -50.94
CA ALA A 66 -7.65 -5.78 -50.05
C ALA A 66 -6.74 -5.42 -48.89
N ARG A 67 -6.05 -6.40 -48.31
CA ARG A 67 -5.15 -6.10 -47.21
C ARG A 67 -3.91 -5.33 -47.66
N ASP A 68 -3.63 -5.30 -48.96
CA ASP A 68 -2.61 -4.38 -49.46
C ASP A 68 -3.20 -3.01 -49.77
N TRP A 69 -4.45 -2.98 -50.24
CA TRP A 69 -5.12 -1.72 -50.52
C TRP A 69 -5.28 -0.89 -49.25
N MET A 70 -5.61 -1.55 -48.13
CA MET A 70 -5.74 -0.86 -46.85
C MET A 70 -4.42 -0.19 -46.48
N LYS A 71 -3.32 -0.92 -46.60
CA LYS A 71 -2.02 -0.34 -46.32
C LYS A 71 -1.72 0.81 -47.28
N ARG A 72 -2.21 0.71 -48.52
CA ARG A 72 -2.02 1.81 -49.45
C ARG A 72 -2.76 3.07 -48.98
N MET A 73 -4.05 2.93 -48.67
CA MET A 73 -4.83 4.09 -48.24
C MET A 73 -4.49 4.54 -46.84
N GLU A 74 -3.80 3.71 -46.07
CA GLU A 74 -3.34 4.10 -44.74
C GLU A 74 -1.96 4.72 -44.77
N ASP A 75 -1.42 4.97 -45.96
CA ASP A 75 -0.22 5.76 -46.12
C ASP A 75 -0.49 7.15 -46.70
N ILE A 76 -1.73 7.41 -47.10
CA ILE A 76 -2.18 8.75 -47.46
C ILE A 76 -3.31 9.25 -46.56
N GLY A 77 -3.69 8.47 -45.55
CA GLY A 77 -4.64 8.92 -44.56
C GLY A 77 -6.06 9.13 -45.05
N LEU A 78 -6.57 8.21 -45.85
CA LEU A 78 -7.96 8.25 -46.30
C LEU A 78 -8.72 7.10 -45.66
N GLU A 79 -9.92 7.41 -45.14
CA GLU A 79 -10.71 6.40 -44.46
C GLU A 79 -11.05 5.25 -45.39
N ALA A 80 -10.82 4.02 -44.93
CA ALA A 80 -11.10 2.83 -45.72
C ALA A 80 -12.46 2.30 -45.29
N LEU A 81 -13.50 2.93 -45.80
CA LEU A 81 -14.86 2.57 -45.41
C LEU A 81 -15.19 1.15 -45.86
N GLY A 82 -16.07 0.51 -45.10
CA GLY A 82 -16.51 -0.83 -45.41
C GLY A 82 -15.98 -1.84 -44.40
N MET A 83 -16.70 -2.96 -44.30
CA MET A 83 -16.36 -3.99 -43.34
C MET A 83 -14.98 -4.53 -43.65
N ASN A 84 -14.14 -4.64 -42.63
CA ASN A 84 -12.78 -5.15 -42.80
C ASN A 84 -12.59 -6.53 -42.20
N ASP A 85 -13.64 -7.15 -41.68
CA ASP A 85 -13.61 -8.54 -41.20
C ASP A 85 -14.36 -9.37 -42.22
N PHE A 86 -13.62 -9.95 -43.17
CA PHE A 86 -14.26 -10.72 -44.27
C PHE A 86 -15.23 -11.77 -43.73
N LYS A 87 -14.96 -12.33 -42.56
CA LYS A 87 -15.82 -13.42 -42.03
C LYS A 87 -17.26 -12.89 -41.94
N LEU A 88 -17.44 -11.70 -41.36
CA LEU A 88 -18.80 -11.11 -41.23
C LEU A 88 -19.37 -10.88 -42.62
N ALA A 89 -18.57 -10.30 -43.51
CA ALA A 89 -19.04 -10.00 -44.88
C ALA A 89 -19.52 -11.29 -45.55
N TYR A 90 -18.72 -12.36 -45.43
CA TYR A 90 -19.08 -13.64 -46.11
C TYR A 90 -20.46 -14.10 -45.63
N ILE A 91 -20.67 -14.12 -44.31
CA ILE A 91 -21.96 -14.62 -43.76
C ILE A 91 -23.10 -13.76 -44.34
N SER A 92 -22.92 -12.44 -44.35
CA SER A 92 -23.99 -11.54 -44.83
C SER A 92 -24.32 -11.85 -46.30
N ASP A 93 -23.30 -11.94 -47.16
CA ASP A 93 -23.56 -12.16 -48.61
C ASP A 93 -24.06 -13.59 -48.83
N THR A 94 -23.54 -14.55 -48.07
CA THR A 94 -23.90 -15.98 -48.27
C THR A 94 -25.38 -16.21 -47.91
N TYR A 95 -25.91 -15.48 -46.92
CA TYR A 95 -27.31 -15.77 -46.47
C TYR A 95 -28.21 -14.56 -46.71
N GLY A 96 -27.80 -13.37 -46.27
CA GLY A 96 -28.60 -12.18 -46.49
C GLY A 96 -29.88 -12.15 -45.68
N SER A 97 -30.83 -13.01 -46.06
CA SER A 97 -32.11 -13.05 -45.36
C SER A 97 -31.94 -13.63 -43.96
N GLU A 98 -32.99 -13.49 -43.16
CA GLU A 98 -32.97 -14.08 -41.83
C GLU A 98 -32.76 -15.58 -41.93
N ILE A 99 -31.87 -16.10 -41.09
CA ILE A 99 -31.42 -17.48 -41.20
C ILE A 99 -32.21 -18.34 -40.23
N VAL A 100 -32.86 -19.38 -40.76
CA VAL A 100 -33.56 -20.37 -39.97
C VAL A 100 -32.65 -21.56 -39.78
N TYR A 101 -32.51 -22.02 -38.55
CA TYR A 101 -31.53 -23.02 -38.17
C TYR A 101 -32.24 -24.21 -37.50
N ASP A 102 -31.44 -25.12 -36.97
CA ASP A 102 -31.96 -26.24 -36.19
C ASP A 102 -30.84 -26.73 -35.29
N ARG A 103 -31.00 -26.55 -33.98
CA ARG A 103 -29.97 -26.97 -33.03
C ARG A 103 -29.69 -28.47 -33.11
N LYS A 104 -30.65 -29.25 -33.61
CA LYS A 104 -30.52 -30.70 -33.64
C LYS A 104 -29.31 -31.15 -34.44
N PHE A 105 -28.92 -30.41 -35.47
CA PHE A 105 -27.88 -30.83 -36.39
C PHE A 105 -26.53 -30.17 -36.13
N VAL A 106 -26.37 -29.48 -35.02
CA VAL A 106 -25.09 -28.90 -34.63
C VAL A 106 -24.50 -29.77 -33.52
N ARG A 107 -23.21 -30.03 -33.59
CA ARG A 107 -22.57 -31.02 -32.74
C ARG A 107 -21.84 -30.31 -31.61
N VAL A 108 -22.49 -30.16 -30.47
CA VAL A 108 -21.85 -29.62 -29.29
C VAL A 108 -21.18 -30.76 -28.54
N ALA A 109 -20.07 -30.47 -27.87
CA ALA A 109 -19.32 -31.48 -27.15
C ALA A 109 -19.10 -31.02 -25.71
N ASN A 110 -19.54 -31.83 -24.76
CA ASN A 110 -19.31 -31.60 -23.35
C ASN A 110 -18.23 -32.54 -22.88
N CYS A 111 -17.17 -32.01 -22.29
CA CYS A 111 -16.04 -32.83 -21.88
C CYS A 111 -15.54 -32.38 -20.51
N ASP A 112 -15.26 -33.36 -19.66
CA ASP A 112 -14.57 -33.14 -18.40
C ASP A 112 -13.51 -34.23 -18.25
N ILE A 113 -12.39 -33.89 -17.64
CA ILE A 113 -11.28 -34.82 -17.53
C ILE A 113 -10.79 -34.86 -16.08
N GLU A 114 -10.16 -35.98 -15.74
CA GLU A 114 -9.56 -36.17 -14.43
C GLU A 114 -8.26 -36.92 -14.61
N VAL A 115 -7.15 -36.26 -14.32
CA VAL A 115 -5.83 -36.82 -14.55
C VAL A 115 -5.42 -37.67 -13.36
N THR A 116 -4.53 -38.63 -13.60
CA THR A 116 -3.96 -39.46 -12.54
C THR A 116 -2.81 -38.69 -11.86
N GLY A 117 -3.17 -37.57 -11.26
CA GLY A 117 -2.19 -36.69 -10.66
C GLY A 117 -2.18 -36.73 -9.14
N ASP A 118 -1.09 -37.22 -8.55
CA ASP A 118 -0.94 -37.15 -7.10
C ASP A 118 -0.93 -35.70 -6.64
N LYS A 119 -0.20 -34.85 -7.35
CA LYS A 119 -0.19 -33.41 -7.11
C LYS A 119 -0.82 -32.71 -8.31
N PHE A 120 -1.71 -31.77 -8.04
CA PHE A 120 -2.44 -31.09 -9.10
C PHE A 120 -1.48 -30.32 -10.01
N PRO A 121 -1.46 -30.61 -11.31
CA PRO A 121 -0.49 -29.98 -12.20
C PRO A 121 -1.03 -28.72 -12.87
N ASP A 122 -0.13 -28.06 -13.59
CA ASP A 122 -0.52 -26.94 -14.43
C ASP A 122 -1.19 -27.44 -15.69
N PRO A 123 -2.16 -26.69 -16.22
CA PRO A 123 -2.82 -27.11 -17.47
C PRO A 123 -1.86 -27.23 -18.64
N MET A 124 -0.85 -26.37 -18.73
CA MET A 124 0.12 -26.47 -19.82
C MET A 124 1.37 -27.24 -19.43
N LYS A 125 1.67 -27.34 -18.14
CA LYS A 125 2.80 -28.13 -17.66
C LYS A 125 2.26 -29.50 -17.27
N ALA A 126 2.37 -30.45 -18.18
CA ALA A 126 1.82 -31.79 -17.99
C ALA A 126 2.88 -32.71 -17.41
N GLU A 127 2.57 -33.32 -16.26
CA GLU A 127 3.49 -34.26 -15.63
C GLU A 127 2.78 -35.51 -15.12
N TYR A 128 1.49 -35.67 -15.37
CA TYR A 128 0.73 -36.79 -14.86
C TYR A 128 -0.14 -37.35 -15.99
N GLU A 129 -0.36 -38.66 -15.95
CA GLU A 129 -0.97 -39.35 -17.08
C GLU A 129 -2.48 -39.16 -17.10
N ILE A 130 -3.00 -38.83 -18.28
CA ILE A 130 -4.43 -38.66 -18.47
C ILE A 130 -5.12 -40.01 -18.54
N ASP A 131 -6.24 -40.13 -17.83
CA ASP A 131 -6.99 -41.37 -17.78
C ASP A 131 -8.47 -41.22 -18.09
N ALA A 132 -9.01 -40.00 -18.09
CA ALA A 132 -10.44 -39.77 -18.24
C ALA A 132 -10.77 -39.40 -19.68
N ILE A 133 -11.71 -40.14 -20.27
CA ILE A 133 -12.16 -39.82 -21.65
C ILE A 133 -13.66 -39.48 -21.56
N THR A 134 -14.05 -38.26 -21.93
CA THR A 134 -15.49 -37.90 -21.94
C THR A 134 -15.76 -36.92 -23.09
N HIS A 135 -16.80 -37.17 -23.88
CA HIS A 135 -17.11 -36.30 -25.04
C HIS A 135 -18.60 -36.43 -25.38
N TYR A 136 -19.48 -35.97 -24.49
CA TYR A 136 -20.94 -36.15 -24.74
C TYR A 136 -21.31 -35.44 -26.04
N ASP A 137 -22.26 -36.01 -26.79
CA ASP A 137 -22.61 -35.43 -28.12
C ASP A 137 -24.07 -34.97 -28.11
N SER A 138 -24.44 -34.05 -29.01
CA SER A 138 -25.81 -33.60 -29.14
C SER A 138 -26.58 -34.33 -30.23
N ILE A 139 -25.98 -34.44 -31.43
CA ILE A 139 -26.65 -35.14 -32.51
C ILE A 139 -26.54 -36.65 -32.33
N ASP A 140 -25.63 -37.11 -31.48
CA ASP A 140 -25.48 -38.53 -31.19
C ASP A 140 -25.95 -38.92 -29.81
N ASP A 141 -26.06 -37.95 -28.90
CA ASP A 141 -26.52 -38.14 -27.51
C ASP A 141 -25.98 -39.43 -26.91
N ARG A 142 -24.65 -39.51 -26.88
CA ARG A 142 -24.00 -40.73 -26.41
C ARG A 142 -22.66 -40.38 -25.78
N PHE A 143 -22.43 -40.90 -24.58
CA PHE A 143 -21.16 -40.69 -23.90
C PHE A 143 -20.04 -41.42 -24.62
N TYR A 144 -18.82 -41.19 -24.16
CA TYR A 144 -17.66 -41.92 -24.69
C TYR A 144 -16.64 -42.04 -23.55
N VAL A 145 -16.68 -43.19 -22.86
CA VAL A 145 -15.76 -43.47 -21.76
C VAL A 145 -15.11 -44.81 -22.09
N PHE A 146 -13.95 -44.77 -22.73
CA PHE A 146 -13.19 -45.97 -23.03
C PHE A 146 -12.16 -46.14 -21.92
N ASP A 147 -12.37 -47.14 -21.07
CA ASP A 147 -11.55 -47.28 -19.87
C ASP A 147 -10.12 -47.65 -20.23
N LEU A 148 -9.18 -46.99 -19.58
CA LEU A 148 -7.76 -47.30 -19.71
C LEU A 148 -7.51 -48.60 -18.96
N LEU A 149 -7.50 -49.72 -19.68
CA LEU A 149 -7.44 -51.03 -19.03
C LEU A 149 -6.16 -51.18 -18.22
N ASN A 150 -5.01 -50.94 -18.85
CA ASN A 150 -3.74 -50.92 -18.14
C ASN A 150 -2.91 -49.75 -18.62
N SER A 151 -2.12 -49.18 -17.72
CA SER A 151 -1.38 -47.96 -17.99
C SER A 151 0.04 -48.12 -17.44
N MET A 152 0.86 -47.09 -17.69
CA MET A 152 2.20 -47.04 -17.11
C MET A 152 2.18 -46.78 -15.62
N TYR A 153 1.03 -46.41 -15.05
CA TYR A 153 0.88 -46.17 -13.63
C TYR A 153 -0.08 -47.18 -13.00
N GLY A 154 0.05 -48.44 -13.40
CA GLY A 154 -0.76 -49.51 -12.85
C GLY A 154 -1.87 -49.94 -13.80
N SER A 155 -2.42 -51.11 -13.49
CA SER A 155 -3.51 -51.70 -14.24
C SER A 155 -4.77 -51.77 -13.38
N VAL A 156 -5.92 -51.62 -14.02
CA VAL A 156 -7.21 -51.55 -13.33
C VAL A 156 -8.17 -52.54 -13.97
N SER A 157 -9.21 -52.89 -13.21
CA SER A 157 -10.23 -53.80 -13.69
C SER A 157 -11.13 -53.13 -14.72
N LYS A 158 -11.92 -53.94 -15.40
CA LYS A 158 -12.85 -53.42 -16.40
C LYS A 158 -13.99 -52.66 -15.74
N TRP A 159 -14.43 -51.59 -16.38
CA TRP A 159 -15.59 -50.83 -15.96
C TRP A 159 -16.83 -51.47 -16.56
N ASP A 160 -17.68 -52.04 -15.70
CA ASP A 160 -18.95 -52.61 -16.14
C ASP A 160 -20.08 -51.76 -15.60
N ALA A 161 -20.98 -51.34 -16.49
CA ALA A 161 -22.07 -50.45 -16.10
C ALA A 161 -23.11 -51.16 -15.24
N LYS A 162 -23.37 -52.43 -15.50
CA LYS A 162 -24.47 -53.12 -14.83
C LYS A 162 -24.26 -53.18 -13.31
N LEU A 163 -23.01 -53.44 -12.91
CA LEU A 163 -22.70 -53.49 -11.44
C LEU A 163 -22.62 -52.08 -10.88
N ALA A 164 -22.21 -51.10 -11.68
CA ALA A 164 -22.01 -49.72 -11.16
C ALA A 164 -23.29 -48.89 -11.22
N ALA A 165 -24.38 -49.47 -11.75
CA ALA A 165 -25.63 -48.70 -11.92
C ALA A 165 -26.45 -48.67 -10.61
N LYS A 166 -26.05 -49.47 -9.62
CA LYS A 166 -26.86 -49.57 -8.37
C LYS A 166 -26.36 -48.57 -7.32
N LEU A 167 -26.70 -48.79 -6.05
CA LEU A 167 -26.22 -47.91 -4.96
C LEU A 167 -24.87 -48.43 -4.46
N ASP A 168 -24.12 -47.60 -3.73
CA ASP A 168 -22.78 -48.02 -3.30
C ASP A 168 -22.81 -49.37 -2.61
N CYS A 169 -23.74 -49.59 -1.68
CA CYS A 169 -23.79 -50.85 -0.95
C CYS A 169 -24.06 -52.03 -1.88
N GLU A 170 -24.98 -51.85 -2.83
CA GLU A 170 -25.32 -52.91 -3.77
C GLU A 170 -24.22 -53.20 -4.78
N GLY A 171 -23.15 -52.40 -4.79
CA GLY A 171 -22.09 -52.53 -5.77
C GLY A 171 -22.06 -51.42 -6.79
N GLY A 172 -23.09 -50.58 -6.85
CA GLY A 172 -23.15 -49.49 -7.80
C GLY A 172 -22.46 -48.25 -7.28
N ASP A 173 -22.65 -47.16 -8.02
CA ASP A 173 -22.03 -45.89 -7.70
C ASP A 173 -23.00 -44.74 -7.87
N GLU A 174 -24.24 -44.94 -7.38
CA GLU A 174 -25.26 -43.89 -7.23
C GLU A 174 -25.45 -43.05 -8.50
N VAL A 175 -25.14 -43.62 -9.65
CA VAL A 175 -25.31 -42.92 -10.92
C VAL A 175 -26.56 -43.42 -11.64
N PRO A 176 -27.36 -42.55 -12.22
CA PRO A 176 -28.66 -42.98 -12.79
C PRO A 176 -28.50 -43.95 -13.95
N GLN A 177 -29.44 -44.90 -14.02
CA GLN A 177 -29.40 -45.92 -15.07
C GLN A 177 -29.65 -45.33 -16.44
N GLU A 178 -30.58 -44.39 -16.55
CA GLU A 178 -30.99 -43.89 -17.86
C GLU A 178 -29.86 -43.15 -18.57
N ILE A 179 -28.78 -42.83 -17.86
CA ILE A 179 -27.60 -42.25 -18.50
C ILE A 179 -26.47 -43.25 -18.66
N LEU A 180 -26.51 -44.38 -17.95
CA LEU A 180 -25.44 -45.37 -18.09
C LEU A 180 -25.47 -46.08 -19.42
N ASP A 181 -26.66 -46.34 -19.97
CA ASP A 181 -26.75 -46.97 -21.28
C ASP A 181 -26.09 -46.12 -22.35
N ARG A 182 -26.06 -44.80 -22.16
CA ARG A 182 -25.37 -43.92 -23.10
C ARG A 182 -23.88 -44.22 -23.13
N VAL A 183 -23.30 -44.53 -21.97
CA VAL A 183 -21.85 -44.72 -21.87
C VAL A 183 -21.42 -45.90 -22.73
N ILE A 184 -20.27 -45.73 -23.41
CA ILE A 184 -19.65 -46.79 -24.17
C ILE A 184 -18.35 -47.14 -23.44
N TYR A 185 -17.63 -48.16 -23.93
CA TYR A 185 -16.35 -48.52 -23.35
C TYR A 185 -15.64 -49.49 -24.28
N MET A 186 -14.31 -49.35 -24.36
CA MET A 186 -13.44 -50.37 -24.94
C MET A 186 -12.11 -50.31 -24.20
N PRO A 187 -11.40 -51.43 -24.10
CA PRO A 187 -10.18 -51.48 -23.29
C PRO A 187 -9.01 -50.81 -23.99
N PHE A 188 -7.86 -50.80 -23.30
CA PHE A 188 -6.65 -50.17 -23.80
C PHE A 188 -5.43 -50.96 -23.36
N ASP A 189 -4.40 -50.97 -24.24
CA ASP A 189 -3.13 -51.61 -23.89
C ASP A 189 -2.18 -50.63 -23.22
N ASN A 190 -2.29 -49.35 -23.54
CA ASN A 190 -1.45 -48.31 -22.96
C ASN A 190 -2.19 -46.97 -23.10
N GLU A 191 -1.47 -45.87 -22.91
CA GLU A 191 -2.04 -44.56 -23.17
C GLU A 191 -1.84 -44.11 -24.61
N ARG A 192 -0.90 -44.72 -25.34
CA ARG A 192 -0.67 -44.32 -26.73
C ARG A 192 -1.88 -44.62 -27.60
N ASP A 193 -2.42 -45.84 -27.51
CA ASP A 193 -3.62 -46.16 -28.28
C ASP A 193 -4.82 -45.38 -27.79
N MET A 194 -4.85 -45.04 -26.49
CA MET A 194 -5.91 -44.20 -25.96
C MET A 194 -5.88 -42.82 -26.61
N LEU A 195 -4.70 -42.21 -26.69
CA LEU A 195 -4.58 -40.93 -27.38
C LEU A 195 -4.91 -41.07 -28.86
N MET A 196 -4.47 -42.16 -29.49
CA MET A 196 -4.75 -42.38 -30.90
C MET A 196 -6.24 -42.43 -31.17
N GLU A 197 -6.97 -43.25 -30.42
CA GLU A 197 -8.40 -43.35 -30.60
C GLU A 197 -9.13 -42.09 -30.18
N TYR A 198 -8.58 -41.34 -29.22
CA TYR A 198 -9.18 -40.07 -28.86
C TYR A 198 -9.11 -39.07 -30.00
N ILE A 199 -7.93 -38.94 -30.61
CA ILE A 199 -7.78 -38.07 -31.76
C ILE A 199 -8.65 -38.57 -32.91
N ASN A 200 -8.75 -39.88 -33.07
CA ASN A 200 -9.67 -40.43 -34.07
C ASN A 200 -11.10 -39.97 -33.81
N LEU A 201 -11.58 -40.16 -32.57
CA LEU A 201 -12.90 -39.70 -32.18
C LEU A 201 -13.10 -38.23 -32.52
N TRP A 202 -12.05 -37.43 -32.31
CA TRP A 202 -12.10 -36.04 -32.71
C TRP A 202 -12.29 -35.93 -34.22
N GLU A 203 -11.63 -36.81 -34.99
CA GLU A 203 -11.72 -36.74 -36.45
C GLU A 203 -13.12 -37.10 -36.94
N GLN A 204 -13.56 -38.34 -36.67
CA GLN A 204 -14.84 -38.78 -37.20
C GLN A 204 -16.01 -38.09 -36.50
N LYS A 205 -15.89 -37.87 -35.19
CA LYS A 205 -16.93 -37.16 -34.44
C LYS A 205 -16.40 -35.75 -34.18
N ARG A 206 -16.59 -34.89 -35.18
CA ARG A 206 -16.06 -33.53 -35.13
C ARG A 206 -17.12 -32.59 -34.58
N PRO A 207 -16.97 -32.07 -33.37
CA PRO A 207 -18.01 -31.23 -32.79
C PRO A 207 -18.00 -29.81 -33.36
N ALA A 208 -19.14 -29.15 -33.20
CA ALA A 208 -19.28 -27.75 -33.58
C ALA A 208 -18.74 -26.82 -32.49
N ILE A 209 -19.30 -26.93 -31.29
CA ILE A 209 -18.90 -26.10 -30.15
C ILE A 209 -18.37 -27.04 -29.08
N PHE A 210 -17.13 -26.81 -28.65
CA PHE A 210 -16.51 -27.63 -27.61
C PHE A 210 -16.63 -26.89 -26.29
N THR A 211 -17.51 -27.38 -25.41
CA THR A 211 -17.81 -26.72 -24.15
C THR A 211 -17.64 -27.71 -23.01
N GLY A 212 -17.87 -27.22 -21.80
CA GLY A 212 -17.66 -27.97 -20.58
C GLY A 212 -17.22 -27.04 -19.48
N TRP A 213 -17.46 -27.46 -18.24
CA TRP A 213 -17.18 -26.58 -17.11
C TRP A 213 -15.68 -26.33 -17.02
N ASN A 214 -15.28 -25.07 -17.22
CA ASN A 214 -13.87 -24.68 -17.19
C ASN A 214 -13.06 -25.50 -18.18
N ILE A 215 -13.65 -25.79 -19.35
CA ILE A 215 -12.96 -26.64 -20.36
C ILE A 215 -11.72 -25.92 -20.88
N GLU A 216 -11.82 -24.61 -21.15
CA GLU A 216 -10.68 -23.85 -21.75
C GLU A 216 -9.56 -23.68 -20.72
N GLY A 217 -9.86 -23.81 -19.43
CA GLY A 217 -8.83 -23.57 -18.40
C GLY A 217 -8.20 -24.85 -17.90
N PHE A 218 -8.76 -26.02 -18.24
CA PHE A 218 -8.25 -27.29 -17.69
C PHE A 218 -8.09 -28.34 -18.79
N ALA A 219 -9.18 -28.97 -19.22
CA ALA A 219 -9.09 -30.07 -20.20
C ALA A 219 -8.36 -29.62 -21.47
N VAL A 220 -8.89 -28.63 -22.19
CA VAL A 220 -8.27 -28.24 -23.49
C VAL A 220 -6.75 -28.11 -23.31
N PRO A 221 -6.21 -27.23 -22.45
CA PRO A 221 -4.76 -27.05 -22.35
C PRO A 221 -4.07 -28.38 -22.00
N TYR A 222 -4.57 -29.08 -20.98
CA TYR A 222 -3.92 -30.33 -20.53
C TYR A 222 -3.95 -31.37 -21.66
N ILE A 223 -5.13 -31.57 -22.27
CA ILE A 223 -5.26 -32.62 -23.32
C ILE A 223 -4.29 -32.30 -24.45
N MET A 224 -4.29 -31.07 -24.96
CA MET A 224 -3.46 -30.74 -26.14
C MET A 224 -1.98 -30.79 -25.76
N ASN A 225 -1.63 -30.33 -24.55
CA ASN A 225 -0.22 -30.27 -24.20
C ASN A 225 0.37 -31.64 -23.93
N ARG A 226 -0.42 -32.57 -23.38
CA ARG A 226 0.06 -33.94 -23.30
C ARG A 226 0.28 -34.52 -24.69
N VAL A 227 -0.63 -34.25 -25.63
CA VAL A 227 -0.42 -34.73 -26.99
C VAL A 227 0.84 -34.11 -27.58
N LYS A 228 1.09 -32.83 -27.30
CA LYS A 228 2.27 -32.16 -27.83
C LYS A 228 3.55 -32.76 -27.26
N MET A 229 3.58 -32.96 -25.94
CA MET A 229 4.80 -33.48 -25.28
C MET A 229 5.07 -34.91 -25.74
N ILE A 230 4.03 -35.68 -26.05
CA ILE A 230 4.23 -37.11 -26.42
C ILE A 230 4.28 -37.27 -27.94
N LEU A 231 3.17 -36.99 -28.63
CA LEU A 231 3.11 -37.22 -30.10
C LEU A 231 3.95 -36.19 -30.85
N GLY A 232 3.83 -34.90 -30.51
CA GLY A 232 4.55 -33.84 -31.25
C GLY A 232 3.59 -32.98 -32.05
N GLU A 233 4.05 -32.33 -33.11
CA GLU A 233 3.13 -31.55 -33.99
C GLU A 233 2.21 -32.53 -34.72
N ARG A 234 2.62 -33.80 -34.81
CA ARG A 234 1.79 -34.82 -35.50
C ARG A 234 0.56 -35.14 -34.65
N SER A 235 -0.60 -35.37 -35.30
CA SER A 235 -1.85 -35.75 -34.58
C SER A 235 -2.38 -34.57 -33.75
N MET A 236 -1.48 -33.79 -33.13
CA MET A 236 -1.92 -32.60 -32.34
C MET A 236 -2.72 -31.67 -33.25
N LYS A 237 -2.28 -31.52 -34.51
CA LYS A 237 -2.98 -30.62 -35.47
C LYS A 237 -4.34 -31.22 -35.84
N ARG A 238 -4.43 -32.54 -35.97
CA ARG A 238 -5.69 -33.19 -36.41
C ARG A 238 -6.88 -32.60 -35.66
N PHE A 239 -6.66 -32.09 -34.44
CA PHE A 239 -7.76 -31.47 -33.65
C PHE A 239 -8.53 -30.46 -34.51
N SER A 240 -7.85 -29.77 -35.43
CA SER A 240 -8.51 -28.81 -36.30
C SER A 240 -8.72 -29.41 -37.69
N PRO A 241 -9.90 -29.23 -38.27
CA PRO A 241 -10.18 -29.81 -39.59
C PRO A 241 -9.32 -29.25 -40.71
N ILE A 242 -8.71 -28.08 -40.52
CA ILE A 242 -7.92 -27.45 -41.58
C ILE A 242 -6.44 -27.43 -41.29
N GLY A 243 -6.01 -27.79 -40.08
CA GLY A 243 -4.61 -27.83 -39.74
C GLY A 243 -4.02 -26.51 -39.30
N ARG A 244 -4.78 -25.42 -39.37
CA ARG A 244 -4.31 -24.12 -38.92
C ARG A 244 -4.34 -23.98 -37.41
N VAL A 245 -4.55 -25.08 -36.69
CA VAL A 245 -4.55 -25.09 -35.23
C VAL A 245 -3.24 -24.49 -34.74
N LYS A 246 -3.33 -23.36 -34.05
CA LYS A 246 -2.21 -22.45 -33.89
C LYS A 246 -1.86 -22.26 -32.42
N SER A 247 -0.59 -22.42 -32.09
CA SER A 247 -0.11 -22.23 -30.73
C SER A 247 -0.41 -20.82 -30.26
N LYS A 248 -1.35 -20.70 -29.32
CA LYS A 248 -1.76 -19.41 -28.78
C LYS A 248 -1.64 -19.44 -27.27
N LEU A 249 -0.99 -18.43 -26.70
CA LEU A 249 -0.82 -18.28 -25.27
C LEU A 249 -1.22 -16.87 -24.87
N ILE A 250 -1.73 -16.73 -23.65
CA ILE A 250 -2.15 -15.43 -23.13
C ILE A 250 -1.56 -15.28 -21.74
N GLN A 251 -0.48 -14.51 -21.63
CA GLN A 251 0.07 -14.18 -20.32
C GLN A 251 -0.92 -13.32 -19.55
N ASN A 252 -1.07 -13.62 -18.27
CA ASN A 252 -2.07 -12.99 -17.42
C ASN A 252 -1.43 -12.59 -16.11
N MET A 253 -2.12 -11.73 -15.36
CA MET A 253 -1.65 -11.37 -14.02
C MET A 253 -1.58 -12.59 -13.11
N TYR A 254 -2.37 -13.62 -13.40
CA TYR A 254 -2.33 -14.85 -12.63
C TYR A 254 -1.20 -15.78 -13.05
N GLY A 255 -0.52 -15.48 -14.16
CA GLY A 255 0.59 -16.29 -14.60
C GLY A 255 0.63 -16.55 -16.09
N SER A 256 0.79 -17.81 -16.48
CA SER A 256 0.85 -18.20 -17.88
C SER A 256 -0.21 -19.25 -18.16
N LYS A 257 -1.28 -18.84 -18.85
CA LYS A 257 -2.27 -19.77 -19.38
C LYS A 257 -2.14 -19.78 -20.90
N GLU A 258 -2.05 -20.99 -21.45
CA GLU A 258 -1.95 -21.15 -22.89
C GLU A 258 -3.38 -21.29 -23.44
N ILE A 259 -4.12 -20.18 -23.36
CA ILE A 259 -5.47 -20.11 -23.91
C ILE A 259 -5.38 -20.43 -25.40
N TYR A 260 -6.00 -21.53 -25.81
CA TYR A 260 -5.79 -22.08 -27.14
C TYR A 260 -7.08 -22.02 -27.95
N SER A 261 -6.95 -21.72 -29.23
CA SER A 261 -8.05 -21.68 -30.17
C SER A 261 -7.82 -22.77 -31.20
N ILE A 262 -8.77 -23.69 -31.32
CA ILE A 262 -8.72 -24.72 -32.35
C ILE A 262 -9.46 -24.20 -33.57
N ASP A 263 -8.73 -23.93 -34.64
CA ASP A 263 -9.35 -23.37 -35.83
C ASP A 263 -10.37 -24.35 -36.41
N GLY A 264 -11.45 -23.79 -36.93
CA GLY A 264 -12.51 -24.62 -37.46
C GLY A 264 -13.48 -25.17 -36.44
N VAL A 265 -13.38 -24.75 -35.19
CA VAL A 265 -14.31 -25.19 -34.15
C VAL A 265 -14.27 -24.17 -33.02
N SER A 266 -15.45 -23.73 -32.59
CA SER A 266 -15.56 -22.64 -31.64
C SER A 266 -15.43 -23.21 -30.23
N ILE A 267 -14.35 -22.86 -29.55
CA ILE A 267 -14.05 -23.41 -28.22
C ILE A 267 -14.68 -22.48 -27.20
N LEU A 268 -15.97 -22.65 -26.96
CA LEU A 268 -16.73 -21.79 -26.05
C LEU A 268 -16.80 -22.46 -24.68
N ASP A 269 -16.15 -21.86 -23.70
CA ASP A 269 -16.21 -22.37 -22.35
C ASP A 269 -17.62 -22.25 -21.79
N TYR A 270 -17.97 -23.15 -20.86
CA TYR A 270 -19.25 -23.04 -20.16
C TYR A 270 -19.15 -22.27 -18.86
N LEU A 271 -17.98 -22.27 -18.22
CA LEU A 271 -17.82 -21.46 -17.02
C LEU A 271 -18.06 -19.99 -17.31
N ASP A 272 -17.47 -19.48 -18.39
CA ASP A 272 -17.70 -18.09 -18.76
C ASP A 272 -19.13 -17.86 -19.23
N LEU A 273 -19.73 -18.85 -19.89
CA LEU A 273 -21.14 -18.70 -20.26
C LEU A 273 -22.00 -18.49 -19.03
N TYR A 274 -21.78 -19.28 -17.98
CA TYR A 274 -22.56 -19.06 -16.76
C TYR A 274 -22.17 -17.75 -16.08
N LYS A 275 -20.89 -17.40 -16.11
CA LYS A 275 -20.44 -16.17 -15.49
C LYS A 275 -20.98 -14.94 -16.20
N LYS A 276 -21.46 -15.09 -17.43
CA LYS A 276 -21.86 -13.96 -18.25
C LYS A 276 -23.36 -13.86 -18.49
N PHE A 277 -24.06 -14.97 -18.67
CA PHE A 277 -25.45 -14.94 -19.12
C PHE A 277 -26.43 -15.39 -18.05
N ALA A 278 -26.06 -15.33 -16.78
CA ALA A 278 -26.96 -15.79 -15.73
C ALA A 278 -27.30 -14.72 -14.71
N PHE A 279 -26.38 -13.79 -14.43
CA PHE A 279 -26.57 -12.75 -13.41
C PHE A 279 -26.83 -13.34 -12.03
N THR A 280 -26.39 -14.57 -11.80
CA THR A 280 -26.56 -15.25 -10.51
C THR A 280 -25.25 -15.22 -9.76
N ASN A 281 -25.32 -14.83 -8.48
CA ASN A 281 -24.15 -14.64 -7.64
C ASN A 281 -24.15 -15.71 -6.56
N LEU A 282 -23.38 -16.77 -6.78
CA LEU A 282 -23.10 -17.75 -5.76
C LEU A 282 -21.61 -17.69 -5.43
N PRO A 283 -21.23 -17.66 -4.15
CA PRO A 283 -19.81 -17.45 -3.81
C PRO A 283 -18.88 -18.49 -4.41
N SER A 284 -19.31 -19.74 -4.47
CA SER A 284 -18.50 -20.84 -4.98
C SER A 284 -18.89 -21.11 -6.42
N PHE A 285 -18.08 -20.64 -7.36
CA PHE A 285 -18.34 -20.90 -8.77
C PHE A 285 -17.79 -22.23 -9.24
N SER A 286 -17.51 -23.14 -8.31
CA SER A 286 -17.18 -24.50 -8.67
C SER A 286 -18.42 -25.22 -9.20
N LEU A 287 -18.18 -26.27 -9.98
CA LEU A 287 -19.27 -26.91 -10.70
C LEU A 287 -20.32 -27.50 -9.76
N GLU A 288 -19.89 -28.17 -8.70
CA GLU A 288 -20.86 -28.84 -7.84
C GLU A 288 -21.73 -27.83 -7.10
N SER A 289 -21.18 -26.66 -6.76
CA SER A 289 -21.98 -25.64 -6.08
C SER A 289 -23.12 -25.17 -6.96
N VAL A 290 -22.82 -24.79 -8.21
CA VAL A 290 -23.88 -24.33 -9.10
C VAL A 290 -24.80 -25.48 -9.46
N ALA A 291 -24.30 -26.71 -9.50
CA ALA A 291 -25.17 -27.86 -9.74
C ALA A 291 -26.21 -28.00 -8.64
N GLN A 292 -25.75 -28.01 -7.39
CA GLN A 292 -26.67 -28.04 -6.26
C GLN A 292 -27.60 -26.83 -6.29
N HIS A 293 -27.13 -25.70 -6.82
CA HIS A 293 -27.99 -24.55 -7.00
C HIS A 293 -29.11 -24.83 -8.00
N GLU A 294 -28.80 -25.52 -9.09
CA GLU A 294 -29.74 -25.70 -10.18
C GLU A 294 -30.38 -27.09 -10.19
N THR A 295 -29.56 -28.15 -10.22
CA THR A 295 -30.08 -29.50 -10.31
C THR A 295 -30.16 -30.22 -8.96
N LYS A 296 -29.54 -29.66 -7.91
CA LYS A 296 -29.63 -30.16 -6.54
C LYS A 296 -29.06 -31.57 -6.37
N LYS A 297 -28.48 -32.15 -7.42
CA LYS A 297 -27.99 -33.53 -7.36
C LYS A 297 -26.52 -33.53 -6.96
N GLY A 298 -26.30 -33.29 -5.67
CA GLY A 298 -24.94 -33.32 -5.14
C GLY A 298 -24.37 -34.71 -5.14
N LYS A 299 -23.05 -34.79 -5.26
CA LYS A 299 -22.36 -36.06 -5.28
C LYS A 299 -22.23 -36.61 -3.86
N LEU A 300 -21.59 -37.78 -3.75
CA LEU A 300 -21.30 -38.35 -2.44
C LEU A 300 -20.03 -37.71 -1.89
N PRO A 301 -20.08 -37.04 -0.75
CA PRO A 301 -18.91 -36.30 -0.22
C PRO A 301 -17.89 -37.17 0.52
N TYR A 302 -17.01 -37.80 -0.23
CA TYR A 302 -15.87 -38.51 0.32
C TYR A 302 -14.59 -37.77 -0.05
N ASP A 303 -13.71 -37.57 0.93
CA ASP A 303 -12.53 -36.74 0.77
C ASP A 303 -11.30 -37.61 0.57
N GLY A 304 -10.13 -36.97 0.55
CA GLY A 304 -8.88 -37.67 0.37
C GLY A 304 -8.41 -37.66 -1.07
N PRO A 305 -7.10 -37.79 -1.28
CA PRO A 305 -6.59 -37.90 -2.64
C PRO A 305 -7.15 -39.12 -3.35
N ILE A 306 -7.37 -38.98 -4.65
CA ILE A 306 -8.05 -39.98 -5.45
C ILE A 306 -7.06 -40.87 -6.21
N ASN A 307 -5.77 -40.81 -5.87
CA ASN A 307 -4.80 -41.67 -6.54
C ASN A 307 -5.10 -43.13 -6.27
N LYS A 308 -5.41 -43.48 -5.02
CA LYS A 308 -5.81 -44.85 -4.72
C LYS A 308 -7.15 -45.19 -5.36
N LEU A 309 -7.99 -44.19 -5.60
CA LEU A 309 -9.26 -44.43 -6.27
C LEU A 309 -9.08 -44.82 -7.73
N ARG A 310 -7.96 -44.43 -8.34
CA ARG A 310 -7.74 -44.77 -9.75
C ARG A 310 -7.62 -46.28 -9.93
N GLU A 311 -6.89 -46.96 -9.04
CA GLU A 311 -6.70 -48.41 -9.13
C GLU A 311 -7.79 -49.15 -8.36
N THR A 312 -7.89 -48.88 -7.07
CA THR A 312 -8.92 -49.48 -6.22
C THR A 312 -10.15 -48.60 -6.21
N ASN A 313 -11.33 -49.22 -6.27
CA ASN A 313 -12.59 -48.49 -6.33
C ASN A 313 -12.62 -47.54 -7.53
N HIS A 314 -12.05 -47.98 -8.65
CA HIS A 314 -12.07 -47.19 -9.88
C HIS A 314 -13.48 -47.02 -10.42
N GLN A 315 -14.42 -47.89 -10.04
CA GLN A 315 -15.80 -47.72 -10.48
C GLN A 315 -16.37 -46.40 -9.99
N ARG A 316 -16.18 -46.10 -8.71
CA ARG A 316 -16.60 -44.81 -8.18
C ARG A 316 -15.84 -43.66 -8.84
N TYR A 317 -14.57 -43.88 -9.16
CA TYR A 317 -13.76 -42.85 -9.83
C TYR A 317 -14.36 -42.48 -11.18
N ILE A 318 -14.70 -43.48 -11.99
CA ILE A 318 -15.30 -43.22 -13.29
C ILE A 318 -16.69 -42.64 -13.14
N SER A 319 -17.45 -43.11 -12.15
CA SER A 319 -18.78 -42.54 -11.92
C SER A 319 -18.68 -41.07 -11.54
N TYR A 320 -17.60 -40.68 -10.87
CA TYR A 320 -17.40 -39.26 -10.56
C TYR A 320 -17.33 -38.44 -11.83
N ASN A 321 -16.54 -38.90 -12.82
CA ASN A 321 -16.44 -38.17 -14.08
C ASN A 321 -17.76 -38.19 -14.84
N ILE A 322 -18.47 -39.32 -14.79
CA ILE A 322 -19.75 -39.42 -15.49
C ILE A 322 -20.73 -38.40 -14.95
N ILE A 323 -20.86 -38.34 -13.62
CA ILE A 323 -21.76 -37.35 -13.03
C ILE A 323 -21.22 -35.94 -13.21
N ASP A 324 -19.89 -35.80 -13.33
CA ASP A 324 -19.29 -34.50 -13.59
C ASP A 324 -19.78 -33.93 -14.91
N VAL A 325 -19.79 -34.75 -15.96
CA VAL A 325 -20.27 -34.30 -17.26
C VAL A 325 -21.79 -34.13 -17.23
N GLU A 326 -22.49 -35.06 -16.57
CA GLU A 326 -23.95 -34.97 -16.53
C GLU A 326 -24.40 -33.70 -15.81
N SER A 327 -23.61 -33.20 -14.88
CA SER A 327 -23.96 -31.96 -14.20
C SER A 327 -24.00 -30.79 -15.18
N VAL A 328 -22.98 -30.67 -16.03
CA VAL A 328 -22.96 -29.60 -17.01
C VAL A 328 -24.10 -29.77 -18.00
N GLN A 329 -24.36 -31.01 -18.41
CA GLN A 329 -25.47 -31.23 -19.34
C GLN A 329 -26.80 -30.83 -18.72
N ALA A 330 -27.00 -31.14 -17.44
CA ALA A 330 -28.22 -30.71 -16.77
C ALA A 330 -28.30 -29.19 -16.65
N ILE A 331 -27.17 -28.54 -16.40
CA ILE A 331 -27.14 -27.08 -16.39
C ILE A 331 -27.61 -26.55 -17.73
N ASP A 332 -27.18 -27.18 -18.82
CA ASP A 332 -27.66 -26.79 -20.13
C ASP A 332 -29.16 -27.00 -20.26
N LYS A 333 -29.65 -28.15 -19.78
CA LYS A 333 -31.08 -28.43 -19.90
C LYS A 333 -31.91 -27.40 -19.13
N ILE A 334 -31.38 -26.86 -18.04
CA ILE A 334 -32.16 -25.92 -17.24
C ILE A 334 -31.99 -24.48 -17.71
N ARG A 335 -30.87 -24.14 -18.35
CA ARG A 335 -30.67 -22.76 -18.78
C ARG A 335 -30.71 -22.61 -20.29
N GLY A 336 -30.25 -23.62 -21.02
CA GLY A 336 -30.22 -23.56 -22.47
C GLY A 336 -29.27 -22.50 -23.02
N PHE A 337 -28.05 -22.46 -22.48
CA PHE A 337 -27.13 -21.41 -22.88
C PHE A 337 -26.61 -21.58 -24.30
N ILE A 338 -26.21 -22.79 -24.67
CA ILE A 338 -25.72 -22.98 -26.03
C ILE A 338 -26.84 -22.73 -27.03
N ASP A 339 -28.08 -23.03 -26.64
CA ASP A 339 -29.21 -22.62 -27.48
C ASP A 339 -29.21 -21.12 -27.68
N LEU A 340 -28.88 -20.37 -26.63
CA LEU A 340 -28.85 -18.91 -26.72
C LEU A 340 -27.73 -18.44 -27.64
N VAL A 341 -26.55 -19.03 -27.53
CA VAL A 341 -25.44 -18.61 -28.40
C VAL A 341 -25.76 -18.94 -29.86
N LEU A 342 -26.32 -20.12 -30.11
CA LEU A 342 -26.72 -20.46 -31.48
C LEU A 342 -27.78 -19.50 -32.01
N SER A 343 -28.76 -19.15 -31.17
CA SER A 343 -29.80 -18.25 -31.63
C SER A 343 -29.33 -16.81 -31.75
N MET A 344 -28.23 -16.46 -31.09
CA MET A 344 -27.76 -15.07 -31.15
C MET A 344 -26.74 -14.86 -32.26
N SER A 345 -25.81 -15.79 -32.47
CA SER A 345 -24.80 -15.57 -33.49
C SER A 345 -25.38 -15.64 -34.89
N TYR A 346 -26.49 -16.37 -35.07
CA TYR A 346 -27.17 -16.33 -36.35
C TYR A 346 -27.92 -15.02 -36.55
N TYR A 347 -28.36 -14.40 -35.45
CA TYR A 347 -29.02 -13.07 -35.56
C TYR A 347 -27.98 -12.01 -35.93
N ALA A 348 -26.76 -12.13 -35.39
CA ALA A 348 -25.72 -11.10 -35.63
C ALA A 348 -24.89 -11.47 -36.86
N LYS A 349 -25.15 -12.63 -37.48
CA LYS A 349 -24.40 -13.05 -38.69
C LYS A 349 -22.89 -12.97 -38.43
N MET A 350 -22.40 -13.73 -37.46
CA MET A 350 -20.95 -13.67 -37.10
C MET A 350 -20.49 -15.06 -36.63
N PRO A 351 -19.16 -15.32 -36.52
CA PRO A 351 -18.68 -16.59 -35.97
C PRO A 351 -19.18 -16.80 -34.54
N PHE A 352 -19.26 -18.05 -34.09
CA PHE A 352 -19.85 -18.35 -32.75
C PHE A 352 -19.03 -17.71 -31.63
N SER A 353 -17.70 -17.82 -31.68
CA SER A 353 -16.85 -17.31 -30.57
C SER A 353 -17.15 -15.82 -30.33
N GLY A 354 -17.73 -15.14 -31.33
CA GLY A 354 -18.01 -13.69 -31.19
C GLY A 354 -18.91 -13.38 -30.01
N VAL A 355 -19.79 -14.33 -29.63
CA VAL A 355 -20.76 -14.08 -28.53
C VAL A 355 -19.98 -13.66 -27.27
N MET A 356 -18.73 -14.12 -27.13
CA MET A 356 -17.90 -13.74 -25.96
C MET A 356 -17.78 -12.23 -25.87
N SER A 357 -17.13 -11.58 -26.85
CA SER A 357 -16.91 -10.13 -26.76
C SER A 357 -18.05 -9.40 -27.43
N PRO A 358 -18.84 -8.60 -26.69
CA PRO A 358 -19.96 -7.91 -27.33
C PRO A 358 -19.54 -6.91 -28.39
N ILE A 359 -18.30 -6.43 -28.36
CA ILE A 359 -17.83 -5.50 -29.39
C ILE A 359 -18.19 -6.02 -30.77
N LYS A 360 -17.82 -7.26 -31.04
CA LYS A 360 -18.21 -7.91 -32.29
C LYS A 360 -19.73 -8.05 -32.37
N THR A 361 -20.36 -8.43 -31.25
CA THR A 361 -21.78 -8.75 -31.29
C THR A 361 -22.62 -7.57 -31.74
N TRP A 362 -22.09 -6.36 -31.59
CA TRP A 362 -22.76 -5.16 -32.05
C TRP A 362 -22.18 -4.65 -33.36
N ASP A 363 -20.86 -4.75 -33.53
CA ASP A 363 -20.22 -4.33 -34.77
C ASP A 363 -20.77 -5.11 -35.96
N ALA A 364 -21.33 -6.28 -35.71
CA ALA A 364 -21.91 -7.05 -36.80
C ALA A 364 -23.35 -6.67 -37.05
N ILE A 365 -24.15 -6.50 -36.00
CA ILE A 365 -25.59 -6.26 -36.19
C ILE A 365 -25.83 -4.86 -36.74
N ILE A 366 -25.13 -3.85 -36.23
CA ILE A 366 -25.33 -2.51 -36.76
C ILE A 366 -24.91 -2.46 -38.22
N PHE A 367 -23.86 -3.20 -38.57
CA PHE A 367 -23.48 -3.33 -39.97
C PHE A 367 -24.62 -3.92 -40.79
N ASN A 368 -25.03 -5.14 -40.46
CA ASN A 368 -25.99 -5.84 -41.29
C ASN A 368 -27.37 -5.21 -41.27
N SER A 369 -27.63 -4.27 -40.36
CA SER A 369 -28.81 -3.43 -40.50
C SER A 369 -28.53 -2.19 -41.33
N LEU A 370 -27.30 -1.70 -41.35
CA LEU A 370 -26.92 -0.58 -42.20
C LEU A 370 -26.76 -1.00 -43.66
N LYS A 371 -26.69 -2.30 -43.95
CA LYS A 371 -26.57 -2.74 -45.33
C LYS A 371 -27.85 -2.47 -46.12
N GLY A 372 -29.00 -2.46 -45.44
CA GLY A 372 -30.26 -2.28 -46.15
C GLY A 372 -30.36 -0.93 -46.83
N GLU A 373 -29.94 0.12 -46.14
CA GLU A 373 -30.00 1.48 -46.69
C GLU A 373 -28.80 1.83 -47.54
N HIS A 374 -27.96 0.85 -47.87
CA HIS A 374 -26.76 1.01 -48.67
C HIS A 374 -25.73 1.92 -48.01
N LYS A 375 -25.97 2.33 -46.77
CA LYS A 375 -24.96 3.08 -46.02
C LYS A 375 -23.78 2.17 -45.71
N VAL A 376 -22.61 2.77 -45.57
CA VAL A 376 -21.37 2.01 -45.43
C VAL A 376 -20.67 2.45 -44.15
N ILE A 377 -20.23 1.47 -43.37
CA ILE A 377 -19.62 1.69 -42.07
C ILE A 377 -18.26 2.36 -42.23
N PRO A 378 -17.77 3.08 -41.22
CA PRO A 378 -16.48 3.74 -41.34
C PRO A 378 -15.32 2.88 -40.87
N GLN A 379 -14.14 3.23 -41.36
CA GLN A 379 -12.93 2.56 -40.92
C GLN A 379 -12.70 2.84 -39.44
N GLN A 380 -12.24 1.83 -38.73
CA GLN A 380 -11.86 2.03 -37.34
C GLN A 380 -10.67 2.96 -37.26
N GLY A 381 -10.77 3.98 -36.44
CA GLY A 381 -9.68 4.92 -36.30
C GLY A 381 -8.68 4.47 -35.26
N SER A 382 -8.40 5.34 -34.30
CA SER A 382 -7.50 5.02 -33.20
C SER A 382 -7.80 5.99 -32.08
N HIS A 383 -8.31 5.47 -30.96
CA HIS A 383 -8.62 6.34 -29.83
C HIS A 383 -7.72 5.98 -28.66
N VAL A 384 -8.01 6.53 -27.49
CA VAL A 384 -7.22 6.29 -26.29
C VAL A 384 -8.16 5.92 -25.15
N LYS A 385 -7.81 4.85 -24.43
CA LYS A 385 -8.64 4.39 -23.32
C LYS A 385 -8.64 5.45 -22.24
N GLN A 386 -9.84 5.81 -21.77
CA GLN A 386 -10.00 6.90 -20.82
C GLN A 386 -10.95 6.51 -19.71
N SER A 387 -10.59 6.83 -18.48
CA SER A 387 -11.47 6.62 -17.33
C SER A 387 -12.35 7.85 -17.15
N PHE A 388 -13.65 7.65 -17.17
CA PHE A 388 -14.64 8.70 -17.04
C PHE A 388 -15.71 8.26 -16.06
N PRO A 389 -16.52 9.18 -15.54
CA PRO A 389 -17.53 8.79 -14.55
C PRO A 389 -18.47 7.74 -15.06
N GLY A 390 -18.80 6.80 -14.18
CA GLY A 390 -19.72 5.71 -14.46
C GLY A 390 -20.86 5.63 -13.47
N ALA A 391 -21.00 4.48 -12.82
CA ALA A 391 -22.18 4.21 -11.99
C ALA A 391 -22.21 5.11 -10.77
N PHE A 392 -23.39 5.23 -10.16
CA PHE A 392 -23.54 6.13 -8.99
C PHE A 392 -24.35 5.43 -7.89
N VAL A 393 -23.92 5.59 -6.63
CA VAL A 393 -24.67 5.00 -5.49
C VAL A 393 -24.80 6.05 -4.39
N PHE A 394 -26.01 6.26 -3.87
CA PHE A 394 -26.23 7.22 -2.77
C PHE A 394 -25.56 6.70 -1.49
N GLU A 395 -25.31 7.58 -0.53
CA GLU A 395 -24.75 7.14 0.78
C GLU A 395 -25.89 6.87 1.76
N PRO A 396 -26.26 5.60 2.04
CA PRO A 396 -27.39 5.30 2.91
C PRO A 396 -27.04 5.56 4.38
N LYS A 397 -28.03 5.97 5.19
CA LYS A 397 -27.77 6.20 6.59
C LYS A 397 -27.89 4.89 7.37
N PRO A 398 -26.81 4.41 7.97
CA PRO A 398 -26.86 3.09 8.61
C PRO A 398 -27.85 3.07 9.77
N ILE A 399 -29.12 3.03 9.43
CA ILE A 399 -30.23 3.11 10.36
C ILE A 399 -31.14 1.90 10.10
N ALA A 400 -32.30 1.88 10.75
CA ALA A 400 -33.22 0.75 10.62
C ALA A 400 -34.46 1.20 9.84
N ARG A 401 -34.45 0.97 8.54
CA ARG A 401 -35.51 1.45 7.66
C ARG A 401 -36.73 0.56 7.81
N ARG A 402 -37.78 1.08 8.45
CA ARG A 402 -38.89 0.20 8.81
C ARG A 402 -39.79 -0.08 7.61
N TYR A 403 -40.46 0.93 7.08
CA TYR A 403 -41.42 0.75 5.99
C TYR A 403 -40.89 1.47 4.77
N ILE A 404 -40.38 0.70 3.80
CA ILE A 404 -39.63 1.27 2.68
C ILE A 404 -40.12 0.69 1.38
N MET A 405 -40.24 1.55 0.37
CA MET A 405 -40.60 1.14 -0.98
C MET A 405 -39.39 1.30 -1.90
N SER A 406 -39.50 0.75 -3.10
CA SER A 406 -38.37 0.78 -4.03
C SER A 406 -38.88 0.79 -5.46
N PHE A 407 -38.12 1.47 -6.33
CA PHE A 407 -38.41 1.50 -7.75
C PHE A 407 -37.10 1.31 -8.51
N ASP A 408 -37.23 1.07 -9.81
CA ASP A 408 -36.05 0.94 -10.65
C ASP A 408 -36.35 1.44 -12.06
N LEU A 409 -35.27 1.69 -12.81
CA LEU A 409 -35.37 2.14 -14.19
C LEU A 409 -35.40 0.95 -15.12
N THR A 410 -36.29 1.00 -16.11
CA THR A 410 -36.55 -0.18 -16.93
C THR A 410 -35.32 -0.60 -17.72
N SER A 411 -34.58 0.37 -18.26
CA SER A 411 -33.31 0.08 -18.92
C SER A 411 -32.53 1.39 -18.94
N LEU A 412 -31.48 1.48 -18.13
CA LEU A 412 -30.84 2.77 -17.94
C LEU A 412 -30.23 3.31 -19.23
N TYR A 413 -29.17 2.67 -19.72
CA TYR A 413 -28.38 3.28 -20.79
C TYR A 413 -29.05 3.20 -22.16
N PRO A 414 -29.75 2.12 -22.51
CA PRO A 414 -30.55 2.17 -23.74
C PRO A 414 -31.56 3.29 -23.76
N SER A 415 -32.34 3.47 -22.69
CA SER A 415 -33.31 4.55 -22.67
C SER A 415 -32.63 5.91 -22.66
N ILE A 416 -31.48 6.02 -21.99
CA ILE A 416 -30.74 7.28 -22.02
C ILE A 416 -30.34 7.62 -23.45
N ILE A 417 -29.80 6.64 -24.16
CA ILE A 417 -29.31 6.87 -25.51
C ILE A 417 -30.47 7.19 -26.45
N ARG A 418 -31.62 6.56 -26.24
CA ARG A 418 -32.77 6.90 -27.06
C ARG A 418 -33.26 8.33 -26.77
N GLN A 419 -33.34 8.70 -25.49
CA GLN A 419 -33.95 9.98 -25.14
C GLN A 419 -33.06 11.16 -25.51
N VAL A 420 -31.76 11.08 -25.20
CA VAL A 420 -30.88 12.18 -25.53
C VAL A 420 -30.55 12.25 -27.01
N ASN A 421 -30.87 11.21 -27.78
CA ASN A 421 -30.54 11.13 -29.20
C ASN A 421 -29.03 11.26 -29.40
N ILE A 422 -28.31 10.28 -28.88
CA ILE A 422 -26.86 10.29 -28.88
C ILE A 422 -26.37 9.27 -29.90
N SER A 423 -25.50 9.71 -30.80
CA SER A 423 -25.02 8.89 -31.89
C SER A 423 -23.69 9.47 -32.37
N PRO A 424 -22.88 8.67 -33.05
CA PRO A 424 -21.59 9.19 -33.55
C PRO A 424 -21.71 10.32 -34.56
N GLU A 425 -22.85 10.49 -35.23
CA GLU A 425 -23.00 11.54 -36.23
C GLU A 425 -24.07 12.56 -35.88
N THR A 426 -24.71 12.44 -34.72
CA THR A 426 -25.71 13.41 -34.30
C THR A 426 -25.16 14.42 -33.31
N ILE A 427 -23.91 14.84 -33.48
CA ILE A 427 -23.23 15.73 -32.54
C ILE A 427 -23.02 17.08 -33.21
N ARG A 428 -23.43 18.15 -32.51
CA ARG A 428 -23.46 19.50 -33.07
C ARG A 428 -22.91 20.53 -32.08
N GLY A 429 -21.69 20.31 -31.59
CA GLY A 429 -21.05 21.30 -30.75
C GLY A 429 -21.56 21.27 -29.31
N GLN A 430 -21.01 22.16 -28.49
CA GLN A 430 -21.28 22.18 -27.07
C GLN A 430 -22.06 23.42 -26.67
N PHE A 431 -22.36 23.52 -25.38
CA PHE A 431 -22.82 24.75 -24.76
C PHE A 431 -21.94 25.03 -23.55
N LYS A 432 -22.29 26.06 -22.79
CA LYS A 432 -21.63 26.33 -21.52
C LYS A 432 -22.31 25.51 -20.44
N VAL A 433 -21.52 24.72 -19.72
CA VAL A 433 -22.06 23.80 -18.73
C VAL A 433 -21.57 24.23 -17.35
N HIS A 434 -22.53 24.56 -16.47
CA HIS A 434 -22.20 25.00 -15.10
C HIS A 434 -21.91 23.75 -14.26
N PRO A 435 -21.41 23.88 -13.01
CA PRO A 435 -21.21 22.70 -12.16
C PRO A 435 -22.50 21.87 -12.11
N ILE A 436 -22.37 20.54 -12.07
CA ILE A 436 -23.56 19.65 -12.14
C ILE A 436 -24.57 20.02 -11.05
N HIS A 437 -24.12 20.34 -9.83
CA HIS A 437 -25.07 20.58 -8.71
C HIS A 437 -26.19 21.54 -9.13
N GLU A 438 -25.87 22.52 -9.98
CA GLU A 438 -26.89 23.55 -10.37
C GLU A 438 -28.02 22.89 -11.17
N TYR A 439 -27.70 21.93 -12.03
CA TYR A 439 -28.73 21.32 -12.92
C TYR A 439 -29.70 20.45 -12.10
N ILE A 440 -29.18 19.67 -11.13
CA ILE A 440 -30.01 18.80 -10.33
C ILE A 440 -31.06 19.62 -9.60
N ALA A 441 -30.65 20.74 -9.01
CA ALA A 441 -31.59 21.60 -8.30
C ALA A 441 -32.54 22.33 -9.23
N GLY A 442 -32.31 22.29 -10.54
CA GLY A 442 -33.21 22.90 -11.49
C GLY A 442 -33.05 24.39 -11.66
N THR A 443 -32.24 25.05 -10.83
CA THR A 443 -32.05 26.48 -10.96
C THR A 443 -31.16 26.85 -12.13
N ALA A 444 -30.29 25.94 -12.58
CA ALA A 444 -29.36 26.27 -13.64
C ALA A 444 -30.10 26.59 -14.92
N PRO A 445 -29.61 27.52 -15.73
CA PRO A 445 -30.36 27.96 -16.91
C PRO A 445 -30.48 26.87 -17.96
N LYS A 446 -31.57 26.93 -18.71
CA LYS A 446 -31.83 25.95 -19.75
C LYS A 446 -30.72 25.99 -20.79
N PRO A 447 -30.04 24.88 -21.06
CA PRO A 447 -28.82 24.92 -21.87
C PRO A 447 -29.03 25.37 -23.31
N SER A 448 -30.17 25.07 -23.92
CA SER A 448 -30.39 25.44 -25.31
C SER A 448 -31.89 25.37 -25.60
N ASP A 449 -32.24 25.72 -26.84
CA ASP A 449 -33.61 25.66 -27.30
C ASP A 449 -33.77 24.98 -28.66
N GLU A 450 -32.68 24.67 -29.34
CA GLU A 450 -32.72 24.06 -30.66
C GLU A 450 -32.41 22.57 -30.66
N TYR A 451 -31.58 22.11 -29.73
CA TYR A 451 -31.04 20.76 -29.77
C TYR A 451 -31.25 20.06 -28.43
N SER A 452 -30.94 18.77 -28.42
CA SER A 452 -30.92 17.95 -27.22
C SER A 452 -29.58 18.10 -26.49
N CYS A 453 -29.58 17.81 -25.19
CA CYS A 453 -28.45 18.12 -24.34
C CYS A 453 -28.18 16.99 -23.34
N SER A 454 -26.95 16.94 -22.85
CA SER A 454 -26.56 16.11 -21.73
C SER A 454 -25.63 16.88 -20.81
N PRO A 455 -25.77 16.71 -19.50
CA PRO A 455 -25.15 17.63 -18.55
C PRO A 455 -23.63 17.57 -18.46
N ASN A 456 -22.95 17.00 -19.46
CA ASN A 456 -21.53 17.25 -19.59
C ASN A 456 -21.24 18.30 -20.65
N GLY A 457 -22.27 18.92 -21.21
CA GLY A 457 -22.03 20.01 -22.12
C GLY A 457 -21.62 19.57 -23.50
N TRP A 458 -22.46 18.78 -24.15
CA TRP A 458 -22.36 18.56 -25.58
C TRP A 458 -23.76 18.50 -26.12
N MET A 459 -23.98 19.12 -27.27
CA MET A 459 -25.32 19.37 -27.78
C MET A 459 -25.52 18.57 -29.06
N TYR A 460 -26.58 17.78 -29.10
CA TYR A 460 -26.81 16.81 -30.16
C TYR A 460 -28.14 17.06 -30.85
N ASP A 461 -28.20 16.73 -32.14
CA ASP A 461 -29.39 17.02 -32.94
C ASP A 461 -30.60 16.31 -32.37
N LYS A 462 -31.79 16.74 -32.81
CA LYS A 462 -33.04 16.21 -32.29
C LYS A 462 -33.81 15.39 -33.32
N HIS A 463 -34.15 15.99 -34.46
CA HIS A 463 -35.16 15.40 -35.35
C HIS A 463 -34.62 14.17 -36.06
N GLN A 464 -33.38 14.21 -36.53
CA GLN A 464 -32.80 13.09 -37.25
C GLN A 464 -32.49 11.96 -36.27
N GLU A 465 -33.23 10.86 -36.36
CA GLU A 465 -32.99 9.72 -35.48
C GLU A 465 -31.66 9.07 -35.82
N GLY A 466 -30.84 8.82 -34.81
CA GLY A 466 -29.52 8.30 -35.04
C GLY A 466 -29.52 6.82 -35.36
N ILE A 467 -28.38 6.35 -35.88
CA ILE A 467 -28.23 4.94 -36.18
C ILE A 467 -28.26 4.12 -34.90
N ILE A 468 -27.55 4.58 -33.88
CA ILE A 468 -27.52 3.84 -32.61
C ILE A 468 -28.90 3.74 -31.98
N PRO A 469 -29.65 4.85 -31.81
CA PRO A 469 -31.02 4.70 -31.28
C PRO A 469 -31.93 3.88 -32.16
N LYS A 470 -31.80 3.99 -33.49
CA LYS A 470 -32.65 3.21 -34.37
C LYS A 470 -32.39 1.73 -34.21
N GLU A 471 -31.12 1.33 -34.09
CA GLU A 471 -30.81 -0.07 -33.88
C GLU A 471 -31.30 -0.53 -32.50
N ILE A 472 -31.14 0.31 -31.49
CA ILE A 472 -31.65 -0.05 -30.17
C ILE A 472 -33.15 -0.29 -30.24
N ALA A 473 -33.87 0.53 -31.01
CA ALA A 473 -35.31 0.32 -31.17
C ALA A 473 -35.60 -0.95 -31.94
N LYS A 474 -34.87 -1.20 -33.02
CA LYS A 474 -35.11 -2.41 -33.80
C LYS A 474 -34.85 -3.66 -32.96
N VAL A 475 -34.07 -3.54 -31.89
CA VAL A 475 -33.93 -4.66 -30.96
C VAL A 475 -35.05 -4.65 -29.90
N PHE A 476 -35.40 -3.46 -29.42
CA PHE A 476 -36.36 -3.34 -28.32
C PHE A 476 -37.75 -3.82 -28.73
N PHE A 477 -38.22 -3.36 -29.88
CA PHE A 477 -39.55 -3.80 -30.33
C PHE A 477 -39.57 -5.27 -30.73
N GLN A 478 -38.48 -5.81 -31.27
CA GLN A 478 -38.45 -7.25 -31.49
C GLN A 478 -38.54 -8.00 -30.16
N ARG A 479 -37.84 -7.51 -29.14
CA ARG A 479 -37.91 -8.11 -27.82
C ARG A 479 -39.35 -8.13 -27.30
N LYS A 480 -40.02 -6.98 -27.36
CA LYS A 480 -41.39 -6.93 -26.83
C LYS A 480 -42.34 -7.75 -27.70
N ASP A 481 -42.08 -7.84 -29.01
CA ASP A 481 -42.89 -8.68 -29.88
C ASP A 481 -42.81 -10.14 -29.47
N TRP A 482 -41.58 -10.64 -29.30
CA TRP A 482 -41.44 -12.03 -28.89
C TRP A 482 -41.99 -12.26 -27.49
N LYS A 483 -41.87 -11.27 -26.60
CA LYS A 483 -42.45 -11.41 -25.27
C LYS A 483 -43.97 -11.52 -25.34
N LYS A 484 -44.60 -10.71 -26.19
CA LYS A 484 -46.05 -10.81 -26.37
C LYS A 484 -46.43 -12.15 -26.96
N LYS A 485 -45.63 -12.65 -27.91
CA LYS A 485 -45.86 -13.99 -28.43
C LYS A 485 -45.79 -15.03 -27.31
N MET A 486 -44.81 -14.90 -26.42
CA MET A 486 -44.68 -15.87 -25.33
C MET A 486 -45.89 -15.78 -24.39
N PHE A 487 -46.37 -14.57 -24.12
CA PHE A 487 -47.56 -14.40 -23.29
C PHE A 487 -48.76 -15.08 -23.93
N ALA A 488 -48.95 -14.86 -25.23
CA ALA A 488 -50.07 -15.50 -25.93
C ALA A 488 -49.92 -17.02 -25.92
N GLU A 489 -48.69 -17.51 -26.08
CA GLU A 489 -48.45 -18.95 -26.10
C GLU A 489 -48.74 -19.57 -24.75
N GLU A 490 -48.35 -18.91 -23.66
CA GLU A 490 -48.66 -19.45 -22.34
C GLU A 490 -50.16 -19.39 -22.06
N MET A 491 -50.84 -18.35 -22.54
CA MET A 491 -52.30 -18.31 -22.41
C MET A 491 -52.94 -19.47 -23.16
N ASN A 492 -52.44 -19.76 -24.37
CA ASN A 492 -52.94 -20.89 -25.14
C ASN A 492 -52.66 -22.22 -24.43
N ALA A 493 -51.48 -22.36 -23.84
CA ALA A 493 -51.16 -23.58 -23.12
C ALA A 493 -52.09 -23.77 -21.93
N GLU A 494 -52.37 -22.69 -21.21
CA GLU A 494 -53.33 -22.75 -20.10
C GLU A 494 -54.71 -23.13 -20.61
N ALA A 495 -55.12 -22.56 -21.75
CA ALA A 495 -56.42 -22.90 -22.34
C ALA A 495 -56.49 -24.38 -22.69
N ILE A 496 -55.43 -24.92 -23.29
CA ILE A 496 -55.42 -26.33 -23.65
C ILE A 496 -55.46 -27.21 -22.40
N LYS A 497 -54.72 -26.82 -21.37
CA LYS A 497 -54.76 -27.58 -20.12
C LYS A 497 -56.15 -27.57 -19.50
N LYS A 498 -56.83 -26.43 -19.56
CA LYS A 498 -58.22 -26.37 -19.06
C LYS A 498 -59.16 -27.16 -19.96
N ILE A 499 -58.84 -27.29 -21.24
CA ILE A 499 -59.65 -28.09 -22.15
C ILE A 499 -59.53 -29.57 -21.82
N ILE A 500 -58.30 -30.04 -21.58
CA ILE A 500 -58.08 -31.48 -21.43
C ILE A 500 -58.78 -32.07 -20.22
N MET A 501 -59.12 -31.26 -19.22
CA MET A 501 -59.76 -31.76 -18.02
C MET A 501 -61.28 -31.78 -18.10
N LYS A 502 -61.87 -31.36 -19.21
CA LYS A 502 -63.32 -31.39 -19.39
C LYS A 502 -63.64 -31.76 -20.83
N GLY A 503 -64.26 -32.91 -21.02
CA GLY A 503 -64.61 -33.36 -22.36
C GLY A 503 -63.51 -34.19 -23.00
N ALA A 504 -63.92 -35.08 -23.90
CA ALA A 504 -62.98 -35.94 -24.60
C ALA A 504 -63.63 -36.45 -25.87
N GLY A 505 -62.78 -36.94 -26.77
CA GLY A 505 -63.25 -37.51 -28.03
C GLY A 505 -62.08 -38.04 -28.83
N SER A 506 -62.41 -38.86 -29.82
CA SER A 506 -61.43 -39.54 -30.65
C SER A 506 -61.35 -38.85 -32.00
N CYS A 507 -60.22 -38.17 -32.24
CA CYS A 507 -59.97 -37.54 -33.54
C CYS A 507 -58.46 -37.43 -33.70
N SER A 508 -57.88 -38.33 -34.50
CA SER A 508 -56.44 -38.41 -34.64
C SER A 508 -55.88 -37.41 -35.66
N THR A 509 -56.74 -36.63 -36.31
CA THR A 509 -56.26 -35.65 -37.29
C THR A 509 -55.44 -34.57 -36.60
N LYS A 510 -54.32 -34.21 -37.22
CA LYS A 510 -53.44 -33.15 -36.73
C LYS A 510 -53.21 -32.15 -37.86
N PRO A 511 -54.05 -31.12 -37.95
CA PRO A 511 -53.89 -30.13 -39.03
C PRO A 511 -52.67 -29.24 -38.82
N GLU A 512 -52.45 -28.32 -39.75
CA GLU A 512 -51.34 -27.37 -39.65
C GLU A 512 -51.73 -26.28 -38.66
N VAL A 513 -51.47 -26.53 -37.38
CA VAL A 513 -51.78 -25.55 -36.36
C VAL A 513 -50.92 -24.31 -36.58
N GLU A 514 -51.56 -23.14 -36.59
CA GLU A 514 -50.87 -21.91 -36.93
C GLU A 514 -49.79 -21.60 -35.90
N ARG A 515 -48.73 -20.95 -36.36
CA ARG A 515 -47.58 -20.62 -35.52
C ARG A 515 -47.37 -19.11 -35.51
N TYR A 516 -46.73 -18.63 -34.45
CA TYR A 516 -46.46 -17.21 -34.23
C TYR A 516 -47.74 -16.38 -34.13
N VAL A 517 -48.82 -16.99 -33.65
CA VAL A 517 -50.10 -16.29 -33.54
C VAL A 517 -50.98 -17.08 -32.58
N LYS A 518 -51.71 -16.35 -31.73
CA LYS A 518 -52.70 -16.98 -30.87
C LYS A 518 -53.82 -17.59 -31.69
N PHE A 519 -54.23 -18.80 -31.33
CA PHE A 519 -55.24 -19.51 -32.09
C PHE A 519 -56.62 -18.95 -31.79
N SER A 520 -57.50 -19.01 -32.79
CA SER A 520 -58.88 -18.56 -32.59
C SER A 520 -59.61 -19.47 -31.62
N ASP A 521 -60.60 -18.90 -30.94
CA ASP A 521 -61.34 -19.65 -29.92
C ASP A 521 -62.08 -20.84 -30.54
N ASP A 522 -62.65 -20.66 -31.72
CA ASP A 522 -63.36 -21.76 -32.37
C ASP A 522 -62.40 -22.86 -32.81
N PHE A 523 -61.20 -22.49 -33.27
CA PHE A 523 -60.25 -23.50 -33.70
C PHE A 523 -59.76 -24.36 -32.54
N LEU A 524 -59.54 -23.74 -31.38
CA LEU A 524 -59.19 -24.52 -30.20
C LEU A 524 -60.41 -25.22 -29.59
N ASN A 525 -61.62 -24.76 -29.91
CA ASN A 525 -62.82 -25.42 -29.42
C ASN A 525 -63.13 -26.68 -30.21
N GLU A 526 -62.86 -26.68 -31.52
CA GLU A 526 -63.21 -27.82 -32.36
C GLU A 526 -62.32 -29.03 -32.11
N LEU A 527 -61.10 -28.82 -31.59
CA LEU A 527 -60.20 -29.92 -31.26
C LEU A 527 -60.19 -30.23 -29.77
N SER A 528 -61.19 -29.75 -29.03
CA SER A 528 -61.28 -30.06 -27.61
C SER A 528 -61.43 -31.55 -27.36
N ASN A 529 -62.11 -32.25 -28.26
CA ASN A 529 -62.33 -33.69 -28.12
C ASN A 529 -61.24 -34.47 -28.88
N TYR A 530 -60.00 -34.25 -28.47
CA TYR A 530 -58.85 -34.90 -29.07
C TYR A 530 -58.18 -35.91 -28.13
N THR A 531 -58.86 -36.27 -27.04
CA THR A 531 -58.34 -37.22 -26.04
C THR A 531 -57.02 -36.67 -25.51
N GLU A 532 -55.92 -37.41 -25.60
CA GLU A 532 -54.66 -36.95 -25.03
C GLU A 532 -53.49 -37.01 -26.02
N SER A 533 -53.44 -38.03 -26.87
CA SER A 533 -52.25 -38.26 -27.68
C SER A 533 -51.95 -37.08 -28.61
N VAL A 534 -52.87 -36.79 -29.53
CA VAL A 534 -52.68 -35.66 -30.43
C VAL A 534 -52.67 -34.36 -29.65
N LEU A 535 -53.48 -34.28 -28.59
CA LEU A 535 -53.47 -33.09 -27.73
C LEU A 535 -52.12 -32.92 -27.06
N ASN A 536 -51.51 -34.02 -26.59
CA ASN A 536 -50.19 -33.93 -26.00
C ASN A 536 -49.14 -33.55 -27.03
N SER A 537 -49.27 -34.03 -28.27
CA SER A 537 -48.35 -33.59 -29.31
C SER A 537 -48.48 -32.10 -29.57
N LEU A 538 -49.72 -31.59 -29.59
CA LEU A 538 -49.93 -30.16 -29.75
C LEU A 538 -49.34 -29.39 -28.57
N ILE A 539 -49.48 -29.92 -27.36
CA ILE A 539 -48.91 -29.28 -26.18
C ILE A 539 -47.38 -29.26 -26.28
N GLU A 540 -46.78 -30.34 -26.77
CA GLU A 540 -45.34 -30.38 -26.98
C GLU A 540 -44.90 -29.33 -28.00
N GLU A 541 -45.68 -29.16 -29.07
CA GLU A 541 -45.39 -28.10 -30.03
C GLU A 541 -45.49 -26.73 -29.37
N CYS A 542 -46.47 -26.56 -28.49
CA CYS A 542 -46.58 -25.30 -27.75
C CYS A 542 -45.36 -25.06 -26.87
N GLU A 543 -44.87 -26.12 -26.22
CA GLU A 543 -43.67 -25.99 -25.39
C GLU A 543 -42.46 -25.64 -26.23
N LYS A 544 -42.33 -26.24 -27.42
CA LYS A 544 -41.22 -25.91 -28.30
C LYS A 544 -41.30 -24.45 -28.75
N ALA A 545 -42.51 -23.97 -29.06
CA ALA A 545 -42.67 -22.57 -29.40
C ALA A 545 -42.27 -21.67 -28.23
N ALA A 546 -42.64 -22.07 -27.02
CA ALA A 546 -42.25 -21.32 -25.83
C ALA A 546 -40.74 -21.29 -25.68
N THR A 547 -40.07 -22.41 -25.98
CA THR A 547 -38.61 -22.45 -25.87
C THR A 547 -37.96 -21.50 -26.86
N LEU A 548 -38.42 -21.51 -28.12
CA LEU A 548 -37.87 -20.56 -29.09
C LEU A 548 -38.14 -19.12 -28.67
N ALA A 549 -39.34 -18.84 -28.17
CA ALA A 549 -39.64 -17.48 -27.70
C ALA A 549 -38.73 -17.07 -26.55
N ASN A 550 -38.48 -18.00 -25.62
CA ASN A 550 -37.60 -17.70 -24.49
C ASN A 550 -36.19 -17.41 -24.97
N THR A 551 -35.67 -18.24 -25.88
CA THR A 551 -34.32 -17.98 -26.40
C THR A 551 -34.26 -16.61 -27.05
N ASN A 552 -35.27 -16.26 -27.84
CA ASN A 552 -35.28 -14.97 -28.49
C ASN A 552 -35.32 -13.84 -27.48
N GLN A 553 -36.15 -13.97 -26.44
CA GLN A 553 -36.28 -12.92 -25.44
C GLN A 553 -34.96 -12.69 -24.71
N LEU A 554 -34.33 -13.78 -24.25
CA LEU A 554 -33.06 -13.64 -23.53
C LEU A 554 -31.98 -13.06 -24.43
N ASN A 555 -31.88 -13.51 -25.68
CA ASN A 555 -30.80 -12.95 -26.50
C ASN A 555 -31.08 -11.49 -26.83
N ARG A 556 -32.34 -11.10 -26.99
CA ARG A 556 -32.65 -9.69 -27.18
C ARG A 556 -32.22 -8.87 -25.97
N LYS A 557 -32.58 -9.34 -24.78
CA LYS A 557 -32.26 -8.58 -23.55
C LYS A 557 -30.74 -8.37 -23.46
N ILE A 558 -29.97 -9.44 -23.59
CA ILE A 558 -28.49 -9.33 -23.45
C ILE A 558 -27.97 -8.29 -24.44
N LEU A 559 -28.49 -8.30 -25.67
CA LEU A 559 -27.98 -7.36 -26.71
C LEU A 559 -28.20 -5.91 -26.25
N ILE A 560 -29.45 -5.49 -26.05
CA ILE A 560 -29.76 -4.08 -25.67
C ILE A 560 -28.92 -3.67 -24.46
N ASN A 561 -28.78 -4.55 -23.47
CA ASN A 561 -28.06 -4.19 -22.22
C ASN A 561 -26.56 -4.05 -22.47
N SER A 562 -26.06 -4.48 -23.62
CA SER A 562 -24.59 -4.46 -23.84
C SER A 562 -24.14 -3.25 -24.68
N LEU A 563 -25.09 -2.48 -25.24
CA LEU A 563 -24.68 -1.37 -26.14
C LEU A 563 -23.75 -0.41 -25.40
N TYR A 564 -24.03 -0.16 -24.11
CA TYR A 564 -23.16 0.72 -23.30
C TYR A 564 -21.74 0.15 -23.27
N GLY A 565 -21.55 -0.98 -22.59
CA GLY A 565 -20.21 -1.50 -22.46
C GLY A 565 -19.50 -1.56 -23.78
N ALA A 566 -20.25 -1.67 -24.87
CA ALA A 566 -19.63 -1.54 -26.18
C ALA A 566 -19.23 -0.11 -26.48
N LEU A 567 -20.13 0.85 -26.25
CA LEU A 567 -19.90 2.23 -26.67
C LEU A 567 -18.80 2.91 -25.89
N GLY A 568 -18.41 2.36 -24.76
CA GLY A 568 -17.27 2.88 -24.02
C GLY A 568 -16.02 2.07 -24.21
N ASN A 569 -16.03 1.08 -25.10
CA ASN A 569 -14.90 0.21 -25.32
C ASN A 569 -14.06 0.76 -26.46
N ILE A 570 -12.86 1.26 -26.11
CA ILE A 570 -12.01 2.02 -27.03
C ILE A 570 -11.98 1.39 -28.41
N HIS A 571 -12.05 0.07 -28.47
CA HIS A 571 -11.92 -0.63 -29.74
C HIS A 571 -13.24 -0.84 -30.46
N PHE A 572 -14.33 -0.31 -29.95
CA PHE A 572 -15.56 -0.29 -30.72
C PHE A 572 -15.37 0.56 -31.97
N ARG A 573 -16.14 0.25 -33.01
CA ARG A 573 -16.03 1.01 -34.25
C ARG A 573 -16.68 2.38 -34.13
N TYR A 574 -17.78 2.48 -33.37
CA TYR A 574 -18.50 3.72 -33.22
C TYR A 574 -18.24 4.38 -31.88
N TYR A 575 -17.01 4.29 -31.39
CA TYR A 575 -16.63 4.88 -30.12
C TYR A 575 -16.56 6.39 -30.24
N ASP A 576 -16.98 7.08 -29.18
CA ASP A 576 -16.80 8.52 -29.07
C ASP A 576 -16.90 8.90 -27.61
N LEU A 577 -15.84 9.49 -27.06
CA LEU A 577 -15.82 9.75 -25.63
C LEU A 577 -16.99 10.64 -25.22
N ARG A 578 -17.21 11.71 -25.97
CA ARG A 578 -18.33 12.65 -25.66
C ARG A 578 -19.62 11.84 -25.52
N ASN A 579 -19.87 10.92 -26.44
CA ASN A 579 -21.10 10.07 -26.38
C ASN A 579 -21.11 9.34 -25.04
N ALA A 580 -19.96 8.78 -24.63
CA ALA A 580 -19.90 7.99 -23.38
C ALA A 580 -20.16 8.88 -22.16
N THR A 581 -19.47 10.02 -22.04
CA THR A 581 -19.61 10.87 -20.83
C THR A 581 -20.91 11.68 -20.91
N ALA A 582 -21.77 11.39 -21.89
CA ALA A 582 -23.07 12.07 -21.97
C ALA A 582 -24.19 11.08 -21.64
N ILE A 583 -23.87 9.78 -21.55
CA ILE A 583 -24.88 8.81 -21.13
C ILE A 583 -24.61 8.24 -19.76
N THR A 584 -23.42 8.46 -19.20
CA THR A 584 -23.19 8.11 -17.81
C THR A 584 -23.50 9.27 -16.88
N ILE A 585 -23.02 10.47 -17.22
CA ILE A 585 -23.25 11.64 -16.38
C ILE A 585 -24.72 12.01 -16.39
N PHE A 586 -25.39 11.88 -17.53
CA PHE A 586 -26.83 12.06 -17.52
C PHE A 586 -27.50 11.06 -16.60
N GLY A 587 -26.92 9.87 -16.44
CA GLY A 587 -27.49 8.92 -15.49
C GLY A 587 -27.41 9.41 -14.06
N GLN A 588 -26.26 9.96 -13.68
CA GLN A 588 -26.10 10.53 -12.35
C GLN A 588 -27.07 11.69 -12.13
N VAL A 589 -27.16 12.60 -13.11
CA VAL A 589 -28.07 13.73 -12.95
C VAL A 589 -29.51 13.26 -12.89
N GLY A 590 -29.88 12.26 -13.69
CA GLY A 590 -31.22 11.74 -13.61
C GLY A 590 -31.57 11.13 -12.28
N ILE A 591 -30.67 10.32 -11.72
CA ILE A 591 -30.98 9.72 -10.43
C ILE A 591 -30.96 10.75 -9.30
N GLN A 592 -30.03 11.71 -9.29
CA GLN A 592 -30.06 12.71 -8.22
C GLN A 592 -31.23 13.67 -8.38
N TRP A 593 -31.63 13.96 -9.61
CA TRP A 593 -32.82 14.78 -9.84
C TRP A 593 -34.07 14.07 -9.37
N ILE A 594 -34.19 12.77 -9.67
CA ILE A 594 -35.38 12.08 -9.20
C ILE A 594 -35.34 11.93 -7.69
N ALA A 595 -34.15 11.79 -7.10
CA ALA A 595 -34.07 11.77 -5.64
C ALA A 595 -34.52 13.10 -5.03
N ARG A 596 -34.08 14.21 -5.64
CA ARG A 596 -34.48 15.53 -5.16
C ARG A 596 -35.99 15.70 -5.26
N LYS A 597 -36.59 15.26 -6.37
CA LYS A 597 -38.03 15.35 -6.49
C LYS A 597 -38.77 14.43 -5.52
N ILE A 598 -38.24 13.22 -5.26
CA ILE A 598 -38.83 12.35 -4.27
C ILE A 598 -38.87 13.05 -2.92
N ASN A 599 -37.74 13.64 -2.51
CA ASN A 599 -37.70 14.34 -1.24
C ASN A 599 -38.65 15.53 -1.22
N GLU A 600 -38.67 16.31 -2.30
CA GLU A 600 -39.51 17.49 -2.34
C GLU A 600 -40.98 17.15 -2.27
N TYR A 601 -41.39 15.98 -2.76
CA TYR A 601 -42.79 15.59 -2.66
C TYR A 601 -43.11 14.89 -1.34
N LEU A 602 -42.17 14.11 -0.80
CA LEU A 602 -42.45 13.41 0.45
C LEU A 602 -42.44 14.35 1.64
N ASN A 603 -41.50 15.30 1.67
CA ASN A 603 -41.53 16.30 2.74
C ASN A 603 -42.82 17.12 2.68
N LYS A 604 -43.33 17.34 1.47
CA LYS A 604 -44.59 18.06 1.31
C LYS A 604 -45.75 17.25 1.86
N VAL A 605 -45.86 15.98 1.47
CA VAL A 605 -47.00 15.17 1.89
C VAL A 605 -46.96 14.90 3.39
N CYS A 606 -45.82 14.44 3.89
CA CYS A 606 -45.72 14.07 5.30
C CYS A 606 -45.88 15.27 6.21
N GLY A 607 -45.23 16.39 5.86
CA GLY A 607 -45.29 17.60 6.64
C GLY A 607 -43.96 18.09 7.16
N THR A 608 -42.99 17.19 7.35
CA THR A 608 -41.69 17.59 7.85
C THR A 608 -40.92 18.32 6.75
N ASN A 609 -39.87 19.02 7.16
CA ASN A 609 -39.00 19.75 6.25
C ASN A 609 -37.55 19.35 6.51
N ASP A 610 -36.76 19.29 5.43
CA ASP A 610 -35.37 18.83 5.46
C ASP A 610 -35.32 17.42 6.05
N GLU A 611 -35.90 16.50 5.29
CA GLU A 611 -35.90 15.08 5.64
C GLU A 611 -35.55 14.28 4.40
N ASP A 612 -34.52 13.46 4.50
CA ASP A 612 -34.03 12.68 3.35
C ASP A 612 -34.74 11.34 3.35
N PHE A 613 -35.74 11.20 2.48
CA PHE A 613 -36.55 10.01 2.35
C PHE A 613 -35.90 8.92 1.52
N ILE A 614 -34.86 9.22 0.74
CA ILE A 614 -34.21 8.18 -0.03
C ILE A 614 -33.38 7.32 0.90
N ALA A 615 -33.70 6.03 0.96
CA ALA A 615 -32.91 5.17 1.82
C ALA A 615 -31.55 4.88 1.19
N ALA A 616 -31.55 4.43 -0.06
CA ALA A 616 -30.31 4.22 -0.81
C ALA A 616 -30.65 4.06 -2.27
N GLY A 617 -29.64 3.75 -3.07
CA GLY A 617 -29.91 3.51 -4.47
C GLY A 617 -28.69 3.39 -5.37
N ASP A 618 -28.86 2.68 -6.48
CA ASP A 618 -27.87 2.66 -7.54
C ASP A 618 -28.24 3.73 -8.56
N THR A 619 -27.61 3.68 -9.73
CA THR A 619 -27.92 4.65 -10.77
C THR A 619 -29.27 4.37 -11.42
N ASP A 620 -29.78 3.15 -11.31
CA ASP A 620 -31.04 2.79 -11.94
C ASP A 620 -32.15 2.38 -10.99
N SER A 621 -31.84 2.10 -9.72
CA SER A 621 -32.86 1.71 -8.75
C SER A 621 -32.67 2.48 -7.45
N VAL A 622 -33.78 2.81 -6.80
CA VAL A 622 -33.77 3.57 -5.56
C VAL A 622 -34.71 2.94 -4.56
N TYR A 623 -34.30 2.94 -3.29
CA TYR A 623 -35.13 2.56 -2.16
C TYR A 623 -35.39 3.82 -1.34
N VAL A 624 -36.66 4.17 -1.17
CA VAL A 624 -37.06 5.34 -0.39
C VAL A 624 -37.86 4.88 0.82
N CYS A 625 -37.47 5.37 2.00
CA CYS A 625 -38.17 5.06 3.22
C CYS A 625 -39.49 5.79 3.26
N VAL A 626 -40.57 5.07 3.54
CA VAL A 626 -41.91 5.65 3.47
C VAL A 626 -42.57 5.45 4.83
N ASP A 627 -41.76 5.36 5.88
CA ASP A 627 -42.32 5.11 7.20
C ASP A 627 -43.17 6.29 7.69
N LYS A 628 -42.81 7.51 7.26
CA LYS A 628 -43.52 8.68 7.75
C LYS A 628 -44.98 8.66 7.31
N VAL A 629 -45.24 8.26 6.07
CA VAL A 629 -46.61 8.20 5.59
C VAL A 629 -47.39 7.13 6.34
N ILE A 630 -46.76 5.98 6.59
CA ILE A 630 -47.42 4.91 7.33
C ILE A 630 -47.75 5.36 8.74
N GLU A 631 -46.84 6.09 9.38
CA GLU A 631 -47.12 6.65 10.69
C GLU A 631 -48.28 7.64 10.62
N LYS A 632 -48.30 8.46 9.57
CA LYS A 632 -49.34 9.47 9.44
C LYS A 632 -50.72 8.81 9.33
N VAL A 633 -50.85 7.78 8.50
CA VAL A 633 -52.14 7.13 8.36
C VAL A 633 -52.49 6.34 9.62
N GLY A 634 -51.52 5.63 10.18
CA GLY A 634 -51.78 4.85 11.39
C GLY A 634 -51.63 3.36 11.14
N LEU A 635 -50.87 2.71 12.03
CA LEU A 635 -50.66 1.28 11.93
C LEU A 635 -51.87 0.49 12.41
N ASP A 636 -52.53 0.96 13.47
CA ASP A 636 -53.56 0.19 14.13
C ASP A 636 -54.84 0.04 13.31
N ARG A 637 -55.06 0.91 12.33
CA ARG A 637 -56.30 0.86 11.55
C ARG A 637 -56.37 -0.37 10.64
N PHE A 638 -55.26 -1.08 10.44
CA PHE A 638 -55.24 -2.24 9.57
C PHE A 638 -55.74 -3.48 10.30
N LYS A 639 -55.97 -4.54 9.54
CA LYS A 639 -56.42 -5.81 10.09
C LYS A 639 -55.48 -6.97 9.81
N GLU A 640 -54.78 -6.97 8.68
CA GLU A 640 -53.80 -8.00 8.38
C GLU A 640 -52.64 -7.38 7.62
N GLN A 641 -51.51 -8.08 7.64
CA GLN A 641 -50.31 -7.59 6.96
C GLN A 641 -50.55 -7.37 5.47
N ASN A 642 -51.44 -8.19 4.88
CA ASN A 642 -51.81 -8.00 3.49
C ASN A 642 -52.40 -6.61 3.26
N ASP A 643 -53.13 -6.08 4.25
CA ASP A 643 -53.60 -4.70 4.13
C ASP A 643 -52.44 -3.72 4.06
N LEU A 644 -51.42 -3.92 4.89
CA LEU A 644 -50.25 -3.05 4.86
C LEU A 644 -49.57 -3.09 3.50
N VAL A 645 -49.35 -4.29 2.96
CA VAL A 645 -48.66 -4.40 1.68
C VAL A 645 -49.53 -3.84 0.57
N GLU A 646 -50.84 -4.04 0.62
CA GLU A 646 -51.72 -3.51 -0.40
C GLU A 646 -51.72 -1.98 -0.38
N PHE A 647 -51.72 -1.38 0.82
CA PHE A 647 -51.63 0.07 0.92
C PHE A 647 -50.31 0.55 0.32
N MET A 648 -49.19 -0.05 0.74
CA MET A 648 -47.90 0.36 0.21
C MET A 648 -47.80 0.15 -1.28
N ASN A 649 -48.58 -0.80 -1.81
CA ASN A 649 -48.58 -1.09 -3.24
C ASN A 649 -49.34 -0.02 -4.00
N GLN A 650 -50.59 0.21 -3.63
CA GLN A 650 -51.38 1.18 -4.39
C GLN A 650 -50.96 2.62 -4.12
N PHE A 651 -50.22 2.87 -3.04
CA PHE A 651 -49.74 4.23 -2.79
C PHE A 651 -48.74 4.66 -3.87
N GLY A 652 -47.89 3.74 -4.31
CA GLY A 652 -46.97 4.06 -5.38
C GLY A 652 -47.66 4.35 -6.70
N LYS A 653 -48.66 3.54 -7.04
CA LYS A 653 -49.34 3.70 -8.32
C LYS A 653 -50.22 4.94 -8.34
N LYS A 654 -51.02 5.13 -7.29
CA LYS A 654 -51.96 6.25 -7.29
C LYS A 654 -51.23 7.58 -7.11
N LYS A 655 -50.28 7.64 -6.19
CA LYS A 655 -49.63 8.89 -5.83
C LYS A 655 -48.20 9.01 -6.35
N MET A 656 -47.36 8.02 -6.08
CA MET A 656 -45.95 8.15 -6.41
C MET A 656 -45.70 8.07 -7.91
N GLU A 657 -46.33 7.12 -8.60
CA GLU A 657 -46.03 6.90 -10.02
C GLU A 657 -46.31 8.11 -10.89
N PRO A 658 -47.46 8.77 -10.82
CA PRO A 658 -47.63 10.00 -11.61
C PRO A 658 -46.64 11.07 -11.25
N MET A 659 -46.23 11.16 -9.99
CA MET A 659 -45.19 12.11 -9.62
C MET A 659 -43.88 11.76 -10.31
N ILE A 660 -43.55 10.48 -10.38
CA ILE A 660 -42.35 10.06 -11.10
C ILE A 660 -42.43 10.47 -12.55
N ASP A 661 -43.59 10.23 -13.16
CA ASP A 661 -43.77 10.57 -14.57
C ASP A 661 -43.59 12.07 -14.80
N VAL A 662 -44.20 12.90 -13.95
CA VAL A 662 -44.12 14.34 -14.17
C VAL A 662 -42.70 14.84 -13.87
N ALA A 663 -42.04 14.30 -12.85
CA ALA A 663 -40.72 14.79 -12.50
C ALA A 663 -39.64 14.26 -13.42
N TYR A 664 -39.95 13.27 -14.27
CA TYR A 664 -39.03 12.93 -15.34
C TYR A 664 -39.39 13.61 -16.64
N ARG A 665 -40.67 13.92 -16.87
CA ARG A 665 -41.01 14.79 -17.98
C ARG A 665 -40.39 16.16 -17.81
N GLU A 666 -40.22 16.61 -16.57
CA GLU A 666 -39.51 17.87 -16.36
C GLU A 666 -38.04 17.77 -16.74
N LEU A 667 -37.42 16.60 -16.54
CA LEU A 667 -36.10 16.36 -17.10
C LEU A 667 -36.11 16.43 -18.62
N CYS A 668 -37.09 15.79 -19.25
CA CYS A 668 -37.15 15.81 -20.71
C CYS A 668 -37.32 17.23 -21.22
N ASP A 669 -38.06 18.06 -20.49
CA ASP A 669 -38.25 19.45 -20.89
C ASP A 669 -37.01 20.30 -20.59
N TYR A 670 -36.29 19.97 -19.53
CA TYR A 670 -35.19 20.82 -19.07
C TYR A 670 -34.11 20.96 -20.14
N MET A 671 -33.67 19.85 -20.70
CA MET A 671 -32.69 19.84 -21.77
C MET A 671 -33.34 19.70 -23.14
N ASN A 672 -34.66 19.80 -23.19
CA ASN A 672 -35.46 19.68 -24.42
C ASN A 672 -35.03 18.49 -25.27
N ASN A 673 -34.96 17.33 -24.63
CA ASN A 673 -34.59 16.12 -25.32
C ASN A 673 -35.71 15.67 -26.26
N ARG A 674 -35.54 14.51 -26.87
CA ARG A 674 -36.49 14.07 -27.90
C ARG A 674 -37.80 13.63 -27.30
N GLU A 675 -37.79 12.60 -26.46
CA GLU A 675 -39.04 12.09 -25.91
C GLU A 675 -38.75 11.41 -24.59
N HIS A 676 -39.82 11.21 -23.81
CA HIS A 676 -39.73 10.64 -22.48
C HIS A 676 -39.93 9.13 -22.58
N LEU A 677 -38.94 8.36 -22.11
CA LEU A 677 -38.99 6.92 -22.17
C LEU A 677 -38.75 6.22 -20.84
N MET A 678 -38.30 6.94 -19.81
CA MET A 678 -38.00 6.31 -18.53
C MET A 678 -39.25 5.74 -17.89
N HIS A 679 -39.09 4.60 -17.23
CA HIS A 679 -40.15 3.98 -16.44
C HIS A 679 -39.64 3.75 -15.03
N MET A 680 -40.58 3.66 -14.08
CA MET A 680 -40.22 3.41 -12.69
C MET A 680 -41.46 2.90 -11.98
N ASP A 681 -41.44 1.64 -11.55
CA ASP A 681 -42.55 1.04 -10.82
C ASP A 681 -42.01 0.34 -9.56
N ARG A 682 -42.92 -0.02 -8.66
CA ARG A 682 -42.48 -0.52 -7.36
C ARG A 682 -41.86 -1.90 -7.49
N GLU A 683 -40.53 -1.94 -7.65
CA GLU A 683 -39.83 -3.20 -7.81
C GLU A 683 -39.94 -4.07 -6.55
N ALA A 684 -39.83 -3.46 -5.38
CA ALA A 684 -39.88 -4.19 -4.13
C ALA A 684 -40.46 -3.32 -3.03
N ILE A 685 -41.29 -3.91 -2.20
CA ILE A 685 -41.82 -3.26 -1.00
C ILE A 685 -41.34 -4.05 0.20
N SER A 686 -40.61 -3.39 1.09
CA SER A 686 -40.13 -3.99 2.32
C SER A 686 -40.97 -3.47 3.47
N CYS A 687 -41.44 -4.38 4.32
CA CYS A 687 -42.22 -3.96 5.46
C CYS A 687 -42.06 -4.98 6.57
N PRO A 688 -42.00 -4.54 7.82
CA PRO A 688 -41.92 -5.46 8.93
C PRO A 688 -43.25 -6.17 9.13
N PRO A 689 -43.25 -7.35 9.75
CA PRO A 689 -44.51 -8.04 10.00
C PRO A 689 -45.43 -7.21 10.88
N LEU A 690 -46.72 -7.26 10.56
CA LEU A 690 -47.69 -6.46 11.30
C LEU A 690 -47.71 -6.85 12.76
N GLY A 691 -47.67 -5.85 13.64
CA GLY A 691 -47.74 -6.05 15.07
C GLY A 691 -46.42 -6.43 15.72
N SER A 692 -45.55 -7.12 14.97
CA SER A 692 -44.28 -7.55 15.52
C SER A 692 -43.38 -6.36 15.81
N LYS A 693 -42.48 -6.55 16.77
CA LYS A 693 -41.49 -5.51 17.05
C LYS A 693 -40.50 -5.36 15.91
N GLY A 694 -40.39 -6.36 15.04
CA GLY A 694 -39.35 -6.47 14.04
C GLY A 694 -38.89 -5.21 13.35
N VAL A 695 -37.58 -5.12 13.10
CA VAL A 695 -37.02 -3.95 12.44
C VAL A 695 -37.64 -3.76 11.07
N GLY A 696 -37.66 -4.80 10.26
CA GLY A 696 -38.21 -4.70 8.93
C GLY A 696 -37.26 -4.17 7.88
N GLY A 697 -35.96 -4.30 8.08
CA GLY A 697 -34.99 -3.91 7.08
C GLY A 697 -34.00 -2.88 7.59
N PHE A 698 -32.74 -3.01 7.24
CA PHE A 698 -31.76 -2.05 7.70
C PHE A 698 -30.56 -2.04 6.77
N TRP A 699 -29.83 -0.93 6.77
CA TRP A 699 -28.62 -0.77 5.98
C TRP A 699 -27.39 -0.95 6.85
N LYS A 700 -26.28 -1.08 6.21
CA LYS A 700 -25.05 -1.21 6.97
C LYS A 700 -23.96 -0.30 6.43
N ALA A 701 -23.92 -0.12 5.13
CA ALA A 701 -22.97 0.74 4.44
C ALA A 701 -23.47 0.86 3.00
N LYS A 702 -22.60 1.32 2.11
CA LYS A 702 -22.91 1.31 0.69
C LYS A 702 -23.16 -0.12 0.21
N LYS A 703 -24.40 -0.41 -0.18
CA LYS A 703 -24.75 -1.67 -0.82
C LYS A 703 -24.55 -2.87 0.09
N ARG A 704 -25.02 -2.77 1.34
CA ARG A 704 -25.11 -3.91 2.25
C ARG A 704 -26.39 -3.72 3.07
N TYR A 705 -27.49 -4.25 2.58
CA TYR A 705 -28.76 -4.03 3.27
C TYR A 705 -29.35 -5.35 3.72
N ALA A 706 -30.57 -5.27 4.24
CA ALA A 706 -31.35 -6.46 4.54
C ALA A 706 -32.81 -6.04 4.59
N LEU A 707 -33.68 -6.81 3.94
CA LEU A 707 -35.08 -6.43 3.87
C LEU A 707 -35.98 -7.66 3.87
N ASN A 708 -37.05 -7.56 4.65
CA ASN A 708 -38.09 -8.58 4.72
C ASN A 708 -39.10 -8.29 3.61
N VAL A 709 -38.63 -8.47 2.37
CA VAL A 709 -39.43 -8.05 1.22
C VAL A 709 -40.72 -8.83 1.18
N TYR A 710 -41.84 -8.13 0.96
CA TYR A 710 -43.13 -8.77 0.91
C TYR A 710 -43.76 -8.78 -0.47
N ASP A 711 -43.30 -7.94 -1.39
CA ASP A 711 -43.91 -7.85 -2.71
C ASP A 711 -42.83 -7.47 -3.71
N MET A 712 -42.58 -8.35 -4.68
CA MET A 712 -41.56 -8.12 -5.70
C MET A 712 -42.22 -8.20 -7.07
N GLU A 713 -42.23 -7.07 -7.78
CA GLU A 713 -42.77 -6.98 -9.14
C GLU A 713 -44.23 -7.42 -9.19
N ASP A 714 -45.05 -6.82 -8.32
CA ASP A 714 -46.49 -7.06 -8.31
C ASP A 714 -46.82 -8.53 -8.11
N LYS A 715 -46.03 -9.20 -7.28
CA LYS A 715 -46.27 -10.61 -6.90
C LYS A 715 -46.36 -10.66 -5.39
N ARG A 716 -47.57 -10.74 -4.86
CA ARG A 716 -47.74 -10.83 -3.42
C ARG A 716 -47.11 -12.12 -2.91
N PHE A 717 -46.43 -12.02 -1.77
CA PHE A 717 -45.81 -13.17 -1.12
C PHE A 717 -46.69 -13.60 0.05
N ALA A 718 -47.12 -14.86 0.04
CA ALA A 718 -47.89 -15.38 1.16
C ALA A 718 -47.06 -15.46 2.43
N GLU A 719 -45.74 -15.54 2.31
CA GLU A 719 -44.81 -15.57 3.42
C GLU A 719 -43.71 -14.56 3.19
N PRO A 720 -43.07 -14.06 4.25
CA PRO A 720 -41.99 -13.09 4.05
C PRO A 720 -40.88 -13.67 3.20
N HIS A 721 -40.34 -12.83 2.31
CA HIS A 721 -39.25 -13.23 1.44
C HIS A 721 -38.02 -12.41 1.84
N LEU A 722 -37.02 -13.09 2.38
CA LEU A 722 -35.84 -12.40 2.86
C LEU A 722 -34.95 -12.00 1.68
N LYS A 723 -34.35 -10.82 1.77
CA LYS A 723 -33.54 -10.28 0.69
C LYS A 723 -32.35 -9.56 1.31
N ILE A 724 -31.15 -10.10 1.13
CA ILE A 724 -29.95 -9.51 1.68
C ILE A 724 -28.89 -9.45 0.60
N MET A 725 -27.97 -8.49 0.75
CA MET A 725 -26.81 -8.40 -0.12
C MET A 725 -25.63 -7.91 0.70
N GLY A 726 -24.43 -8.28 0.27
CA GLY A 726 -23.23 -7.75 0.86
C GLY A 726 -22.97 -8.13 2.31
N MET A 727 -23.90 -8.80 2.98
CA MET A 727 -23.66 -9.20 4.35
C MET A 727 -22.53 -10.24 4.40
N GLU A 728 -22.15 -10.63 5.62
CA GLU A 728 -21.11 -11.63 5.82
C GLU A 728 -21.68 -13.03 5.98
N THR A 729 -22.83 -13.30 5.38
CA THR A 729 -23.53 -14.57 5.56
C THR A 729 -23.17 -15.62 4.52
N GLN A 730 -22.33 -15.29 3.54
CA GLN A 730 -22.01 -16.21 2.46
C GLN A 730 -20.52 -16.42 2.26
N GLN A 731 -19.67 -15.83 3.10
CA GLN A 731 -18.23 -15.99 2.93
C GLN A 731 -17.82 -17.42 3.23
N SER A 732 -16.84 -17.90 2.47
CA SER A 732 -16.44 -19.30 2.53
C SER A 732 -15.65 -19.64 3.79
N SER A 733 -15.05 -18.65 4.45
CA SER A 733 -14.19 -18.93 5.60
C SER A 733 -14.97 -19.38 6.84
N THR A 734 -16.29 -19.31 6.81
CA THR A 734 -17.07 -19.68 7.98
C THR A 734 -17.82 -20.99 7.75
N PRO A 735 -18.07 -21.75 8.81
CA PRO A 735 -18.80 -23.01 8.64
C PRO A 735 -20.25 -22.79 8.27
N LYS A 736 -20.85 -23.83 7.70
CA LYS A 736 -22.24 -23.73 7.25
C LYS A 736 -23.19 -23.46 8.40
N ALA A 737 -22.93 -24.05 9.56
CA ALA A 737 -23.79 -23.77 10.71
C ALA A 737 -23.70 -22.31 11.11
N VAL A 738 -22.50 -21.73 11.03
CA VAL A 738 -22.33 -20.31 11.35
C VAL A 738 -23.18 -19.45 10.41
N GLN A 739 -23.13 -19.74 9.11
CA GLN A 739 -23.89 -18.95 8.15
C GLN A 739 -25.39 -19.16 8.33
N GLU A 740 -25.82 -20.38 8.61
CA GLU A 740 -27.24 -20.62 8.85
C GLU A 740 -27.72 -19.86 10.08
N ALA A 741 -26.90 -19.84 11.13
CA ALA A 741 -27.26 -19.10 12.33
C ALA A 741 -27.30 -17.60 12.05
N LEU A 742 -26.35 -17.11 11.24
CA LEU A 742 -26.36 -15.69 10.88
C LEU A 742 -27.62 -15.34 10.10
N GLU A 743 -28.02 -16.20 9.16
CA GLU A 743 -29.22 -15.93 8.39
C GLU A 743 -30.47 -16.02 9.26
N GLU A 744 -30.49 -16.94 10.22
CA GLU A 744 -31.62 -16.99 11.14
C GLU A 744 -31.66 -15.76 12.03
N SER A 745 -30.49 -15.27 12.45
CA SER A 745 -30.46 -14.03 13.22
C SER A 745 -30.96 -12.86 12.38
N ILE A 746 -30.63 -12.85 11.10
CA ILE A 746 -31.16 -11.84 10.20
C ILE A 746 -32.68 -11.94 10.16
N ARG A 747 -33.20 -13.17 10.00
CA ARG A 747 -34.64 -13.34 9.94
C ARG A 747 -35.30 -12.84 11.21
N ARG A 748 -34.66 -13.06 12.36
CA ARG A 748 -35.23 -12.59 13.62
C ARG A 748 -35.17 -11.08 13.71
N ILE A 749 -33.97 -10.50 13.57
CA ILE A 749 -33.77 -9.07 13.70
C ILE A 749 -34.62 -8.30 12.71
N LEU A 750 -35.04 -8.93 11.61
CA LEU A 750 -35.94 -8.29 10.67
C LEU A 750 -37.40 -8.49 11.04
N GLN A 751 -37.80 -9.77 11.17
CA GLN A 751 -39.23 -10.08 11.42
C GLN A 751 -39.53 -10.15 12.92
N GLU A 752 -38.75 -10.91 13.69
CA GLU A 752 -39.08 -11.12 15.13
C GLU A 752 -38.61 -9.93 15.98
N GLY A 753 -38.94 -9.95 17.28
CA GLY A 753 -38.60 -8.81 18.16
C GLY A 753 -37.23 -8.93 18.81
N GLU A 754 -36.93 -8.04 19.76
CA GLU A 754 -35.59 -8.03 20.41
C GLU A 754 -35.42 -9.30 21.26
N GLU A 755 -36.43 -9.64 22.07
CA GLU A 755 -36.32 -10.82 22.96
C GLU A 755 -35.94 -12.03 22.10
N SER A 756 -36.47 -12.09 20.88
CA SER A 756 -36.17 -13.23 19.96
C SER A 756 -34.68 -13.27 19.65
N VAL A 757 -34.11 -12.14 19.19
CA VAL A 757 -32.67 -12.10 18.82
C VAL A 757 -31.85 -12.30 20.10
N GLN A 758 -32.36 -11.83 21.24
CA GLN A 758 -31.62 -11.96 22.52
C GLN A 758 -31.54 -13.45 22.89
N GLU A 759 -32.68 -14.14 22.93
CA GLU A 759 -32.67 -15.53 23.34
C GLU A 759 -31.97 -16.41 22.32
N TYR A 760 -32.07 -16.06 21.03
CA TYR A 760 -31.39 -16.88 20.04
C TYR A 760 -29.88 -16.77 20.15
N TYR A 761 -29.37 -15.61 20.56
CA TYR A 761 -27.93 -15.49 20.74
C TYR A 761 -27.43 -16.49 21.76
N LYS A 762 -28.09 -16.58 22.92
CA LYS A 762 -27.63 -17.51 23.94
C LYS A 762 -27.93 -18.96 23.58
N ASN A 763 -29.04 -19.22 22.88
CA ASN A 763 -29.29 -20.59 22.44
C ASN A 763 -28.21 -21.06 21.47
N PHE A 764 -27.83 -20.22 20.52
CA PHE A 764 -26.76 -20.59 19.60
C PHE A 764 -25.41 -20.59 20.28
N GLU A 765 -25.23 -19.81 21.35
CA GLU A 765 -24.00 -19.90 22.11
C GLU A 765 -23.88 -21.25 22.79
N LYS A 766 -24.98 -21.74 23.37
CA LYS A 766 -24.97 -23.07 23.98
C LYS A 766 -24.74 -24.14 22.93
N GLU A 767 -25.43 -24.05 21.79
CA GLU A 767 -25.36 -25.08 20.78
C GLU A 767 -24.06 -25.04 19.99
N TYR A 768 -23.38 -23.90 19.96
CA TYR A 768 -22.28 -23.70 19.02
C TYR A 768 -21.09 -24.58 19.35
N ARG A 769 -20.83 -24.82 20.64
CA ARG A 769 -19.76 -25.73 20.99
C ARG A 769 -20.11 -27.18 20.72
N GLN A 770 -21.39 -27.49 20.51
CA GLN A 770 -21.82 -28.87 20.31
C GLN A 770 -21.81 -29.25 18.82
N LEU A 771 -20.71 -28.95 18.15
CA LEU A 771 -20.44 -29.44 16.80
C LEU A 771 -18.99 -29.91 16.74
N ASP A 772 -18.65 -30.54 15.62
CA ASP A 772 -17.32 -31.10 15.44
C ASP A 772 -16.27 -30.00 15.44
N TYR A 773 -15.08 -30.35 15.94
CA TYR A 773 -14.03 -29.35 16.06
C TYR A 773 -13.45 -28.96 14.69
N LYS A 774 -13.40 -29.88 13.74
CA LYS A 774 -12.72 -29.60 12.49
C LYS A 774 -13.55 -28.67 11.60
N VAL A 775 -14.87 -28.84 11.59
CA VAL A 775 -15.71 -27.96 10.77
C VAL A 775 -15.66 -26.53 11.28
N ILE A 776 -15.70 -26.34 12.60
CA ILE A 776 -15.64 -25.00 13.16
C ILE A 776 -14.30 -24.35 12.88
N ALA A 777 -13.21 -25.08 13.11
CA ALA A 777 -11.89 -24.50 12.98
C ALA A 777 -11.60 -24.07 11.55
N GLU A 778 -10.89 -22.96 11.42
CA GLU A 778 -10.54 -22.42 10.11
C GLU A 778 -9.27 -23.07 9.60
N VAL A 779 -8.86 -22.68 8.41
CA VAL A 779 -7.70 -23.25 7.74
C VAL A 779 -6.83 -22.12 7.19
N LYS A 780 -5.51 -22.25 7.33
CA LYS A 780 -4.58 -21.27 6.78
C LYS A 780 -3.45 -22.00 6.06
N THR A 781 -2.74 -21.25 5.22
CA THR A 781 -1.61 -21.79 4.45
C THR A 781 -0.32 -21.38 5.15
N ALA A 782 0.52 -22.36 5.48
CA ALA A 782 1.75 -22.14 6.21
C ALA A 782 2.94 -22.29 5.26
N ASN A 783 3.75 -21.24 5.16
CA ASN A 783 4.96 -21.26 4.36
C ASN A 783 6.09 -20.60 5.15
N ASP A 784 7.31 -21.07 4.90
CA ASP A 784 8.53 -20.58 5.55
C ASP A 784 8.45 -20.74 7.06
N ILE A 785 8.33 -22.01 7.48
CA ILE A 785 8.29 -22.32 8.91
C ILE A 785 9.62 -21.99 9.56
N ALA A 786 10.74 -22.31 8.89
CA ALA A 786 12.06 -22.09 9.47
C ALA A 786 12.34 -20.63 9.77
N LYS A 787 11.60 -19.71 9.16
CA LYS A 787 11.76 -18.30 9.49
C LYS A 787 11.30 -18.00 10.91
N TYR A 788 10.21 -18.65 11.35
CA TYR A 788 9.57 -18.29 12.60
C TYR A 788 9.53 -19.43 13.61
N ASP A 789 10.66 -20.12 13.81
CA ASP A 789 10.74 -21.15 14.83
C ASP A 789 12.01 -20.99 15.67
N ASP A 790 11.85 -21.17 16.98
CA ASP A 790 12.99 -21.30 17.90
C ASP A 790 12.61 -22.35 18.95
N LYS A 791 12.95 -23.60 18.66
CA LYS A 791 12.63 -24.74 19.51
C LYS A 791 11.14 -24.84 19.79
N GLY A 792 10.33 -24.46 18.80
CA GLY A 792 8.88 -24.55 18.91
C GLY A 792 8.20 -23.32 19.48
N TRP A 793 8.95 -22.43 20.14
CA TRP A 793 8.36 -21.23 20.70
C TRP A 793 8.02 -20.23 19.60
N PRO A 794 7.16 -19.25 19.88
CA PRO A 794 6.87 -18.22 18.89
C PRO A 794 8.12 -17.44 18.51
N GLY A 795 8.18 -17.01 17.26
CA GLY A 795 9.23 -16.16 16.76
C GLY A 795 8.83 -14.70 16.70
N PHE A 796 9.51 -13.95 15.84
CA PHE A 796 9.21 -12.54 15.63
C PHE A 796 7.97 -12.43 14.76
N LYS A 797 6.87 -11.95 15.37
CA LYS A 797 5.57 -11.88 14.70
C LYS A 797 5.21 -13.24 14.09
N CYS A 798 5.26 -14.26 14.92
CA CYS A 798 5.00 -15.62 14.46
C CYS A 798 3.53 -15.77 14.10
N PRO A 799 3.21 -16.23 12.88
CA PRO A 799 1.82 -16.38 12.50
C PRO A 799 1.11 -17.45 13.32
N PHE A 800 -0.22 -17.31 13.37
CA PHE A 800 -1.05 -18.23 14.15
C PHE A 800 -0.82 -19.68 13.72
N HIS A 801 -0.87 -19.93 12.41
CA HIS A 801 -0.66 -21.28 11.91
C HIS A 801 0.74 -21.79 12.22
N ILE A 802 1.75 -20.91 12.11
CA ILE A 802 3.11 -21.32 12.40
C ILE A 802 3.26 -21.70 13.86
N ARG A 803 2.72 -20.90 14.77
CA ARG A 803 2.79 -21.23 16.19
C ARG A 803 2.08 -22.54 16.48
N GLY A 804 0.88 -22.70 15.90
CA GLY A 804 0.14 -23.94 16.12
C GLY A 804 0.87 -25.17 15.63
N VAL A 805 1.47 -25.08 14.44
CA VAL A 805 2.16 -26.23 13.87
C VAL A 805 3.44 -26.53 14.65
N LEU A 806 4.13 -25.49 15.13
CA LEU A 806 5.30 -25.74 15.96
C LEU A 806 4.92 -26.43 17.26
N THR A 807 3.85 -25.97 17.91
CA THR A 807 3.40 -26.63 19.14
C THR A 807 2.96 -28.05 18.86
N TYR A 808 2.29 -28.30 17.73
CA TYR A 808 1.87 -29.65 17.38
C TYR A 808 3.08 -30.55 17.15
N ARG A 809 4.11 -30.05 16.47
CA ARG A 809 5.31 -30.85 16.26
C ARG A 809 6.01 -31.14 17.58
N ARG A 810 5.98 -30.18 18.52
CA ARG A 810 6.50 -30.45 19.85
C ARG A 810 5.65 -31.47 20.59
N ALA A 811 4.36 -31.54 20.28
CA ALA A 811 3.46 -32.43 21.01
C ALA A 811 3.66 -33.90 20.64
N VAL A 812 3.85 -34.18 19.35
CA VAL A 812 3.84 -35.55 18.86
C VAL A 812 5.18 -35.90 18.20
N SER A 813 6.26 -35.32 18.70
CA SER A 813 7.58 -35.61 18.15
C SER A 813 7.90 -37.09 18.28
N GLY A 814 8.22 -37.72 17.15
CA GLY A 814 8.57 -39.13 17.12
C GLY A 814 7.41 -40.07 17.27
N LEU A 815 6.18 -39.62 17.07
CA LEU A 815 5.00 -40.47 17.21
C LEU A 815 4.56 -41.10 15.89
N GLY A 816 5.27 -40.86 14.79
CA GLY A 816 5.06 -41.56 13.56
C GLY A 816 4.09 -40.93 12.58
N VAL A 817 3.37 -39.87 12.98
CA VAL A 817 2.45 -39.23 12.05
C VAL A 817 3.22 -38.45 11.00
N ALA A 818 2.54 -38.15 9.90
CA ALA A 818 3.18 -37.45 8.80
C ALA A 818 3.57 -36.04 9.23
N PRO A 819 4.82 -35.63 9.01
CA PRO A 819 5.22 -34.28 9.41
C PRO A 819 4.52 -33.21 8.60
N ILE A 820 4.37 -32.04 9.22
CA ILE A 820 3.72 -30.90 8.59
C ILE A 820 4.81 -29.95 8.09
N LEU A 821 4.86 -29.76 6.78
CA LEU A 821 5.88 -28.95 6.14
C LEU A 821 5.24 -27.74 5.47
N ASP A 822 6.07 -26.90 4.86
CA ASP A 822 5.59 -25.69 4.20
C ASP A 822 4.85 -26.04 2.92
N GLY A 823 3.92 -25.17 2.54
CA GLY A 823 3.18 -25.33 1.31
C GLY A 823 1.92 -26.15 1.42
N ASN A 824 1.63 -26.75 2.58
CA ASN A 824 0.47 -27.59 2.75
C ASN A 824 -0.60 -26.85 3.54
N LYS A 825 -1.84 -26.91 3.06
CA LYS A 825 -2.93 -26.18 3.67
C LYS A 825 -3.31 -26.84 5.00
N VAL A 826 -3.22 -26.09 6.09
CA VAL A 826 -3.25 -26.65 7.44
C VAL A 826 -4.38 -26.00 8.23
N MET A 827 -5.18 -26.83 8.90
CA MET A 827 -6.31 -26.33 9.69
C MET A 827 -5.85 -26.04 11.12
N VAL A 828 -6.32 -24.93 11.66
CA VAL A 828 -5.76 -24.29 12.84
C VAL A 828 -6.89 -23.89 13.78
N LEU A 829 -6.69 -24.11 15.08
CA LEU A 829 -7.62 -23.51 16.06
C LEU A 829 -6.86 -23.16 17.34
N PRO A 830 -7.30 -22.14 18.06
CA PRO A 830 -6.59 -21.72 19.28
C PRO A 830 -6.86 -22.71 20.42
N LEU A 831 -6.30 -22.38 21.59
CA LEU A 831 -6.53 -23.13 22.82
C LEU A 831 -6.72 -22.14 23.97
N ARG A 832 -7.39 -22.60 25.01
CA ARG A 832 -7.62 -21.75 26.18
C ARG A 832 -6.31 -21.54 26.94
N GLU A 833 -6.32 -20.54 27.81
CA GLU A 833 -5.16 -20.26 28.64
C GLU A 833 -4.92 -21.40 29.63
N GLY A 834 -3.66 -21.78 29.78
CA GLY A 834 -3.31 -22.85 30.71
C GLY A 834 -3.38 -24.25 30.13
N ASN A 835 -3.40 -24.39 28.81
CA ASN A 835 -3.41 -25.70 28.21
C ASN A 835 -2.10 -26.42 28.47
N PRO A 836 -2.12 -27.76 28.53
CA PRO A 836 -0.88 -28.51 28.81
C PRO A 836 0.16 -28.37 27.72
N PHE A 837 -0.23 -28.01 26.50
CA PHE A 837 0.73 -27.84 25.42
C PHE A 837 1.59 -26.59 25.61
N GLY A 838 1.20 -25.69 26.50
CA GLY A 838 1.95 -24.49 26.77
C GLY A 838 1.76 -23.37 25.78
N ASP A 839 0.94 -23.58 24.75
CA ASP A 839 0.71 -22.57 23.73
C ASP A 839 -0.78 -22.50 23.43
N LYS A 840 -1.22 -21.35 22.93
CA LYS A 840 -2.63 -21.07 22.71
C LYS A 840 -3.08 -21.39 21.29
N CYS A 841 -2.48 -22.38 20.65
CA CYS A 841 -2.77 -22.67 19.25
C CYS A 841 -2.51 -24.15 18.98
N ILE A 842 -3.11 -24.63 17.88
CA ILE A 842 -2.85 -25.99 17.40
C ILE A 842 -3.14 -26.00 15.92
N ALA A 843 -2.36 -26.80 15.19
CA ALA A 843 -2.41 -26.84 13.73
C ALA A 843 -2.08 -28.24 13.23
N TRP A 844 -2.84 -28.71 12.25
CA TRP A 844 -2.57 -30.01 11.65
C TRP A 844 -3.17 -30.04 10.25
N PRO A 845 -2.70 -30.93 9.39
CA PRO A 845 -3.15 -30.91 7.99
C PRO A 845 -4.66 -30.98 7.85
N SER A 846 -5.18 -30.19 6.92
CA SER A 846 -6.63 -30.00 6.80
C SER A 846 -7.31 -31.28 6.33
N GLY A 847 -8.51 -31.52 6.85
CA GLY A 847 -9.26 -32.72 6.53
C GLY A 847 -8.79 -33.90 7.35
N THR A 848 -7.48 -34.00 7.54
CA THR A 848 -6.89 -35.08 8.30
C THR A 848 -7.29 -34.96 9.77
N GLU A 849 -7.23 -36.10 10.46
CA GLU A 849 -7.61 -36.17 11.86
C GLU A 849 -6.37 -36.39 12.72
N LEU A 850 -6.22 -35.58 13.75
CA LEU A 850 -5.07 -35.65 14.63
C LEU A 850 -5.12 -36.91 15.49
N PRO A 851 -3.98 -37.34 16.03
CA PRO A 851 -3.95 -38.60 16.79
C PRO A 851 -4.88 -38.57 17.99
N LYS A 852 -5.41 -39.75 18.33
CA LYS A 852 -6.42 -39.86 19.37
C LYS A 852 -5.88 -39.50 20.74
N GLU A 853 -4.58 -39.74 20.98
CA GLU A 853 -4.02 -39.51 22.32
C GLU A 853 -4.16 -38.05 22.72
N ILE A 854 -3.90 -37.13 21.79
CA ILE A 854 -4.08 -35.70 22.03
C ILE A 854 -5.45 -35.22 21.58
N ARG A 855 -6.34 -36.13 21.18
CA ARG A 855 -7.66 -35.73 20.73
C ARG A 855 -8.56 -35.31 21.88
N SER A 856 -8.45 -35.99 23.02
CA SER A 856 -9.33 -35.71 24.15
C SER A 856 -9.11 -34.31 24.69
N ASP A 857 -7.88 -34.04 25.17
CA ASP A 857 -7.62 -32.78 25.86
C ASP A 857 -7.87 -31.58 24.94
N VAL A 858 -7.46 -31.69 23.67
CA VAL A 858 -7.66 -30.57 22.75
C VAL A 858 -9.14 -30.28 22.58
N LEU A 859 -9.99 -31.31 22.73
CA LEU A 859 -11.42 -31.06 22.71
C LEU A 859 -11.89 -30.45 24.03
N SER A 860 -11.31 -30.91 25.15
CA SER A 860 -11.72 -30.39 26.45
C SER A 860 -11.16 -29.01 26.72
N TRP A 861 -9.99 -28.70 26.17
CA TRP A 861 -9.34 -27.43 26.43
C TRP A 861 -9.76 -26.33 25.47
N ILE A 862 -10.74 -26.60 24.60
CA ILE A 862 -11.31 -25.59 23.71
C ILE A 862 -12.80 -25.43 23.91
N ASP A 863 -13.39 -26.10 24.89
CA ASP A 863 -14.82 -26.01 25.16
C ASP A 863 -15.21 -24.57 25.49
N HIS A 864 -16.29 -24.10 24.84
CA HIS A 864 -16.84 -22.76 25.06
C HIS A 864 -15.76 -21.68 24.85
N SER A 865 -14.96 -21.87 23.81
CA SER A 865 -13.86 -20.95 23.52
C SER A 865 -14.43 -19.61 23.04
N THR A 866 -13.55 -18.66 22.78
CA THR A 866 -13.96 -17.33 22.37
C THR A 866 -13.86 -17.13 20.86
N LEU A 867 -13.36 -18.13 20.13
CA LEU A 867 -13.10 -18.00 18.70
C LEU A 867 -14.31 -17.48 17.93
N PHE A 868 -15.52 -17.89 18.33
CA PHE A 868 -16.69 -17.45 17.60
C PHE A 868 -16.99 -15.97 17.82
N GLN A 869 -16.32 -15.33 18.78
CA GLN A 869 -16.32 -13.87 18.80
C GLN A 869 -15.61 -13.31 17.58
N LYS A 870 -14.59 -14.02 17.09
CA LYS A 870 -13.89 -13.65 15.87
C LYS A 870 -14.60 -14.15 14.61
N SER A 871 -15.67 -14.93 14.75
CA SER A 871 -16.40 -15.47 13.61
C SER A 871 -17.83 -15.00 13.54
N PHE A 872 -18.60 -15.16 14.60
CA PHE A 872 -20.03 -14.93 14.53
C PHE A 872 -20.51 -13.74 15.36
N VAL A 873 -19.91 -13.50 16.53
CA VAL A 873 -20.37 -12.39 17.36
C VAL A 873 -20.02 -11.05 16.74
N LYS A 874 -18.84 -10.95 16.14
CA LYS A 874 -18.45 -9.67 15.52
C LYS A 874 -19.38 -9.27 14.38
N PRO A 875 -19.67 -10.12 13.39
CA PRO A 875 -20.68 -9.71 12.40
C PRO A 875 -22.05 -9.45 12.99
N LEU A 876 -22.46 -10.23 13.99
CA LEU A 876 -23.75 -10.00 14.59
C LEU A 876 -23.82 -8.63 15.24
N ALA A 877 -22.76 -8.22 15.90
CA ALA A 877 -22.70 -6.86 16.44
C ALA A 877 -22.72 -5.83 15.33
N GLY A 878 -21.97 -6.08 14.26
CA GLY A 878 -21.93 -5.12 13.16
C GLY A 878 -23.30 -4.87 12.55
N MET A 879 -24.11 -5.92 12.46
CA MET A 879 -25.48 -5.75 11.98
C MET A 879 -26.38 -5.12 13.03
N CYS A 880 -26.42 -5.70 14.23
CA CYS A 880 -27.39 -5.27 15.23
C CYS A 880 -27.19 -3.82 15.62
N GLU A 881 -25.93 -3.36 15.69
CA GLU A 881 -25.67 -1.97 16.03
C GLU A 881 -26.32 -1.03 15.02
N SER A 882 -26.19 -1.33 13.73
CA SER A 882 -26.86 -0.54 12.71
C SER A 882 -28.36 -0.78 12.70
N ALA A 883 -28.84 -1.83 13.38
CA ALA A 883 -30.25 -2.11 13.46
C ALA A 883 -30.94 -1.44 14.63
N GLY A 884 -30.25 -0.61 15.39
CA GLY A 884 -30.85 0.01 16.55
C GLY A 884 -31.21 -0.94 17.66
N MET A 885 -30.33 -1.89 17.97
CA MET A 885 -30.60 -2.92 18.96
C MET A 885 -29.29 -3.56 19.38
N ASP A 886 -29.33 -4.22 20.54
CA ASP A 886 -28.19 -4.99 21.00
C ASP A 886 -28.64 -6.39 21.40
N TYR A 887 -27.77 -7.36 21.14
CA TYR A 887 -28.13 -8.77 21.31
C TYR A 887 -28.09 -9.19 22.76
N GLU A 888 -26.95 -9.03 23.42
CA GLU A 888 -26.80 -9.36 24.83
C GLU A 888 -27.23 -8.17 25.65
N GLU A 889 -28.28 -8.35 26.44
CA GLU A 889 -28.90 -7.25 27.17
C GLU A 889 -27.91 -6.66 28.17
N LYS A 890 -27.56 -5.39 27.99
CA LYS A 890 -26.64 -4.69 28.89
C LYS A 890 -27.47 -4.04 29.99
N ALA A 891 -27.77 -4.83 31.02
CA ALA A 891 -28.56 -4.32 32.14
C ALA A 891 -27.75 -3.32 32.95
N SER A 892 -28.43 -2.28 33.43
CA SER A 892 -27.79 -1.25 34.24
C SER A 892 -28.86 -0.55 35.07
N LEU A 893 -28.47 0.57 35.69
CA LEU A 893 -29.34 1.31 36.60
C LEU A 893 -30.09 2.44 35.91
N ASP A 894 -30.07 2.49 34.58
CA ASP A 894 -30.61 3.64 33.87
C ASP A 894 -32.05 3.92 34.25
N PHE A 895 -32.82 2.88 34.59
CA PHE A 895 -34.22 3.08 34.94
C PHE A 895 -34.38 3.67 36.33
N LEU A 896 -33.37 3.56 37.20
CA LEU A 896 -33.38 4.30 38.46
C LEU A 896 -33.04 5.76 38.28
N PHE A 897 -32.15 6.09 37.34
CA PHE A 897 -31.74 7.49 37.19
C PHE A 897 -32.91 8.36 36.76
N GLY A 898 -33.75 7.87 35.86
CA GLY A 898 -34.93 8.60 35.44
C GLY A 898 -36.12 8.33 36.34
N MET B 1 38.15 -1.78 52.22
CA MET B 1 37.14 -0.74 52.40
C MET B 1 36.21 -1.08 53.55
N LYS B 2 35.74 -0.04 54.24
CA LYS B 2 34.76 -0.17 55.32
C LYS B 2 33.66 0.86 55.05
N LEU B 3 32.65 0.46 54.30
CA LEU B 3 31.61 1.38 53.85
C LEU B 3 30.42 1.29 54.80
N SER B 4 30.09 2.43 55.43
CA SER B 4 28.95 2.48 56.34
C SER B 4 27.65 2.58 55.54
N LYS B 5 26.53 2.40 56.26
CA LYS B 5 25.23 2.46 55.62
C LYS B 5 24.97 3.83 55.00
N ASP B 6 25.37 4.90 55.70
CA ASP B 6 25.24 6.23 55.13
C ASP B 6 26.09 6.35 53.86
N THR B 7 27.30 5.79 53.87
CA THR B 7 28.12 5.79 52.67
C THR B 7 27.46 5.00 51.55
N THR B 8 26.82 3.88 51.88
CA THR B 8 26.11 3.11 50.87
C THR B 8 24.98 3.91 50.25
N ALA B 9 24.22 4.64 51.07
CA ALA B 9 23.17 5.49 50.53
C ALA B 9 23.74 6.60 49.66
N LEU B 10 24.87 7.18 50.08
CA LEU B 10 25.49 8.23 49.28
C LEU B 10 25.93 7.70 47.91
N LEU B 11 26.54 6.52 47.88
CA LEU B 11 26.93 5.97 46.60
C LEU B 11 25.72 5.48 45.80
N LYS B 12 24.61 5.17 46.47
CA LYS B 12 23.37 4.94 45.75
C LYS B 12 22.91 6.19 45.03
N ASN B 13 22.98 7.34 45.71
CA ASN B 13 22.66 8.61 45.06
C ASN B 13 23.60 8.87 43.89
N PHE B 14 24.89 8.61 44.08
CA PHE B 14 25.85 8.77 43.00
C PHE B 14 25.51 7.84 41.83
N ALA B 15 25.09 6.62 42.14
CA ALA B 15 24.70 5.67 41.10
C ALA B 15 23.51 6.18 40.31
N THR B 16 22.53 6.77 41.00
CA THR B 16 21.44 7.41 40.27
C THR B 16 21.96 8.51 39.39
N ILE B 17 22.93 9.29 39.87
CA ILE B 17 23.53 10.33 39.03
C ILE B 17 24.32 9.70 37.89
N ASN B 18 25.17 8.73 38.21
CA ASN B 18 26.03 8.13 37.19
C ASN B 18 26.28 6.67 37.52
N SER B 19 26.20 5.82 36.51
CA SER B 19 26.36 4.39 36.72
C SER B 19 27.75 4.04 37.23
N GLY B 20 28.78 4.71 36.72
CA GLY B 20 30.15 4.40 37.08
C GLY B 20 30.78 5.48 37.93
N ILE B 21 31.47 5.05 38.99
CA ILE B 21 32.13 5.97 39.93
C ILE B 21 33.53 5.46 40.23
N MET B 22 34.38 6.36 40.74
CA MET B 22 35.73 6.03 41.15
C MET B 22 35.92 6.43 42.61
N LEU B 23 36.50 5.52 43.40
CA LEU B 23 36.72 5.73 44.83
C LEU B 23 38.15 6.17 45.06
N LYS B 24 38.40 7.47 44.98
CA LYS B 24 39.71 8.00 45.29
C LYS B 24 40.02 7.82 46.77
N SER B 25 41.30 7.68 47.08
CA SER B 25 41.72 7.41 48.45
C SER B 25 41.37 8.59 49.37
N GLY B 26 41.07 8.26 50.63
CA GLY B 26 40.75 9.25 51.63
C GLY B 26 39.36 9.06 52.18
N GLN B 27 38.71 10.18 52.52
CA GLN B 27 37.34 10.17 53.02
C GLN B 27 36.45 11.09 52.20
N PHE B 28 36.73 11.20 50.89
CA PHE B 28 35.99 12.07 50.00
C PHE B 28 35.63 11.31 48.73
N ILE B 29 34.43 11.58 48.21
CA ILE B 29 33.94 10.95 46.99
C ILE B 29 33.33 12.02 46.10
N MET B 30 33.31 11.76 44.80
CA MET B 30 32.75 12.70 43.84
C MET B 30 32.40 11.97 42.56
N THR B 31 31.56 12.60 41.76
CA THR B 31 31.11 12.03 40.48
C THR B 31 30.48 13.12 39.65
N ARG B 32 30.23 12.79 38.38
CA ARG B 32 29.54 13.68 37.45
C ARG B 32 28.66 12.85 36.53
N ALA B 33 27.69 13.51 35.93
CA ALA B 33 26.77 12.82 35.03
C ALA B 33 27.47 12.41 33.74
N VAL B 34 26.90 11.41 33.07
CA VAL B 34 27.47 10.92 31.83
C VAL B 34 27.48 12.02 30.78
N ASN B 35 26.37 12.75 30.66
CA ASN B 35 26.34 13.88 29.75
C ASN B 35 27.03 15.11 30.34
N GLY B 36 27.47 15.05 31.59
CA GLY B 36 28.13 16.17 32.20
C GLY B 36 27.24 17.36 32.48
N THR B 37 26.00 17.13 32.89
CA THR B 37 25.10 18.20 33.28
C THR B 37 24.83 18.24 34.78
N THR B 38 25.54 17.45 35.57
CA THR B 38 25.32 17.40 37.02
C THR B 38 26.56 16.83 37.69
N TYR B 39 26.99 17.47 38.78
CA TYR B 39 28.15 17.06 39.55
C TYR B 39 27.70 16.76 40.97
N ALA B 40 28.43 15.89 41.66
CA ALA B 40 28.13 15.62 43.07
C ALA B 40 29.42 15.26 43.79
N GLU B 41 29.39 15.45 45.10
CA GLU B 41 30.54 15.15 45.96
C GLU B 41 30.01 14.87 47.37
N ALA B 42 30.88 14.31 48.20
CA ALA B 42 30.51 14.00 49.58
C ALA B 42 31.77 13.78 50.39
N ASN B 43 31.77 14.31 51.61
CA ASN B 43 32.87 14.11 52.55
C ASN B 43 32.46 12.99 53.52
N ILE B 44 32.62 11.75 53.04
CA ILE B 44 32.18 10.59 53.82
C ILE B 44 33.07 10.43 55.05
N SER B 45 32.57 9.65 56.00
CA SER B 45 33.29 9.36 57.23
C SER B 45 34.12 8.08 57.16
N ASP B 46 34.16 7.42 56.01
CA ASP B 46 34.90 6.18 55.84
C ASP B 46 36.18 6.43 55.05
N VAL B 47 37.25 5.74 55.45
CA VAL B 47 38.56 5.91 54.84
C VAL B 47 38.64 5.07 53.57
N ILE B 48 39.37 5.60 52.59
CA ILE B 48 39.65 4.91 51.34
C ILE B 48 41.16 4.92 51.14
N ASP B 49 41.74 3.77 50.82
CA ASP B 49 43.18 3.63 50.73
C ASP B 49 43.71 3.54 49.31
N PHE B 50 42.85 3.37 48.30
CA PHE B 50 43.32 3.30 46.93
C PHE B 50 42.17 3.64 45.99
N ASP B 51 42.53 3.96 44.75
CA ASP B 51 41.56 4.30 43.72
C ASP B 51 41.08 3.05 42.99
N VAL B 52 39.81 3.05 42.61
CA VAL B 52 39.21 1.93 41.88
C VAL B 52 38.02 2.45 41.10
N ALA B 53 37.87 1.98 39.87
CA ALA B 53 36.77 2.37 38.99
C ALA B 53 35.78 1.22 38.88
N ILE B 54 34.50 1.52 39.06
CA ILE B 54 33.45 0.51 39.03
C ILE B 54 32.42 0.93 38.00
N TYR B 55 32.07 0.02 37.09
CA TYR B 55 31.12 0.34 36.04
C TYR B 55 29.68 0.41 36.56
N ASP B 56 29.29 -0.55 37.40
CA ASP B 56 27.94 -0.63 37.93
C ASP B 56 27.98 -0.58 39.45
N LEU B 57 26.99 0.07 40.04
CA LEU B 57 26.95 0.25 41.48
C LEU B 57 25.75 -0.38 42.17
N ASN B 58 24.59 -0.44 41.50
CA ASN B 58 23.40 -1.00 42.14
C ASN B 58 23.60 -2.47 42.49
N GLY B 59 24.19 -3.23 41.56
CA GLY B 59 24.55 -4.61 41.88
C GLY B 59 25.60 -4.67 42.97
N PHE B 60 26.58 -3.77 42.92
CA PHE B 60 27.57 -3.70 43.98
C PHE B 60 26.91 -3.36 45.32
N LEU B 61 25.94 -2.45 45.30
CA LEU B 61 25.21 -2.13 46.52
C LEU B 61 24.45 -3.34 47.06
N GLY B 62 23.80 -4.10 46.17
CA GLY B 62 23.12 -5.30 46.61
C GLY B 62 24.07 -6.30 47.22
N ILE B 63 25.23 -6.50 46.59
CA ILE B 63 26.22 -7.44 47.12
C ILE B 63 26.72 -6.98 48.48
N LEU B 64 26.98 -5.69 48.63
CA LEU B 64 27.38 -5.16 49.93
C LEU B 64 26.27 -5.34 50.97
N SER B 65 25.01 -5.24 50.55
CA SER B 65 23.90 -5.45 51.46
C SER B 65 23.81 -6.91 51.91
N LEU B 66 24.16 -7.85 51.04
CA LEU B 66 24.12 -9.26 51.43
C LEU B 66 25.08 -9.55 52.57
N VAL B 67 26.26 -8.95 52.54
CA VAL B 67 27.29 -9.21 53.53
C VAL B 67 27.21 -8.15 54.61
N ASN B 68 27.90 -8.39 55.72
CA ASN B 68 27.91 -7.45 56.83
C ASN B 68 28.64 -6.16 56.43
N ASP B 69 28.36 -5.11 57.21
CA ASP B 69 28.99 -3.81 56.95
C ASP B 69 30.48 -3.82 57.23
N ASP B 70 30.98 -4.81 57.96
CA ASP B 70 32.38 -4.86 58.37
C ASP B 70 33.25 -5.64 57.40
N ALA B 71 32.71 -6.06 56.26
CA ALA B 71 33.52 -6.75 55.27
C ALA B 71 34.58 -5.81 54.70
N GLU B 72 35.74 -6.37 54.39
CA GLU B 72 36.88 -5.61 53.91
C GLU B 72 36.99 -5.77 52.40
N ILE B 73 37.01 -4.64 51.69
CA ILE B 73 37.07 -4.63 50.23
C ILE B 73 38.40 -4.03 49.82
N SER B 74 39.13 -4.74 48.94
CA SER B 74 40.43 -4.29 48.50
C SER B 74 40.61 -4.69 47.03
N GLN B 75 41.79 -4.40 46.51
CA GLN B 75 42.14 -4.76 45.13
C GLN B 75 42.53 -6.23 45.09
N SER B 76 41.84 -7.00 44.27
CA SER B 76 42.15 -8.42 44.15
C SER B 76 43.49 -8.61 43.42
N GLU B 77 44.12 -9.76 43.68
CA GLU B 77 45.42 -10.04 43.09
C GLU B 77 45.35 -10.23 41.59
N ASP B 78 44.17 -10.52 41.03
CA ASP B 78 44.00 -10.73 39.60
C ASP B 78 43.51 -9.46 38.90
N GLY B 79 43.84 -8.29 39.44
CA GLY B 79 43.37 -7.05 38.85
C GLY B 79 41.87 -6.86 38.92
N ASN B 80 41.26 -7.21 40.05
CA ASN B 80 39.82 -7.08 40.24
C ASN B 80 39.57 -6.59 41.67
N ILE B 81 38.31 -6.68 42.09
CA ILE B 81 37.90 -6.23 43.41
C ILE B 81 37.59 -7.44 44.27
N LYS B 82 38.23 -7.54 45.43
CA LYS B 82 38.05 -8.66 46.34
C LYS B 82 37.36 -8.17 47.62
N ILE B 83 36.26 -8.84 47.97
CA ILE B 83 35.50 -8.54 49.17
C ILE B 83 35.60 -9.74 50.10
N ALA B 84 36.03 -9.50 51.33
CA ALA B 84 36.21 -10.57 52.31
C ALA B 84 35.33 -10.28 53.52
N ASP B 85 34.35 -11.14 53.76
CA ASP B 85 33.56 -11.09 54.98
C ASP B 85 34.20 -12.01 56.01
N ALA B 86 33.50 -12.28 57.11
CA ALA B 86 34.00 -13.23 58.08
C ALA B 86 34.07 -14.64 57.50
N ARG B 87 33.26 -14.93 56.48
CA ARG B 87 33.23 -16.26 55.89
C ARG B 87 33.37 -16.22 54.38
N SER B 88 32.79 -15.21 53.74
CA SER B 88 32.60 -15.19 52.29
C SER B 88 33.70 -14.39 51.59
N THR B 89 34.00 -14.82 50.36
CA THR B 89 34.92 -14.12 49.48
C THR B 89 34.21 -13.86 48.16
N ILE B 90 34.23 -12.62 47.70
CA ILE B 90 33.48 -12.16 46.54
C ILE B 90 34.45 -11.51 45.55
N PHE B 91 34.33 -11.89 44.29
CA PHE B 91 35.13 -11.31 43.21
C PHE B 91 34.24 -10.43 42.35
N TRP B 92 34.68 -9.20 42.10
CA TRP B 92 33.95 -8.27 41.25
C TRP B 92 34.90 -7.77 40.16
N PRO B 93 34.43 -7.71 38.90
CA PRO B 93 35.31 -7.25 37.82
C PRO B 93 35.71 -5.79 37.99
N ALA B 94 36.89 -5.48 37.48
CA ALA B 94 37.44 -4.13 37.54
C ALA B 94 37.42 -3.50 36.16
N ALA B 95 36.98 -2.26 36.08
CA ALA B 95 36.89 -1.54 34.82
C ALA B 95 38.07 -0.59 34.66
N ASP B 96 38.42 -0.31 33.41
CA ASP B 96 39.48 0.65 33.13
C ASP B 96 39.05 2.05 33.57
N PRO B 97 39.94 2.82 34.19
CA PRO B 97 39.56 4.19 34.59
C PRO B 97 39.13 5.06 33.43
N SER B 98 39.72 4.88 32.25
CA SER B 98 39.33 5.67 31.09
C SER B 98 37.96 5.28 30.55
N THR B 99 37.46 4.11 30.91
CA THR B 99 36.15 3.65 30.45
C THR B 99 35.01 4.16 31.31
N VAL B 100 35.31 4.96 32.34
CA VAL B 100 34.31 5.49 33.25
C VAL B 100 34.35 7.01 33.19
N VAL B 101 33.18 7.63 33.05
CA VAL B 101 33.11 9.08 33.02
C VAL B 101 33.17 9.61 34.45
N ALA B 102 34.12 10.50 34.71
CA ALA B 102 34.32 11.06 36.03
C ALA B 102 35.12 12.34 35.90
N PRO B 103 35.00 13.28 36.84
CA PRO B 103 35.72 14.55 36.72
C PRO B 103 37.20 14.37 37.05
N ASN B 104 37.95 15.47 36.87
CA ASN B 104 39.37 15.48 37.15
C ASN B 104 39.65 15.90 38.60
N LYS B 105 39.20 17.10 38.97
CA LYS B 105 39.44 17.64 40.30
C LYS B 105 38.11 18.15 40.86
N PRO B 106 37.99 18.23 42.19
CA PRO B 106 36.74 18.70 42.78
C PRO B 106 36.43 20.13 42.36
N ILE B 107 35.14 20.40 42.19
CA ILE B 107 34.67 21.70 41.70
C ILE B 107 34.87 22.77 42.76
N PRO B 108 35.61 23.83 42.47
CA PRO B 108 35.61 25.02 43.33
C PRO B 108 34.42 25.90 43.01
N PHE B 109 33.41 25.85 43.87
CA PHE B 109 32.22 26.65 43.64
C PHE B 109 32.52 28.12 43.89
N PRO B 110 32.22 29.01 42.95
CA PRO B 110 32.51 30.43 43.16
C PRO B 110 31.64 31.05 44.24
N VAL B 111 31.78 32.36 44.45
CA VAL B 111 31.00 33.04 45.48
C VAL B 111 29.52 32.92 45.15
N ALA B 112 28.72 32.57 46.16
CA ALA B 112 27.28 32.40 45.98
C ALA B 112 26.63 33.74 45.72
N SER B 113 26.23 33.96 44.46
CA SER B 113 25.53 35.21 44.14
C SER B 113 24.19 35.29 44.86
N ALA B 114 23.54 34.15 45.11
CA ALA B 114 22.32 34.11 45.89
C ALA B 114 22.38 32.95 46.87
N VAL B 115 21.77 33.15 48.04
CA VAL B 115 21.73 32.15 49.10
C VAL B 115 20.28 31.92 49.50
N THR B 116 19.89 30.65 49.61
CA THR B 116 18.55 30.28 50.07
C THR B 116 18.65 28.96 50.81
N GLU B 117 17.63 28.66 51.62
CA GLU B 117 17.61 27.46 52.45
C GLU B 117 16.37 26.65 52.11
N ILE B 118 16.54 25.57 51.35
CA ILE B 118 15.43 24.72 50.94
C ILE B 118 15.31 23.59 51.94
N LYS B 119 14.12 23.46 52.53
CA LYS B 119 13.89 22.46 53.58
C LYS B 119 13.66 21.08 52.98
N ALA B 120 13.80 20.06 53.83
CA ALA B 120 13.66 18.69 53.37
C ALA B 120 12.26 18.43 52.84
N GLU B 121 11.24 18.79 53.62
CA GLU B 121 9.87 18.45 53.25
C GLU B 121 9.45 19.17 51.97
N ASP B 122 9.85 20.44 51.81
CA ASP B 122 9.47 21.18 50.62
C ASP B 122 10.12 20.60 49.37
N LEU B 123 11.43 20.33 49.45
CA LEU B 123 12.13 19.76 48.30
C LEU B 123 11.56 18.40 47.93
N GLN B 124 11.30 17.57 48.94
CA GLN B 124 10.75 16.24 48.68
C GLN B 124 9.35 16.32 48.10
N GLN B 125 8.53 17.25 48.60
CA GLN B 125 7.21 17.45 48.02
C GLN B 125 7.31 17.87 46.57
N LEU B 126 8.26 18.76 46.27
CA LEU B 126 8.48 19.16 44.89
C LEU B 126 8.82 17.96 44.02
N LEU B 127 9.72 17.10 44.50
CA LEU B 127 10.10 15.93 43.72
C LEU B 127 8.92 14.99 43.49
N ARG B 128 8.13 14.73 44.53
CA ARG B 128 6.98 13.84 44.36
C ARG B 128 5.96 14.43 43.41
N VAL B 129 5.67 15.72 43.53
CA VAL B 129 4.66 16.32 42.66
C VAL B 129 5.17 16.54 41.24
N SER B 130 6.48 16.45 41.02
CA SER B 130 7.01 16.60 39.67
C SER B 130 6.35 15.61 38.71
N ARG B 131 6.27 14.34 39.12
CA ARG B 131 5.66 13.34 38.24
C ARG B 131 4.16 13.56 38.11
N GLY B 132 3.50 14.02 39.17
CA GLY B 132 2.07 14.21 39.10
C GLY B 132 1.66 15.31 38.15
N LEU B 133 2.39 16.43 38.16
CA LEU B 133 2.05 17.60 37.36
C LEU B 133 2.80 17.63 36.04
N GLN B 134 3.40 16.52 35.64
CA GLN B 134 4.19 16.38 34.41
C GLN B 134 5.02 17.63 34.14
N ILE B 135 5.79 18.03 35.14
CA ILE B 135 6.70 19.15 34.98
C ILE B 135 8.05 18.61 34.51
N ASP B 136 8.76 19.43 33.73
CA ASP B 136 10.08 19.07 33.26
C ASP B 136 11.13 20.13 33.53
N THR B 137 10.74 21.35 33.91
CA THR B 137 11.74 22.30 34.36
C THR B 137 11.15 23.15 35.47
N ILE B 138 12.01 23.81 36.23
CA ILE B 138 11.58 24.69 37.30
C ILE B 138 12.42 25.97 37.27
N ALA B 139 11.75 27.09 37.51
CA ALA B 139 12.37 28.40 37.53
C ALA B 139 12.41 28.89 38.97
N ILE B 140 13.61 29.18 39.46
CA ILE B 140 13.78 29.84 40.76
C ILE B 140 14.05 31.31 40.49
N THR B 141 13.26 32.17 41.12
CA THR B 141 13.23 33.58 40.74
C THR B 141 12.75 34.40 41.91
N VAL B 142 12.50 35.68 41.66
CA VAL B 142 12.08 36.64 42.68
C VAL B 142 10.68 37.13 42.35
N LYS B 143 9.79 37.02 43.33
CA LYS B 143 8.42 37.51 43.20
C LYS B 143 8.03 38.19 44.50
N GLU B 144 7.60 39.45 44.40
CA GLU B 144 7.26 40.32 45.55
C GLU B 144 8.25 40.13 46.70
N GLY B 145 9.53 40.24 46.37
CA GLY B 145 10.58 40.21 47.37
C GLY B 145 10.88 38.86 47.97
N LYS B 146 10.31 37.78 47.42
CA LYS B 146 10.50 36.44 47.92
C LYS B 146 11.16 35.58 46.85
N ILE B 147 12.08 34.73 47.26
CA ILE B 147 12.68 33.75 46.36
C ILE B 147 11.73 32.57 46.27
N VAL B 148 11.30 32.25 45.04
CA VAL B 148 10.27 31.25 44.82
C VAL B 148 10.71 30.29 43.72
N ILE B 149 10.09 29.11 43.72
CA ILE B 149 10.28 28.11 42.67
C ILE B 149 8.93 27.85 42.02
N ASN B 150 8.91 27.89 40.70
CA ASN B 150 7.69 27.64 39.93
C ASN B 150 7.99 26.58 38.89
N GLY B 151 7.14 25.54 38.81
CA GLY B 151 7.36 24.45 37.89
C GLY B 151 6.66 24.70 36.57
N PHE B 152 7.39 24.47 35.49
CA PHE B 152 6.88 24.69 34.14
C PHE B 152 7.10 23.44 33.29
N ASN B 153 6.07 23.10 32.50
CA ASN B 153 6.12 22.02 31.54
C ASN B 153 6.62 22.58 30.21
N LYS B 154 7.83 22.17 29.81
CA LYS B 154 8.40 22.69 28.58
C LYS B 154 7.67 22.18 27.35
N VAL B 155 7.02 21.02 27.45
CA VAL B 155 6.40 20.41 26.28
C VAL B 155 5.23 21.26 25.79
N GLU B 156 4.38 21.74 26.70
CA GLU B 156 3.21 22.52 26.34
C GLU B 156 3.43 24.02 26.44
N ASP B 157 4.65 24.46 26.76
CA ASP B 157 4.99 25.89 26.73
C ASP B 157 6.49 25.99 26.55
N SER B 158 6.92 26.30 25.32
CA SER B 158 8.34 26.47 25.06
C SER B 158 8.87 27.77 25.66
N ALA B 159 8.00 28.72 25.97
CA ALA B 159 8.42 29.99 26.55
C ALA B 159 8.46 29.97 28.07
N LEU B 160 8.00 28.89 28.71
CA LEU B 160 8.01 28.75 30.16
C LEU B 160 7.27 29.92 30.82
N THR B 161 5.98 30.01 30.50
CA THR B 161 5.14 31.09 30.99
C THR B 161 3.88 30.62 31.72
N ARG B 162 3.55 29.33 31.64
CA ARG B 162 2.32 28.81 32.24
C ARG B 162 2.64 28.22 33.61
N VAL B 163 2.21 28.91 34.66
CA VAL B 163 2.38 28.39 36.01
C VAL B 163 1.53 27.15 36.20
N LYS B 164 2.11 26.15 36.87
CA LYS B 164 1.38 24.93 37.19
C LYS B 164 1.47 24.64 38.68
N TYR B 165 2.60 25.00 39.29
CA TYR B 165 2.84 24.71 40.70
C TYR B 165 3.90 25.67 41.20
N SER B 166 3.59 26.41 42.27
CA SER B 166 4.47 27.43 42.79
C SER B 166 4.73 27.20 44.27
N LEU B 167 5.98 27.36 44.67
CA LEU B 167 6.40 27.16 46.05
C LEU B 167 7.33 28.28 46.45
N THR B 168 7.19 28.74 47.69
CA THR B 168 7.95 29.88 48.20
C THR B 168 9.04 29.41 49.15
N LEU B 169 10.11 30.21 49.25
CA LEU B 169 11.21 29.92 50.14
C LEU B 169 11.33 30.94 51.27
N GLY B 170 11.44 32.22 50.95
CA GLY B 170 11.59 33.23 51.97
C GLY B 170 11.95 34.55 51.34
N ASP B 171 11.92 35.58 52.18
CA ASP B 171 12.16 36.95 51.72
C ASP B 171 13.55 37.08 51.11
N TYR B 172 13.62 37.76 49.97
CA TYR B 172 14.88 38.08 49.31
C TYR B 172 15.13 39.56 49.52
N ASP B 173 16.25 39.89 50.16
CA ASP B 173 16.62 41.27 50.45
C ASP B 173 17.61 41.74 49.39
N GLY B 174 17.07 42.09 48.23
CA GLY B 174 17.88 42.60 47.13
C GLY B 174 17.02 42.97 45.96
N GLU B 175 17.60 43.79 45.08
CA GLU B 175 16.92 44.24 43.87
C GLU B 175 17.44 43.56 42.62
N ASN B 176 18.27 42.53 42.76
CA ASN B 176 18.83 41.81 41.62
C ASN B 176 17.80 40.80 41.12
N THR B 177 16.82 41.31 40.39
CA THR B 177 15.76 40.47 39.86
C THR B 177 16.30 39.54 38.78
N PHE B 178 15.89 38.28 38.83
CA PHE B 178 16.31 37.29 37.84
C PHE B 178 15.29 36.18 37.77
N ASN B 179 15.34 35.42 36.68
CA ASN B 179 14.45 34.28 36.44
C ASN B 179 15.31 33.13 35.95
N PHE B 180 15.84 32.35 36.88
CA PHE B 180 16.65 31.18 36.53
C PHE B 180 15.77 30.08 35.96
N ILE B 181 16.42 28.98 35.57
CA ILE B 181 15.70 27.81 35.08
C ILE B 181 16.59 26.58 35.31
N ILE B 182 15.97 25.49 35.75
CA ILE B 182 16.67 24.25 36.06
C ILE B 182 15.91 23.09 35.43
N ASN B 183 16.64 22.20 34.78
CA ASN B 183 16.05 21.01 34.19
C ASN B 183 15.71 20.01 35.29
N MET B 184 14.44 19.62 35.37
CA MET B 184 14.00 18.74 36.44
C MET B 184 14.69 17.39 36.37
N ALA B 185 15.07 16.95 35.17
CA ALA B 185 15.69 15.65 35.01
C ALA B 185 17.01 15.54 35.75
N ASN B 186 17.60 16.65 36.16
CA ASN B 186 18.87 16.65 36.87
C ASN B 186 18.73 16.72 38.38
N MET B 187 17.51 16.79 38.91
CA MET B 187 17.30 16.86 40.35
C MET B 187 17.41 15.45 40.92
N LYS B 188 18.58 15.10 41.44
CA LYS B 188 18.89 13.75 41.90
C LYS B 188 19.51 13.78 43.29
N MET B 189 18.92 14.51 44.22
CA MET B 189 19.46 14.64 45.56
C MET B 189 18.68 13.77 46.56
N GLN B 190 19.39 13.37 47.60
CA GLN B 190 18.77 12.64 48.70
C GLN B 190 17.91 13.58 49.53
N PRO B 191 16.72 13.15 49.95
CA PRO B 191 15.79 14.06 50.64
C PRO B 191 16.34 14.51 51.98
N GLY B 192 16.55 15.83 52.11
CA GLY B 192 17.09 16.38 53.34
C GLY B 192 17.13 17.89 53.27
N ASN B 193 17.66 18.52 54.31
CA ASN B 193 17.80 20.00 54.30
C ASN B 193 19.01 20.36 53.42
N TYR B 194 18.81 21.24 52.44
CA TYR B 194 19.92 21.61 51.51
C TYR B 194 20.07 23.14 51.47
N LYS B 195 21.26 23.61 51.05
CA LYS B 195 21.50 25.07 50.94
C LYS B 195 21.58 25.44 49.45
N LEU B 196 20.71 26.34 49.00
CA LEU B 196 20.69 26.75 47.57
C LEU B 196 21.73 27.85 47.35
N LEU B 197 22.81 27.55 46.61
CA LEU B 197 23.83 28.58 46.30
C LEU B 197 23.81 28.86 44.80
N LEU B 198 23.46 30.09 44.42
CA LEU B 198 23.36 30.44 43.01
C LEU B 198 24.54 31.30 42.62
N TRP B 199 25.16 30.97 41.49
CA TRP B 199 26.19 31.82 40.91
C TRP B 199 25.90 32.01 39.44
N ALA B 200 26.13 33.23 38.95
CA ALA B 200 25.87 33.54 37.54
C ALA B 200 26.65 34.79 37.17
N LYS B 201 27.61 34.64 36.26
CA LYS B 201 28.35 35.76 35.69
C LYS B 201 28.14 35.73 34.18
N GLY B 202 27.45 36.75 33.67
CA GLY B 202 27.17 36.82 32.24
C GLY B 202 26.40 35.59 31.79
N LYS B 203 26.98 34.86 30.84
CA LYS B 203 26.36 33.63 30.37
C LYS B 203 26.57 32.48 31.35
N GLN B 204 27.73 32.42 32.00
CA GLN B 204 28.06 31.28 32.84
C GLN B 204 27.21 31.30 34.11
N GLY B 205 26.84 30.11 34.59
CA GLY B 205 26.03 30.01 35.79
C GLY B 205 25.94 28.59 36.28
N ALA B 206 25.60 28.46 37.57
CA ALA B 206 25.46 27.16 38.22
C ALA B 206 24.70 27.32 39.53
N ALA B 207 24.21 26.19 40.03
CA ALA B 207 23.54 26.13 41.33
C ALA B 207 24.12 24.97 42.13
N LYS B 208 24.11 25.12 43.45
CA LYS B 208 24.69 24.12 44.34
C LYS B 208 23.75 23.85 45.50
N PHE B 209 23.53 22.56 45.76
CA PHE B 209 22.66 22.09 46.84
C PHE B 209 23.56 21.35 47.84
N GLU B 210 23.86 21.99 48.96
CA GLU B 210 24.68 21.39 50.00
C GLU B 210 23.77 20.84 51.08
N GLY B 211 23.72 19.51 51.23
CA GLY B 211 23.04 18.90 52.35
C GLY B 211 23.99 18.62 53.49
N GLU B 212 23.42 18.12 54.59
CA GLU B 212 24.24 17.73 55.72
C GLU B 212 25.11 16.52 55.40
N HIS B 213 24.76 15.77 54.35
CA HIS B 213 25.49 14.56 53.97
C HIS B 213 26.43 14.81 52.80
N ALA B 214 25.92 15.34 51.69
CA ALA B 214 26.69 15.46 50.46
C ALA B 214 26.44 16.84 49.86
N ASN B 215 26.89 17.01 48.63
CA ASN B 215 26.71 18.26 47.89
C ASN B 215 26.48 17.92 46.42
N TYR B 216 25.58 18.66 45.80
CA TYR B 216 25.30 18.50 44.38
C TYR B 216 25.46 19.85 43.70
N VAL B 217 25.78 19.81 42.41
CA VAL B 217 25.88 21.01 41.60
C VAL B 217 25.12 20.75 40.31
N VAL B 218 24.10 21.57 40.05
CA VAL B 218 23.29 21.47 38.85
C VAL B 218 23.63 22.65 37.95
N ALA B 219 23.56 22.40 36.64
CA ALA B 219 23.91 23.41 35.67
C ALA B 219 22.68 24.23 35.27
N LEU B 220 22.86 25.55 35.23
CA LEU B 220 21.82 26.43 34.75
C LEU B 220 21.66 26.26 33.24
N GLU B 221 20.81 27.08 32.62
CA GLU B 221 20.56 26.98 31.20
C GLU B 221 20.66 28.34 30.55
N ALA B 222 20.87 28.33 29.23
CA ALA B 222 21.02 29.58 28.49
C ALA B 222 19.75 30.42 28.48
N ASP B 223 18.60 29.82 28.77
CA ASP B 223 17.35 30.56 28.81
C ASP B 223 17.18 31.35 30.11
N SER B 224 18.08 31.17 31.08
CA SER B 224 17.99 31.90 32.33
C SER B 224 18.43 33.34 32.14
N THR B 225 17.61 34.28 32.63
CA THR B 225 17.91 35.70 32.54
C THR B 225 18.30 36.21 33.92
N HIS B 226 19.56 36.60 34.07
CA HIS B 226 20.08 37.04 35.36
C HIS B 226 20.76 38.39 35.23
N ASP B 227 20.69 39.17 36.30
CA ASP B 227 21.30 40.50 36.33
C ASP B 227 21.44 40.91 37.79
N PHE B 228 22.67 41.21 38.20
CA PHE B 228 22.91 41.62 39.58
C PHE B 228 23.49 43.03 39.64
N MET C 1 22.46 26.99 -54.05
CA MET C 1 23.42 26.28 -53.20
C MET C 1 23.15 24.78 -53.23
N LYS C 2 23.91 24.04 -52.43
CA LYS C 2 23.75 22.59 -52.36
C LYS C 2 22.40 22.24 -51.74
N GLU C 3 21.87 21.10 -52.15
CA GLU C 3 20.57 20.65 -51.65
C GLU C 3 20.72 20.07 -50.26
N PHE C 4 19.66 20.21 -49.46
CA PHE C 4 19.60 19.60 -48.14
C PHE C 4 18.15 19.37 -47.79
N TYR C 5 17.88 18.25 -47.14
CA TYR C 5 16.52 17.85 -46.80
C TYR C 5 16.05 18.53 -45.53
N ILE C 6 14.74 18.57 -45.34
CA ILE C 6 14.16 19.04 -44.08
C ILE C 6 13.16 18.08 -43.49
N SER C 7 12.59 17.15 -44.25
CA SER C 7 11.69 16.14 -43.67
C SER C 7 11.56 15.02 -44.67
N ILE C 8 11.82 13.80 -44.23
CA ILE C 8 11.81 12.62 -45.08
C ILE C 8 10.89 11.59 -44.45
N GLU C 9 9.87 11.17 -45.20
CA GLU C 9 8.91 10.18 -44.74
C GLU C 9 8.68 9.15 -45.83
N THR C 10 7.97 8.09 -45.47
CA THR C 10 7.70 6.99 -46.38
C THR C 10 6.20 6.85 -46.59
N VAL C 11 5.78 6.81 -47.86
CA VAL C 11 4.39 6.55 -48.21
C VAL C 11 4.37 5.44 -49.25
N GLY C 12 3.73 4.32 -48.92
CA GLY C 12 3.74 3.18 -49.81
C GLY C 12 5.15 2.69 -50.06
N ASN C 13 5.49 2.50 -51.33
CA ASN C 13 6.85 2.15 -51.73
C ASN C 13 7.69 3.37 -52.05
N ASN C 14 7.15 4.57 -51.88
CA ASN C 14 7.84 5.80 -52.22
C ASN C 14 8.36 6.50 -50.97
N ILE C 15 9.40 7.30 -51.17
CA ILE C 15 9.94 8.16 -50.13
C ILE C 15 9.63 9.60 -50.52
N VAL C 16 8.93 10.31 -49.65
CA VAL C 16 8.59 11.71 -49.85
C VAL C 16 9.60 12.54 -49.07
N GLU C 17 10.29 13.43 -49.76
CA GLU C 17 11.37 14.22 -49.20
C GLU C 17 11.14 15.68 -49.52
N ARG C 18 11.19 16.52 -48.49
CA ARG C 18 11.10 17.97 -48.66
C ARG C 18 12.51 18.53 -48.63
N TYR C 19 12.88 19.24 -49.69
CA TYR C 19 14.26 19.69 -49.85
C TYR C 19 14.28 21.12 -50.32
N ILE C 20 15.37 21.81 -50.01
CA ILE C 20 15.58 23.21 -50.39
C ILE C 20 16.40 23.25 -51.67
N ASP C 21 15.95 24.03 -52.64
CA ASP C 21 16.57 24.03 -53.97
C ASP C 21 17.83 24.88 -53.94
N GLU C 22 18.38 25.15 -55.13
CA GLU C 22 19.59 25.94 -55.26
C GLU C 22 19.33 27.43 -55.12
N ASN C 23 18.08 27.87 -55.19
CA ASN C 23 17.71 29.27 -55.04
C ASN C 23 17.12 29.56 -53.67
N GLY C 24 17.21 28.63 -52.73
CA GLY C 24 16.63 28.83 -51.42
C GLY C 24 15.12 28.69 -51.37
N LYS C 25 14.57 27.80 -52.18
CA LYS C 25 13.13 27.54 -52.22
C LYS C 25 12.87 26.10 -51.83
N GLU C 26 11.74 25.88 -51.17
CA GLU C 26 11.37 24.58 -50.63
C GLU C 26 10.46 23.86 -51.60
N ARG C 27 10.74 22.57 -51.83
CA ARG C 27 9.95 21.75 -52.73
C ARG C 27 9.82 20.35 -52.15
N THR C 28 8.86 19.60 -52.69
CA THR C 28 8.59 18.23 -52.28
C THR C 28 8.78 17.30 -53.46
N ARG C 29 9.40 16.14 -53.22
CA ARG C 29 9.56 15.15 -54.28
C ARG C 29 9.29 13.76 -53.71
N GLU C 30 8.93 12.84 -54.61
CA GLU C 30 8.65 11.46 -54.27
C GLU C 30 9.52 10.57 -55.12
N VAL C 31 10.30 9.70 -54.48
CA VAL C 31 11.27 8.84 -55.16
C VAL C 31 10.94 7.39 -54.83
N GLU C 32 10.86 6.56 -55.87
CA GLU C 32 10.67 5.13 -55.68
C GLU C 32 12.05 4.52 -55.43
N TYR C 33 12.32 4.18 -54.18
CA TYR C 33 13.65 3.76 -53.77
C TYR C 33 13.92 2.32 -54.19
N LEU C 34 15.21 1.96 -54.21
CA LEU C 34 15.67 0.62 -54.55
C LEU C 34 16.60 0.13 -53.45
N PRO C 35 16.06 -0.51 -52.42
CA PRO C 35 16.90 -0.93 -51.29
C PRO C 35 17.92 -1.96 -51.71
N THR C 36 19.06 -1.96 -51.02
CA THR C 36 20.19 -2.83 -51.34
C THR C 36 20.57 -3.62 -50.09
N MET C 37 19.93 -4.76 -49.90
CA MET C 37 20.26 -5.56 -48.73
C MET C 37 21.54 -6.36 -49.00
N PHE C 38 22.06 -6.99 -47.95
CA PHE C 38 23.29 -7.75 -48.06
C PHE C 38 23.13 -9.09 -47.37
N ARG C 39 23.58 -10.15 -48.05
CA ARG C 39 23.41 -11.51 -47.56
C ARG C 39 24.70 -12.29 -47.74
N HIS C 40 24.92 -13.27 -46.87
CA HIS C 40 26.15 -14.03 -46.89
C HIS C 40 26.34 -14.73 -48.23
N CYS C 41 27.57 -14.69 -48.74
CA CYS C 41 27.95 -15.37 -49.96
C CYS C 41 29.19 -16.20 -49.71
N LYS C 42 29.19 -17.43 -50.24
CA LYS C 42 30.32 -18.33 -50.01
C LYS C 42 31.56 -17.89 -50.79
N GLU C 43 31.36 -17.39 -52.01
CA GLU C 43 32.49 -16.95 -52.82
C GLU C 43 33.05 -15.64 -52.29
N GLU C 44 34.26 -15.31 -52.74
CA GLU C 44 34.93 -14.10 -52.30
C GLU C 44 34.22 -12.87 -52.82
N SER C 45 34.04 -11.86 -51.97
CA SER C 45 33.39 -10.62 -52.34
C SER C 45 34.06 -9.46 -51.63
N LYS C 46 33.89 -8.26 -52.20
CA LYS C 46 34.51 -7.08 -51.62
C LYS C 46 33.81 -6.62 -50.35
N TYR C 47 32.53 -6.94 -50.20
CA TYR C 47 31.73 -6.47 -49.06
C TYR C 47 31.93 -7.41 -47.88
N LYS C 48 33.06 -7.24 -47.21
CA LYS C 48 33.37 -8.02 -46.02
C LYS C 48 32.83 -7.30 -44.79
N ASP C 49 32.01 -8.00 -44.00
CA ASP C 49 31.36 -7.41 -42.85
C ASP C 49 32.38 -7.24 -41.72
N ILE C 50 31.90 -6.77 -40.56
CA ILE C 50 32.80 -6.50 -39.45
C ILE C 50 33.46 -7.78 -38.96
N TYR C 51 32.69 -8.87 -38.89
CA TYR C 51 33.28 -10.15 -38.47
C TYR C 51 34.37 -10.60 -39.41
N GLY C 52 34.14 -10.46 -40.72
CA GLY C 52 35.09 -10.90 -41.71
C GLY C 52 34.44 -11.80 -42.75
N LYS C 53 33.26 -12.30 -42.44
CA LYS C 53 32.55 -13.18 -43.36
C LYS C 53 32.14 -12.40 -44.60
N ASN C 54 32.27 -13.04 -45.76
CA ASN C 54 31.96 -12.40 -47.02
C ASN C 54 30.45 -12.17 -47.15
N CYS C 55 30.10 -11.19 -47.97
CA CYS C 55 28.71 -10.80 -48.14
C CYS C 55 28.53 -10.20 -49.52
N ALA C 56 27.33 -10.38 -50.07
CA ALA C 56 27.01 -9.95 -51.42
C ALA C 56 25.69 -9.17 -51.43
N PRO C 57 25.56 -8.21 -52.34
CA PRO C 57 24.37 -7.36 -52.34
C PRO C 57 23.23 -7.92 -53.17
N GLN C 58 22.02 -7.75 -52.64
CA GLN C 58 20.79 -8.10 -53.33
C GLN C 58 19.94 -6.85 -53.42
N LYS C 59 19.61 -6.44 -54.64
CA LYS C 59 18.79 -5.25 -54.88
C LYS C 59 17.36 -5.67 -55.20
N PHE C 60 16.42 -4.79 -54.85
CA PHE C 60 15.01 -5.10 -54.98
C PHE C 60 14.31 -4.01 -55.77
N PRO C 61 13.20 -4.33 -56.43
CA PRO C 61 12.49 -3.31 -57.20
C PRO C 61 11.63 -2.41 -56.31
N SER C 62 11.16 -2.94 -55.19
CA SER C 62 10.26 -2.21 -54.31
C SER C 62 10.70 -2.38 -52.87
N MET C 63 10.39 -1.37 -52.04
CA MET C 63 10.71 -1.44 -50.62
C MET C 63 9.96 -2.58 -49.95
N LYS C 64 8.68 -2.74 -50.27
CA LYS C 64 7.91 -3.84 -49.67
C LYS C 64 8.50 -5.19 -50.05
N ASP C 65 9.13 -5.29 -51.22
CA ASP C 65 9.77 -6.54 -51.59
C ASP C 65 10.90 -6.88 -50.62
N ALA C 66 11.75 -5.90 -50.29
CA ALA C 66 12.78 -6.13 -49.29
C ALA C 66 12.18 -6.41 -47.92
N ARG C 67 11.07 -5.72 -47.60
CA ARG C 67 10.40 -5.95 -46.33
C ARG C 67 9.96 -7.40 -46.19
N ASP C 68 9.36 -7.95 -47.26
CA ASP C 68 8.99 -9.37 -47.24
C ASP C 68 10.22 -10.26 -47.24
N TRP C 69 11.27 -9.85 -47.94
CA TRP C 69 12.48 -10.66 -48.05
C TRP C 69 13.13 -10.86 -46.69
N MET C 70 13.14 -9.81 -45.85
CA MET C 70 13.76 -9.94 -44.54
C MET C 70 13.14 -11.09 -43.75
N LYS C 71 11.81 -11.10 -43.62
CA LYS C 71 11.16 -12.14 -42.84
C LYS C 71 11.25 -13.49 -43.53
N ARG C 72 11.12 -13.50 -44.86
CA ARG C 72 11.18 -14.77 -45.59
C ARG C 72 12.54 -15.43 -45.41
N MET C 73 13.61 -14.65 -45.45
CA MET C 73 14.95 -15.22 -45.29
C MET C 73 15.21 -15.53 -43.82
N GLU C 74 14.70 -14.71 -42.90
CA GLU C 74 14.94 -14.95 -41.48
C GLU C 74 14.29 -16.25 -41.02
N ASP C 75 13.09 -16.56 -41.52
CA ASP C 75 12.39 -17.73 -41.00
C ASP C 75 13.14 -19.03 -41.26
N ILE C 76 14.12 -19.05 -42.17
CA ILE C 76 14.95 -20.24 -42.36
C ILE C 76 16.13 -20.27 -41.40
N GLY C 77 16.35 -19.20 -40.64
CA GLY C 77 17.39 -19.20 -39.62
C GLY C 77 18.74 -18.68 -40.07
N LEU C 78 18.76 -17.62 -40.86
CA LEU C 78 20.01 -16.98 -41.27
C LEU C 78 19.93 -15.48 -40.99
N GLU C 79 21.10 -14.85 -40.93
CA GLU C 79 21.22 -13.46 -40.54
C GLU C 79 21.30 -12.55 -41.76
N ALA C 80 20.47 -11.50 -41.77
CA ALA C 80 20.48 -10.50 -42.82
C ALA C 80 21.46 -9.39 -42.47
N LEU C 81 21.95 -8.71 -43.51
CA LEU C 81 22.95 -7.66 -43.33
C LEU C 81 22.55 -6.42 -44.12
N GLY C 82 22.71 -5.25 -43.50
CA GLY C 82 22.36 -3.97 -44.08
C GLY C 82 21.45 -3.21 -43.14
N MET C 83 20.71 -2.25 -43.69
CA MET C 83 19.69 -1.55 -42.91
C MET C 83 18.32 -2.20 -43.04
N ASN C 84 17.56 -2.11 -41.94
CA ASN C 84 16.15 -2.45 -41.95
C ASN C 84 15.25 -1.21 -42.08
N ASP C 85 15.72 -0.05 -41.62
CA ASP C 85 14.98 1.21 -41.71
C ASP C 85 15.60 2.02 -42.85
N PHE C 86 14.86 2.17 -43.94
CA PHE C 86 15.43 2.69 -45.17
C PHE C 86 15.52 4.20 -45.23
N LYS C 87 15.00 4.93 -44.23
CA LYS C 87 15.14 6.39 -44.26
C LYS C 87 16.59 6.81 -44.19
N LEU C 88 17.33 6.25 -43.23
CA LEU C 88 18.76 6.53 -43.12
C LEU C 88 19.48 6.10 -44.38
N ALA C 89 19.08 4.95 -44.94
CA ALA C 89 19.72 4.47 -46.17
C ALA C 89 19.51 5.45 -47.31
N TYR C 90 18.29 5.95 -47.46
CA TYR C 90 17.99 6.90 -48.53
C TYR C 90 18.79 8.17 -48.36
N ILE C 91 18.80 8.71 -47.14
CA ILE C 91 19.55 9.97 -46.88
C ILE C 91 21.03 9.73 -47.18
N SER C 92 21.54 8.56 -46.77
CA SER C 92 22.99 8.28 -46.96
C SER C 92 23.33 8.26 -48.46
N ASP C 93 22.53 7.57 -49.27
CA ASP C 93 22.83 7.45 -50.72
C ASP C 93 22.59 8.81 -51.42
N THR C 94 21.51 9.50 -51.05
CA THR C 94 21.15 10.77 -51.73
C THR C 94 22.24 11.83 -51.54
N TYR C 95 22.85 11.89 -50.35
CA TYR C 95 23.83 12.97 -50.07
C TYR C 95 25.24 12.41 -49.99
N GLY C 96 25.47 11.37 -49.19
CA GLY C 96 26.78 10.73 -49.13
C GLY C 96 27.86 11.58 -48.50
N SER C 97 28.28 12.64 -49.18
CA SER C 97 29.34 13.49 -48.66
C SER C 97 28.79 14.38 -47.56
N GLU C 98 29.63 15.28 -47.05
CA GLU C 98 29.21 16.19 -46.01
C GLU C 98 28.12 17.12 -46.55
N ILE C 99 27.16 17.45 -45.68
CA ILE C 99 25.99 18.22 -46.07
C ILE C 99 26.14 19.64 -45.55
N VAL C 100 26.01 20.61 -46.45
CA VAL C 100 26.14 22.02 -46.13
C VAL C 100 24.74 22.63 -46.04
N TYR C 101 24.45 23.28 -44.93
CA TYR C 101 23.11 23.78 -44.66
C TYR C 101 23.17 25.20 -44.10
N ASP C 102 22.18 26.00 -44.46
CA ASP C 102 21.98 27.33 -43.92
C ASP C 102 20.72 27.30 -43.07
N ARG C 103 20.86 27.65 -41.79
CA ARG C 103 19.74 27.54 -40.86
C ARG C 103 18.58 28.43 -41.28
N LYS C 104 18.86 29.48 -42.04
CA LYS C 104 17.83 30.48 -42.34
C LYS C 104 16.66 29.88 -43.09
N PHE C 105 16.92 29.04 -44.08
CA PHE C 105 15.84 28.54 -44.94
C PHE C 105 14.92 27.57 -44.23
N VAL C 106 15.32 27.03 -43.08
CA VAL C 106 14.54 26.03 -42.38
C VAL C 106 13.53 26.74 -41.49
N ARG C 107 12.27 26.70 -41.89
CA ARG C 107 11.21 27.40 -41.17
C ARG C 107 10.93 26.71 -39.85
N VAL C 108 11.28 27.36 -38.75
CA VAL C 108 11.14 26.80 -37.42
C VAL C 108 9.98 27.51 -36.74
N ALA C 109 8.80 26.91 -36.77
CA ALA C 109 7.65 27.54 -36.15
C ALA C 109 7.81 27.51 -34.63
N ASN C 110 6.77 27.99 -33.96
CA ASN C 110 6.73 28.06 -32.50
C ASN C 110 5.33 28.45 -32.09
N CYS C 111 4.80 27.77 -31.08
CA CYS C 111 3.40 28.00 -30.75
C CYS C 111 3.16 27.70 -29.28
N ASP C 112 2.36 28.54 -28.64
CA ASP C 112 1.82 28.26 -27.32
C ASP C 112 0.37 28.69 -27.29
N ILE C 113 -0.49 27.82 -26.78
CA ILE C 113 -1.93 28.00 -26.82
C ILE C 113 -2.43 28.21 -25.40
N GLU C 114 -3.34 29.16 -25.22
CA GLU C 114 -3.98 29.38 -23.94
C GLU C 114 -5.49 29.22 -24.10
N VAL C 115 -6.05 28.35 -23.26
CA VAL C 115 -7.47 28.02 -23.22
C VAL C 115 -7.98 28.28 -21.81
N THR C 116 -9.26 28.65 -21.70
CA THR C 116 -9.84 28.99 -20.37
C THR C 116 -11.00 28.04 -20.06
N GLY C 117 -11.09 27.56 -18.82
CA GLY C 117 -12.17 26.62 -18.45
C GLY C 117 -12.35 26.53 -16.95
N ASP C 118 -13.49 26.00 -16.49
CA ASP C 118 -13.77 25.90 -15.03
C ASP C 118 -12.68 25.05 -14.38
N LYS C 119 -12.54 23.80 -14.83
CA LYS C 119 -11.52 22.88 -14.26
C LYS C 119 -10.26 22.97 -15.13
N PHE C 120 -9.18 22.29 -14.73
CA PHE C 120 -7.96 22.29 -15.60
C PHE C 120 -8.35 21.71 -16.96
N PRO C 121 -8.11 22.42 -18.08
CA PRO C 121 -8.39 21.87 -19.41
C PRO C 121 -7.61 20.57 -19.61
N ASP C 122 -8.32 19.48 -19.92
CA ASP C 122 -7.65 18.16 -20.10
C ASP C 122 -7.27 18.01 -21.58
N PRO C 123 -5.96 17.98 -21.91
CA PRO C 123 -5.51 17.88 -23.29
C PRO C 123 -6.26 16.80 -24.07
N MET C 124 -6.70 15.73 -23.40
CA MET C 124 -7.32 14.62 -24.12
C MET C 124 -8.83 14.75 -24.24
N LYS C 125 -9.52 15.19 -23.18
CA LYS C 125 -10.96 15.39 -23.28
C LYS C 125 -11.28 16.53 -24.24
N ALA C 126 -10.54 17.63 -24.15
CA ALA C 126 -10.68 18.76 -25.07
C ALA C 126 -12.11 19.30 -25.08
N GLU C 127 -12.54 19.80 -23.93
CA GLU C 127 -13.91 20.28 -23.77
C GLU C 127 -14.04 21.79 -23.95
N TYR C 128 -13.01 22.55 -23.63
CA TYR C 128 -13.11 23.99 -23.59
C TYR C 128 -12.88 24.59 -24.97
N GLU C 129 -12.92 25.91 -25.06
CA GLU C 129 -12.83 26.63 -26.32
C GLU C 129 -11.47 27.30 -26.43
N ILE C 130 -10.73 26.96 -27.48
CA ILE C 130 -9.41 27.54 -27.70
C ILE C 130 -9.57 29.01 -28.05
N ASP C 131 -9.08 29.89 -27.18
CA ASP C 131 -9.26 31.31 -27.40
C ASP C 131 -7.98 32.10 -27.56
N ALA C 132 -6.80 31.50 -27.40
CA ALA C 132 -5.57 32.21 -27.77
C ALA C 132 -4.60 31.21 -28.38
N ILE C 133 -4.12 31.49 -29.59
CA ILE C 133 -3.30 30.55 -30.36
C ILE C 133 -1.86 31.04 -30.47
N THR C 134 -1.65 32.24 -31.01
CA THR C 134 -0.37 32.94 -30.98
C THR C 134 0.74 32.14 -31.67
N HIS C 135 0.51 31.81 -32.93
CA HIS C 135 1.50 31.06 -33.69
C HIS C 135 2.68 31.94 -34.05
N TYR C 136 3.88 31.37 -34.02
CA TYR C 136 5.09 32.07 -34.38
C TYR C 136 5.75 31.40 -35.58
N ASP C 137 6.47 32.20 -36.38
CA ASP C 137 7.17 31.65 -37.58
C ASP C 137 8.56 32.28 -37.64
N SER C 138 9.57 31.52 -38.10
CA SER C 138 10.97 32.03 -38.13
C SER C 138 11.22 32.76 -39.45
N ILE C 139 10.92 32.12 -40.59
CA ILE C 139 11.17 32.73 -41.92
C ILE C 139 10.55 34.13 -41.94
N ASP C 140 9.30 34.26 -41.49
CA ASP C 140 8.61 35.58 -41.53
C ASP C 140 8.88 36.33 -40.22
N ASP C 141 9.57 35.70 -39.27
CA ASP C 141 9.85 36.33 -37.95
C ASP C 141 8.65 37.19 -37.52
N ARG C 142 7.46 36.60 -37.51
CA ARG C 142 6.23 37.35 -37.12
C ARG C 142 5.35 36.47 -36.23
N PHE C 143 4.80 37.05 -35.16
CA PHE C 143 3.92 36.28 -34.23
C PHE C 143 2.47 36.43 -34.69
N TYR C 144 1.97 35.45 -35.43
CA TYR C 144 0.55 35.48 -35.88
C TYR C 144 -0.35 35.14 -34.69
N VAL C 145 -0.85 36.16 -33.99
CA VAL C 145 -1.69 35.92 -32.78
C VAL C 145 -3.16 35.87 -33.18
N PHE C 146 -3.83 34.74 -32.90
CA PHE C 146 -5.27 34.60 -33.21
C PHE C 146 -6.06 34.78 -31.91
N ASP C 147 -7.03 35.70 -31.91
CA ASP C 147 -7.81 35.96 -30.67
C ASP C 147 -9.29 35.67 -30.92
N LEU C 148 -9.96 35.03 -29.95
CA LEU C 148 -11.39 34.68 -30.09
C LEU C 148 -12.24 35.77 -29.41
N LEU C 149 -12.57 36.84 -30.13
CA LEU C 149 -13.33 37.97 -29.53
C LEU C 149 -14.49 37.42 -28.70
N ASN C 150 -15.35 36.60 -29.31
CA ASN C 150 -16.54 36.07 -28.61
C ASN C 150 -16.28 34.62 -28.20
N SER C 151 -16.46 34.30 -26.91
CA SER C 151 -16.24 32.92 -26.42
C SER C 151 -17.44 32.47 -25.57
N MET C 152 -17.64 31.17 -25.46
CA MET C 152 -18.77 30.64 -24.64
C MET C 152 -18.60 31.15 -23.20
N TYR C 153 -17.37 31.14 -22.69
CA TYR C 153 -17.12 31.59 -21.29
C TYR C 153 -17.47 33.07 -21.17
N GLY C 154 -16.99 33.89 -22.10
CA GLY C 154 -17.30 35.34 -22.09
C GLY C 154 -16.86 36.03 -23.36
N SER C 155 -17.61 37.03 -23.82
CA SER C 155 -17.23 37.80 -25.03
C SER C 155 -16.39 39.00 -24.62
N VAL C 156 -15.09 39.00 -24.95
CA VAL C 156 -14.19 40.11 -24.53
C VAL C 156 -14.13 41.17 -25.63
N SER C 157 -13.26 42.17 -25.46
CA SER C 157 -13.13 43.27 -26.46
C SER C 157 -11.98 42.97 -27.42
N LYS C 158 -11.42 44.01 -28.05
CA LYS C 158 -10.29 43.83 -29.01
C LYS C 158 -8.96 43.97 -28.24
N TRP C 159 -7.85 44.10 -28.96
CA TRP C 159 -6.52 44.21 -28.32
C TRP C 159 -5.77 45.42 -28.88
N ASP C 160 -5.24 46.28 -28.02
CA ASP C 160 -4.51 47.50 -28.46
C ASP C 160 -2.99 47.28 -28.29
N ALA C 161 -2.25 47.25 -29.39
CA ALA C 161 -0.78 47.10 -29.31
C ALA C 161 -0.20 48.31 -28.58
N LYS C 162 -0.73 49.50 -28.85
CA LYS C 162 -0.21 50.74 -28.22
C LYS C 162 -0.36 50.63 -26.69
N LEU C 163 -1.53 50.20 -26.23
CA LEU C 163 -1.75 50.02 -24.76
C LEU C 163 -0.77 48.95 -24.26
N ALA C 164 -0.61 47.86 -25.02
CA ALA C 164 0.30 46.77 -24.61
C ALA C 164 1.70 47.34 -24.39
N ALA C 165 2.13 48.25 -25.26
CA ALA C 165 3.47 48.89 -25.11
C ALA C 165 3.51 49.70 -23.82
N LYS C 166 2.39 50.36 -23.47
CA LYS C 166 2.36 51.22 -22.25
C LYS C 166 2.63 50.36 -21.02
N LEU C 167 3.19 50.96 -19.96
CA LEU C 167 3.54 50.19 -18.74
C LEU C 167 2.32 49.99 -17.85
N ASP C 168 2.42 49.10 -16.86
CA ASP C 168 1.29 48.82 -15.94
C ASP C 168 0.95 50.10 -15.16
N CYS C 169 1.94 50.92 -14.85
CA CYS C 169 1.68 52.21 -14.15
C CYS C 169 0.60 52.97 -14.93
N GLU C 170 0.77 53.08 -16.25
CA GLU C 170 -0.27 53.73 -17.10
C GLU C 170 -1.49 52.82 -17.13
N GLY C 171 -1.27 51.50 -17.21
CA GLY C 171 -2.39 50.54 -17.31
C GLY C 171 -2.18 49.60 -18.48
N GLY C 172 -0.97 49.59 -19.05
CA GLY C 172 -0.68 48.74 -20.22
C GLY C 172 -0.05 47.41 -19.82
N ASP C 173 0.49 46.67 -20.80
CA ASP C 173 1.07 45.33 -20.53
C ASP C 173 2.59 45.39 -20.73
N GLU C 174 3.15 46.59 -20.90
CA GLU C 174 4.62 46.77 -21.08
C GLU C 174 5.20 45.62 -21.92
N VAL C 175 4.65 45.39 -23.11
CA VAL C 175 5.21 44.36 -24.02
C VAL C 175 6.25 45.04 -24.92
N PRO C 176 7.50 44.54 -25.02
CA PRO C 176 8.54 45.20 -25.81
C PRO C 176 7.98 45.58 -27.19
N GLN C 177 8.21 46.84 -27.61
CA GLN C 177 7.64 47.32 -28.91
C GLN C 177 8.14 46.43 -30.05
N GLU C 178 9.38 45.94 -29.96
CA GLU C 178 9.97 45.11 -31.06
C GLU C 178 9.05 43.92 -31.32
N ILE C 179 8.64 43.20 -30.25
CA ILE C 179 7.71 42.05 -30.41
C ILE C 179 6.41 42.57 -31.02
N LEU C 180 5.87 43.67 -30.47
CA LEU C 180 4.59 44.22 -30.96
C LEU C 180 4.71 44.54 -32.46
N ASP C 181 5.84 45.11 -32.87
CA ASP C 181 6.07 45.43 -34.30
C ASP C 181 6.02 44.14 -35.12
N ARG C 182 6.52 43.04 -34.55
CA ARG C 182 6.58 41.75 -35.30
C ARG C 182 5.38 40.88 -34.96
N VAL C 183 4.26 41.49 -34.53
CA VAL C 183 3.03 40.73 -34.19
C VAL C 183 1.94 41.02 -35.23
N ILE C 184 1.52 40.00 -36.00
CA ILE C 184 0.40 40.19 -36.96
C ILE C 184 -0.88 39.72 -36.26
N TYR C 185 -1.61 40.63 -35.64
CA TYR C 185 -2.79 40.23 -34.88
C TYR C 185 -3.99 40.07 -35.79
N MET C 186 -4.82 39.06 -35.49
CA MET C 186 -6.11 38.98 -36.13
C MET C 186 -7.18 38.44 -35.17
N PRO C 187 -8.33 39.10 -35.09
CA PRO C 187 -9.41 38.61 -34.22
C PRO C 187 -10.43 37.77 -34.96
N PHE C 188 -11.24 37.01 -34.24
CA PHE C 188 -12.29 36.19 -34.82
C PHE C 188 -13.49 36.15 -33.88
N ASP C 189 -14.69 36.24 -34.47
CA ASP C 189 -15.90 36.22 -33.67
C ASP C 189 -16.27 34.83 -33.19
N ASN C 190 -16.07 33.81 -34.02
CA ASN C 190 -16.44 32.45 -33.68
C ASN C 190 -15.19 31.58 -33.62
N GLU C 191 -15.40 30.27 -33.46
CA GLU C 191 -14.30 29.32 -33.31
C GLU C 191 -13.89 28.65 -34.61
N ARG C 192 -14.87 28.25 -35.43
CA ARG C 192 -14.56 27.54 -36.66
C ARG C 192 -13.74 28.42 -37.59
N ASP C 193 -14.08 29.71 -37.68
CA ASP C 193 -13.33 30.62 -38.55
C ASP C 193 -11.87 30.69 -38.14
N MET C 194 -11.62 30.91 -36.85
CA MET C 194 -10.25 31.02 -36.38
C MET C 194 -9.48 29.72 -36.58
N LEU C 195 -10.11 28.58 -36.28
CA LEU C 195 -9.39 27.33 -36.41
C LEU C 195 -9.11 27.00 -37.87
N MET C 196 -10.04 27.30 -38.77
CA MET C 196 -9.79 27.10 -40.19
C MET C 196 -8.68 28.02 -40.68
N GLU C 197 -8.64 29.25 -40.16
CA GLU C 197 -7.55 30.14 -40.55
C GLU C 197 -6.21 29.65 -40.01
N TYR C 198 -6.19 29.05 -38.82
CA TYR C 198 -4.96 28.45 -38.34
C TYR C 198 -4.54 27.29 -39.23
N ILE C 199 -5.50 26.48 -39.66
CA ILE C 199 -5.19 25.40 -40.60
C ILE C 199 -4.56 25.97 -41.86
N ASN C 200 -5.16 27.05 -42.39
CA ASN C 200 -4.64 27.66 -43.61
C ASN C 200 -3.24 28.20 -43.41
N LEU C 201 -2.98 28.85 -42.27
CA LEU C 201 -1.64 29.36 -42.01
C LEU C 201 -0.64 28.22 -41.90
N TRP C 202 -1.02 27.14 -41.22
CA TRP C 202 -0.15 25.99 -41.14
C TRP C 202 0.04 25.34 -42.50
N GLU C 203 -0.88 25.58 -43.44
CA GLU C 203 -0.73 25.03 -44.78
C GLU C 203 0.16 25.88 -45.67
N GLN C 204 0.05 27.21 -45.56
CA GLN C 204 0.83 28.10 -46.41
C GLN C 204 2.32 27.97 -46.15
N LYS C 205 2.70 27.86 -44.87
CA LYS C 205 4.09 27.78 -44.47
C LYS C 205 4.23 26.56 -43.56
N ARG C 206 4.42 25.40 -44.17
CA ARG C 206 4.54 24.16 -43.43
C ARG C 206 5.90 24.11 -42.73
N PRO C 207 5.94 24.27 -41.42
CA PRO C 207 7.22 24.34 -40.73
C PRO C 207 7.97 23.02 -40.80
N ALA C 208 9.29 23.11 -40.73
CA ALA C 208 10.12 21.91 -40.66
C ALA C 208 10.30 21.44 -39.23
N ILE C 209 10.39 22.36 -38.28
CA ILE C 209 10.44 22.04 -36.87
C ILE C 209 9.33 22.81 -36.18
N PHE C 210 8.71 22.21 -35.17
CA PHE C 210 7.58 22.81 -34.48
C PHE C 210 7.83 22.70 -32.98
N THR C 211 8.61 23.63 -32.44
CA THR C 211 9.00 23.59 -31.04
C THR C 211 8.02 24.40 -30.20
N GLY C 212 8.42 24.73 -28.97
CA GLY C 212 7.57 25.46 -28.06
C GLY C 212 7.56 24.75 -26.72
N TRP C 213 7.18 25.44 -25.65
CA TRP C 213 7.27 24.81 -24.33
C TRP C 213 6.07 23.90 -24.11
N ASN C 214 6.34 22.65 -23.71
CA ASN C 214 5.25 21.68 -23.44
C ASN C 214 4.37 21.54 -24.69
N ILE C 215 5.00 21.47 -25.87
CA ILE C 215 4.24 21.34 -27.15
C ILE C 215 3.50 20.00 -27.17
N GLU C 216 4.14 18.93 -26.66
CA GLU C 216 3.51 17.58 -26.67
C GLU C 216 2.79 17.36 -25.33
N GLY C 217 2.29 18.43 -24.72
CA GLY C 217 1.57 18.31 -23.44
C GLY C 217 0.18 18.91 -23.53
N PHE C 218 0.08 20.23 -23.76
CA PHE C 218 -1.25 20.91 -23.80
C PHE C 218 -1.40 21.68 -25.11
N ALA C 219 -0.46 21.52 -26.04
CA ALA C 219 -0.51 22.27 -27.31
C ALA C 219 -0.94 21.33 -28.44
N VAL C 220 0.02 20.58 -29.01
CA VAL C 220 -0.33 19.60 -30.09
C VAL C 220 -1.47 18.71 -29.58
N PRO C 221 -1.40 18.05 -28.41
CA PRO C 221 -2.47 17.16 -27.98
C PRO C 221 -3.84 17.85 -27.94
N TYR C 222 -3.87 19.18 -27.83
CA TYR C 222 -5.16 19.92 -27.72
C TYR C 222 -5.57 20.44 -29.10
N ILE C 223 -4.69 21.20 -29.75
CA ILE C 223 -5.00 21.73 -31.11
C ILE C 223 -5.57 20.58 -31.95
N MET C 224 -4.86 19.45 -32.02
CA MET C 224 -5.30 18.30 -32.85
C MET C 224 -6.64 17.77 -32.34
N ASN C 225 -6.78 17.56 -31.03
CA ASN C 225 -8.03 16.96 -30.48
C ASN C 225 -9.22 17.90 -30.76
N ARG C 226 -9.03 19.21 -30.57
CA ARG C 226 -10.16 20.16 -30.76
C ARG C 226 -10.60 20.14 -32.22
N VAL C 227 -9.67 20.30 -33.17
CA VAL C 227 -10.07 20.38 -34.61
C VAL C 227 -10.76 19.05 -34.97
N LYS C 228 -10.33 17.94 -34.37
CA LYS C 228 -10.97 16.62 -34.62
C LYS C 228 -12.40 16.64 -34.07
N MET C 229 -12.64 17.33 -32.95
CA MET C 229 -13.98 17.30 -32.30
C MET C 229 -14.90 18.38 -32.87
N ILE C 230 -14.35 19.45 -33.47
CA ILE C 230 -15.22 20.56 -33.94
C ILE C 230 -15.23 20.64 -35.46
N LEU C 231 -14.17 20.17 -36.13
CA LEU C 231 -14.08 20.32 -37.60
C LEU C 231 -13.98 18.94 -38.27
N GLY C 232 -14.10 17.85 -37.50
CA GLY C 232 -14.06 16.53 -38.10
C GLY C 232 -12.64 16.04 -38.30
N GLU C 233 -12.51 14.71 -38.40
CA GLU C 233 -11.20 14.09 -38.51
C GLU C 233 -10.52 14.39 -39.84
N ARG C 234 -11.29 14.75 -40.88
CA ARG C 234 -10.68 14.91 -42.20
C ARG C 234 -9.88 16.20 -42.28
N SER C 235 -10.40 17.30 -41.73
CA SER C 235 -9.69 18.56 -41.80
C SER C 235 -8.48 18.58 -40.86
N MET C 236 -8.53 17.80 -39.79
CA MET C 236 -7.40 17.70 -38.89
C MET C 236 -6.17 17.15 -39.59
N LYS C 237 -6.37 16.26 -40.57
CA LYS C 237 -5.27 15.67 -41.30
C LYS C 237 -4.60 16.65 -42.26
N ARG C 238 -5.18 17.82 -42.49
CA ARG C 238 -4.53 18.84 -43.32
C ARG C 238 -3.26 19.37 -42.68
N PHE C 239 -3.04 19.09 -41.40
CA PHE C 239 -1.88 19.58 -40.69
C PHE C 239 -0.57 18.97 -41.18
N SER C 240 -0.63 17.91 -41.97
CA SER C 240 0.57 17.25 -42.43
C SER C 240 0.62 17.23 -43.96
N PRO C 241 1.82 17.33 -44.58
CA PRO C 241 1.94 17.23 -46.03
C PRO C 241 1.53 15.84 -46.50
N ILE C 242 2.10 14.80 -45.89
CA ILE C 242 1.73 13.40 -46.25
C ILE C 242 0.24 13.20 -45.96
N GLY C 243 -0.33 14.03 -45.08
CA GLY C 243 -1.74 13.89 -44.70
C GLY C 243 -1.93 12.75 -43.70
N ARG C 244 -0.85 12.36 -43.02
CA ARG C 244 -0.92 11.21 -42.07
C ARG C 244 -0.55 11.69 -40.67
N VAL C 245 -1.51 11.67 -39.73
CA VAL C 245 -1.25 12.10 -38.32
C VAL C 245 -1.67 10.95 -37.40
N LYS C 246 -0.91 10.70 -36.32
CA LYS C 246 -1.23 9.54 -35.45
C LYS C 246 -1.09 9.92 -33.97
N SER C 247 -1.70 9.13 -33.08
CA SER C 247 -1.63 9.39 -31.65
C SER C 247 -1.38 8.09 -30.91
N LYS C 248 -0.44 8.10 -29.97
CA LYS C 248 -0.21 6.88 -29.14
C LYS C 248 -0.13 7.31 -27.66
N LEU C 249 -0.89 6.64 -26.80
CA LEU C 249 -0.86 6.97 -25.34
C LEU C 249 0.38 6.32 -24.72
N ILE C 250 0.88 6.90 -23.63
CA ILE C 250 2.06 6.29 -22.94
C ILE C 250 1.67 6.06 -21.47
N GLN C 251 0.81 5.08 -21.22
CA GLN C 251 0.37 4.77 -19.83
C GLN C 251 1.53 4.10 -19.08
N ASN C 252 2.54 3.61 -19.81
CA ASN C 252 3.74 3.04 -19.15
C ASN C 252 4.15 3.99 -18.03
N MET C 253 4.25 5.29 -18.34
CA MET C 253 4.56 6.29 -17.28
C MET C 253 3.24 6.74 -16.66
N TYR C 254 3.27 7.16 -15.38
CA TYR C 254 2.01 7.55 -14.69
C TYR C 254 1.22 8.55 -15.54
N GLY C 255 1.93 9.48 -16.18
CA GLY C 255 1.24 10.51 -17.00
C GLY C 255 0.66 9.94 -18.28
N SER C 256 -0.67 10.07 -18.47
CA SER C 256 -1.31 9.59 -19.72
C SER C 256 -1.09 10.64 -20.81
N LYS C 257 0.04 10.56 -21.52
CA LYS C 257 0.37 11.58 -22.56
C LYS C 257 -0.06 11.08 -23.93
N GLU C 258 -1.17 11.59 -24.46
CA GLU C 258 -1.59 11.21 -25.80
C GLU C 258 -0.70 11.97 -26.79
N ILE C 259 0.54 11.49 -26.92
CA ILE C 259 1.49 12.18 -27.77
C ILE C 259 1.12 11.98 -29.22
N TYR C 260 1.29 13.04 -30.03
CA TYR C 260 0.94 12.96 -31.47
C TYR C 260 2.22 12.89 -32.30
N SER C 261 2.08 12.50 -33.57
CA SER C 261 3.26 12.40 -34.48
C SER C 261 2.88 12.90 -35.88
N ILE C 262 2.58 14.21 -36.00
CA ILE C 262 2.26 14.79 -37.33
C ILE C 262 3.44 14.50 -38.27
N ASP C 263 3.17 13.88 -39.42
CA ASP C 263 4.26 13.53 -40.37
C ASP C 263 4.65 14.76 -41.18
N GLY C 264 5.94 14.94 -41.46
CA GLY C 264 6.40 16.12 -42.23
C GLY C 264 6.87 17.23 -41.32
N VAL C 265 6.20 17.42 -40.17
CA VAL C 265 6.65 18.44 -39.18
C VAL C 265 7.29 17.69 -38.01
N SER C 266 8.55 18.00 -37.69
CA SER C 266 9.26 17.26 -36.62
C SER C 266 8.87 17.82 -35.25
N ILE C 267 7.79 17.29 -34.64
CA ILE C 267 7.33 17.80 -33.32
C ILE C 267 8.44 17.57 -32.28
N LEU C 268 9.12 18.63 -31.86
CA LEU C 268 10.21 18.55 -30.90
C LEU C 268 9.84 19.39 -29.69
N ASP C 269 9.39 18.72 -28.64
CA ASP C 269 8.95 19.40 -27.43
C ASP C 269 10.13 20.11 -26.77
N TYR C 270 10.05 21.43 -26.68
CA TYR C 270 11.17 22.18 -26.12
C TYR C 270 11.43 21.80 -24.68
N LEU C 271 10.39 21.42 -23.94
CA LEU C 271 10.61 20.96 -22.58
C LEU C 271 11.52 19.75 -22.56
N ASP C 272 11.27 18.79 -23.45
CA ASP C 272 12.12 17.60 -23.54
C ASP C 272 13.33 17.80 -24.42
N LEU C 273 13.39 18.91 -25.15
CA LEU C 273 14.64 19.31 -25.80
C LEU C 273 15.56 20.03 -24.85
N TYR C 274 15.05 20.45 -23.70
CA TYR C 274 15.81 21.17 -22.67
C TYR C 274 16.24 20.27 -21.53
N LYS C 275 15.35 19.41 -21.04
CA LYS C 275 15.72 18.49 -19.97
C LYS C 275 16.84 17.55 -20.37
N LYS C 276 17.08 17.39 -21.67
CA LYS C 276 18.09 16.45 -22.16
C LYS C 276 19.42 17.11 -22.44
N PHE C 277 19.43 18.31 -23.01
CA PHE C 277 20.66 18.92 -23.52
C PHE C 277 21.13 20.10 -22.68
N ALA C 278 20.54 20.35 -21.52
CA ALA C 278 20.91 21.51 -20.71
C ALA C 278 21.90 21.18 -19.61
N PHE C 279 21.73 20.03 -18.93
CA PHE C 279 22.58 19.64 -17.81
C PHE C 279 22.53 20.65 -16.68
N THR C 280 21.44 21.40 -16.57
CA THR C 280 21.24 22.35 -15.48
C THR C 280 19.93 22.01 -14.79
N ASN C 281 20.01 21.75 -13.49
CA ASN C 281 18.86 21.24 -12.74
C ASN C 281 18.21 22.41 -11.99
N LEU C 282 17.22 23.01 -12.62
CA LEU C 282 16.37 23.97 -11.93
C LEU C 282 15.42 23.24 -10.99
N PRO C 283 15.09 23.86 -9.86
CA PRO C 283 14.15 23.19 -8.92
C PRO C 283 12.81 22.87 -9.56
N SER C 284 12.31 23.74 -10.43
CA SER C 284 11.08 23.49 -11.17
C SER C 284 11.32 23.84 -12.63
N PHE C 285 10.65 23.11 -13.51
CA PHE C 285 10.85 23.25 -14.95
C PHE C 285 9.69 23.93 -15.65
N SER C 286 8.90 24.71 -14.92
CA SER C 286 7.87 25.50 -15.57
C SER C 286 8.51 26.61 -16.40
N LEU C 287 7.74 27.15 -17.35
CA LEU C 287 8.30 28.09 -18.30
C LEU C 287 8.77 29.37 -17.62
N GLU C 288 7.98 29.90 -16.70
CA GLU C 288 8.35 31.16 -16.07
C GLU C 288 9.64 31.03 -15.28
N SER C 289 9.76 29.95 -14.50
CA SER C 289 10.96 29.74 -13.70
C SER C 289 12.20 29.61 -14.57
N VAL C 290 12.11 28.83 -15.64
CA VAL C 290 13.29 28.59 -16.48
C VAL C 290 13.63 29.85 -17.27
N ALA C 291 12.61 30.59 -17.72
CA ALA C 291 12.89 31.84 -18.41
C ALA C 291 13.59 32.82 -17.50
N GLN C 292 13.14 32.93 -16.24
CA GLN C 292 13.80 33.81 -15.30
C GLN C 292 15.21 33.35 -15.00
N HIS C 293 15.43 32.03 -14.88
CA HIS C 293 16.78 31.53 -14.63
C HIS C 293 17.70 31.80 -15.81
N GLU C 294 17.18 31.70 -17.03
CA GLU C 294 18.04 31.79 -18.21
C GLU C 294 18.08 33.21 -18.77
N THR C 295 16.94 33.76 -19.15
CA THR C 295 16.89 35.08 -19.76
C THR C 295 16.99 36.22 -18.74
N LYS C 296 16.81 35.92 -17.45
CA LYS C 296 16.78 36.87 -16.35
C LYS C 296 15.56 37.79 -16.40
N LYS C 297 14.76 37.72 -17.45
CA LYS C 297 13.52 38.48 -17.49
C LYS C 297 12.53 37.92 -16.49
N GLY C 298 11.80 38.81 -15.83
CA GLY C 298 10.82 38.44 -14.82
C GLY C 298 9.41 38.64 -15.35
N LYS C 299 8.59 37.62 -15.18
CA LYS C 299 7.20 37.70 -15.58
C LYS C 299 6.48 38.78 -14.78
N LEU C 300 5.57 39.49 -15.45
CA LEU C 300 4.77 40.49 -14.76
C LEU C 300 3.83 39.81 -13.77
N PRO C 301 3.82 40.21 -12.51
CA PRO C 301 2.87 39.61 -11.55
C PRO C 301 1.44 39.82 -12.00
N TYR C 302 0.62 38.79 -11.80
CA TYR C 302 -0.75 38.80 -12.25
C TYR C 302 -1.69 38.54 -11.08
N ASP C 303 -2.99 38.71 -11.34
CA ASP C 303 -4.00 38.73 -10.29
C ASP C 303 -5.02 37.62 -10.51
N GLY C 304 -5.46 37.01 -9.41
CA GLY C 304 -6.54 36.05 -9.44
C GLY C 304 -6.14 34.71 -10.03
N PRO C 305 -7.11 33.82 -10.20
CA PRO C 305 -6.84 32.56 -10.89
C PRO C 305 -6.66 32.80 -12.39
N ILE C 306 -5.91 31.89 -13.01
CA ILE C 306 -5.61 32.03 -14.43
C ILE C 306 -6.89 31.97 -15.26
N ASN C 307 -7.79 31.05 -14.91
CA ASN C 307 -8.99 30.85 -15.74
C ASN C 307 -9.84 32.11 -15.85
N LYS C 308 -9.71 33.04 -14.89
CA LYS C 308 -10.49 34.26 -14.92
C LYS C 308 -9.75 35.42 -15.58
N LEU C 309 -8.44 35.29 -15.79
CA LEU C 309 -7.66 36.41 -16.30
C LEU C 309 -8.16 36.90 -17.65
N ARG C 310 -8.88 36.07 -18.39
CA ARG C 310 -9.44 36.51 -19.66
C ARG C 310 -10.54 37.53 -19.44
N GLU C 311 -11.48 37.25 -18.54
CA GLU C 311 -12.64 38.14 -18.42
C GLU C 311 -12.31 39.43 -17.69
N THR C 312 -11.40 39.38 -16.72
CA THR C 312 -11.00 40.60 -16.04
C THR C 312 -10.17 41.49 -16.96
N ASN C 313 -9.01 40.99 -17.41
CA ASN C 313 -8.08 41.76 -18.24
C ASN C 313 -7.69 40.92 -19.44
N HIS C 314 -8.54 40.90 -20.47
CA HIS C 314 -8.24 40.19 -21.69
C HIS C 314 -7.08 40.85 -22.43
N GLN C 315 -7.03 42.18 -22.40
CA GLN C 315 -5.88 42.90 -22.93
C GLN C 315 -4.60 42.47 -22.24
N ARG C 316 -4.70 42.05 -20.98
CA ARG C 316 -3.53 41.44 -20.35
C ARG C 316 -3.31 40.03 -20.84
N TYR C 317 -4.39 39.31 -21.15
CA TYR C 317 -4.26 37.90 -21.53
C TYR C 317 -3.48 37.75 -22.84
N ILE C 318 -3.88 38.48 -23.87
CA ILE C 318 -3.26 38.28 -25.18
C ILE C 318 -1.79 38.71 -25.14
N SER C 319 -1.49 39.82 -24.47
CA SER C 319 -0.10 40.21 -24.33
C SER C 319 0.68 39.23 -23.46
N TYR C 320 0.02 38.63 -22.47
CA TYR C 320 0.63 37.58 -21.68
C TYR C 320 1.06 36.41 -22.54
N ASN C 321 0.29 36.11 -23.57
CA ASN C 321 0.68 35.11 -24.55
C ASN C 321 1.77 35.57 -25.50
N ILE C 322 1.71 36.82 -25.95
CA ILE C 322 2.71 37.32 -26.89
C ILE C 322 4.09 37.31 -26.23
N ILE C 323 4.17 37.63 -24.95
CA ILE C 323 5.43 37.52 -24.24
C ILE C 323 5.76 36.06 -23.91
N ASP C 324 4.73 35.23 -23.69
CA ASP C 324 4.97 33.83 -23.33
C ASP C 324 5.63 33.07 -24.48
N VAL C 325 5.12 33.26 -25.70
CA VAL C 325 5.71 32.61 -26.86
C VAL C 325 7.14 33.06 -27.04
N GLU C 326 7.38 34.36 -26.98
CA GLU C 326 8.71 34.91 -27.26
C GLU C 326 9.72 34.54 -26.18
N SER C 327 9.27 34.24 -24.96
CA SER C 327 10.21 33.77 -23.95
C SER C 327 10.95 32.53 -24.43
N VAL C 328 10.24 31.62 -25.12
CA VAL C 328 10.88 30.43 -25.66
C VAL C 328 11.92 30.80 -26.69
N GLN C 329 11.59 31.76 -27.57
CA GLN C 329 12.55 32.17 -28.59
C GLN C 329 13.79 32.78 -27.95
N ALA C 330 13.61 33.55 -26.88
CA ALA C 330 14.75 34.14 -26.19
C ALA C 330 15.60 33.06 -25.54
N ILE C 331 14.97 32.07 -24.89
CA ILE C 331 15.72 30.95 -24.34
C ILE C 331 16.51 30.26 -25.45
N ASP C 332 15.89 30.14 -26.62
CA ASP C 332 16.56 29.56 -27.77
C ASP C 332 17.80 30.36 -28.14
N LYS C 333 17.64 31.68 -28.30
CA LYS C 333 18.78 32.52 -28.66
C LYS C 333 19.90 32.36 -27.65
N ILE C 334 19.56 32.22 -26.36
CA ILE C 334 20.58 32.05 -25.35
C ILE C 334 21.27 30.70 -25.48
N ARG C 335 20.50 29.64 -25.71
CA ARG C 335 21.05 28.29 -25.73
C ARG C 335 21.31 27.74 -27.12
N GLY C 336 20.56 28.18 -28.14
CA GLY C 336 20.80 27.72 -29.49
C GLY C 336 20.55 26.25 -29.71
N PHE C 337 19.40 25.76 -29.25
CA PHE C 337 19.09 24.34 -29.43
C PHE C 337 18.71 24.02 -30.87
N ILE C 338 17.90 24.87 -31.50
CA ILE C 338 17.50 24.59 -32.87
C ILE C 338 18.67 24.72 -33.82
N ASP C 339 19.75 25.36 -33.41
CA ASP C 339 20.99 25.27 -34.16
C ASP C 339 21.81 24.06 -33.75
N LEU C 340 21.32 23.25 -32.82
CA LEU C 340 21.94 21.98 -32.44
C LEU C 340 21.16 20.78 -32.93
N VAL C 341 19.82 20.82 -32.87
CA VAL C 341 19.04 19.77 -33.50
C VAL C 341 19.39 19.65 -34.97
N LEU C 342 19.44 20.78 -35.67
CA LEU C 342 19.80 20.76 -37.08
C LEU C 342 21.20 20.21 -37.28
N SER C 343 22.16 20.67 -36.47
CA SER C 343 23.54 20.26 -36.67
C SER C 343 23.71 18.76 -36.45
N MET C 344 23.12 18.24 -35.37
CA MET C 344 23.25 16.80 -35.12
C MET C 344 22.52 15.99 -36.17
N SER C 345 21.35 16.46 -36.61
CA SER C 345 20.61 15.72 -37.64
C SER C 345 21.40 15.64 -38.93
N TYR C 346 22.00 16.76 -39.35
CA TYR C 346 22.72 16.72 -40.62
C TYR C 346 24.08 16.04 -40.49
N TYR C 347 24.71 16.08 -39.32
CA TYR C 347 25.96 15.36 -39.17
C TYR C 347 25.73 13.86 -39.08
N ALA C 348 24.58 13.44 -38.56
CA ALA C 348 24.26 12.03 -38.46
C ALA C 348 23.48 11.50 -39.66
N LYS C 349 23.05 12.36 -40.58
CA LYS C 349 22.37 11.96 -41.81
C LYS C 349 21.13 11.12 -41.47
N MET C 350 20.19 11.77 -40.81
CA MET C 350 19.01 11.13 -40.25
C MET C 350 17.89 12.15 -40.21
N PRO C 351 16.66 11.72 -39.95
CA PRO C 351 15.57 12.69 -39.79
C PRO C 351 15.72 13.45 -38.47
N PHE C 352 15.04 14.60 -38.40
CA PHE C 352 15.16 15.46 -37.24
C PHE C 352 14.67 14.78 -35.98
N SER C 353 13.46 14.21 -36.02
CA SER C 353 12.82 13.71 -34.82
C SER C 353 13.64 12.64 -34.12
N GLY C 354 14.55 11.99 -34.85
CA GLY C 354 15.36 10.95 -34.24
C GLY C 354 16.40 11.45 -33.27
N VAL C 355 16.64 12.77 -33.24
CA VAL C 355 17.64 13.31 -32.32
C VAL C 355 17.32 12.93 -30.88
N MET C 356 16.04 12.77 -30.56
CA MET C 356 15.64 12.51 -29.19
C MET C 356 16.22 11.19 -28.67
N SER C 357 16.21 10.14 -29.48
CA SER C 357 16.62 8.82 -29.02
C SER C 357 18.06 8.55 -29.42
N PRO C 358 18.97 8.35 -28.47
CA PRO C 358 20.38 8.17 -28.83
C PRO C 358 20.66 6.92 -29.65
N ILE C 359 19.85 5.88 -29.53
CA ILE C 359 20.12 4.66 -30.27
C ILE C 359 20.05 4.94 -31.77
N LYS C 360 19.06 5.71 -32.21
CA LYS C 360 18.95 6.03 -33.62
C LYS C 360 20.14 6.85 -34.09
N THR C 361 20.55 7.84 -33.30
CA THR C 361 21.67 8.68 -33.70
C THR C 361 22.93 7.85 -33.86
N TRP C 362 23.23 7.02 -32.86
CA TRP C 362 24.44 6.23 -32.95
C TRP C 362 24.36 5.20 -34.07
N ASP C 363 23.16 4.64 -34.29
CA ASP C 363 22.98 3.72 -35.40
C ASP C 363 23.32 4.40 -36.72
N ALA C 364 22.83 5.62 -36.92
CA ALA C 364 23.08 6.33 -38.17
C ALA C 364 24.56 6.62 -38.36
N ILE C 365 25.19 7.18 -37.34
CA ILE C 365 26.64 7.52 -37.44
C ILE C 365 27.44 6.24 -37.72
N ILE C 366 27.16 5.16 -36.97
CA ILE C 366 27.98 3.92 -37.12
C ILE C 366 27.82 3.39 -38.56
N PHE C 367 26.60 3.40 -39.10
CA PHE C 367 26.37 2.85 -40.46
C PHE C 367 27.22 3.63 -41.47
N ASN C 368 27.11 4.96 -41.47
CA ASN C 368 27.82 5.77 -42.49
C ASN C 368 29.33 5.51 -42.39
N SER C 369 29.87 5.44 -41.17
CA SER C 369 31.33 5.27 -41.00
C SER C 369 31.79 3.98 -41.68
N LEU C 370 31.11 2.85 -41.41
CA LEU C 370 31.51 1.55 -41.98
C LEU C 370 31.18 1.53 -43.48
N LYS C 371 30.05 2.10 -43.87
CA LYS C 371 29.62 2.08 -45.30
C LYS C 371 30.79 2.47 -46.20
N GLY C 372 31.35 3.67 -46.00
CA GLY C 372 32.43 4.16 -46.87
C GLY C 372 33.56 3.14 -46.97
N GLU C 373 33.84 2.43 -45.89
CA GLU C 373 34.92 1.45 -45.87
C GLU C 373 34.50 0.12 -46.44
N HIS C 374 33.38 0.06 -47.16
CA HIS C 374 32.88 -1.17 -47.79
C HIS C 374 32.67 -2.26 -46.74
N LYS C 375 31.75 -1.99 -45.82
CA LYS C 375 31.35 -2.96 -44.81
C LYS C 375 29.83 -2.93 -44.71
N VAL C 376 29.28 -3.92 -44.02
CA VAL C 376 27.84 -4.04 -43.87
C VAL C 376 27.52 -4.43 -42.43
N ILE C 377 26.53 -3.75 -41.86
CA ILE C 377 26.19 -3.88 -40.45
C ILE C 377 25.35 -5.13 -40.22
N PRO C 378 25.43 -5.75 -39.04
CA PRO C 378 24.58 -6.90 -38.74
C PRO C 378 23.11 -6.51 -38.56
N GLN C 379 22.29 -7.47 -38.17
CA GLN C 379 20.89 -7.20 -37.87
C GLN C 379 20.65 -7.25 -36.37
N GLN C 380 19.62 -6.55 -35.93
CA GLN C 380 19.31 -6.41 -34.51
C GLN C 380 18.78 -7.73 -33.97
N GLY C 381 19.64 -8.50 -33.31
CA GLY C 381 19.18 -9.70 -32.65
C GLY C 381 18.33 -9.38 -31.44
N SER C 382 17.33 -10.21 -31.19
CA SER C 382 16.45 -10.04 -30.05
C SER C 382 17.12 -10.56 -28.79
N HIS C 383 16.92 -9.85 -27.68
CA HIS C 383 17.46 -10.26 -26.40
C HIS C 383 16.38 -10.06 -25.34
N VAL C 384 16.77 -10.21 -24.08
CA VAL C 384 15.89 -9.96 -22.94
C VAL C 384 16.61 -9.03 -21.98
N LYS C 385 15.82 -8.29 -21.21
CA LYS C 385 16.38 -7.36 -20.25
C LYS C 385 16.97 -8.09 -19.06
N GLN C 386 18.07 -7.58 -18.54
CA GLN C 386 18.65 -8.06 -17.29
C GLN C 386 18.99 -6.87 -16.40
N SER C 387 19.01 -7.11 -15.09
CA SER C 387 19.38 -6.09 -14.13
C SER C 387 20.87 -6.25 -13.79
N PHE C 388 21.70 -5.92 -14.77
CA PHE C 388 23.13 -5.99 -14.58
C PHE C 388 23.56 -4.96 -13.55
N PRO C 389 24.71 -5.16 -12.89
CA PRO C 389 25.05 -4.35 -11.72
C PRO C 389 25.03 -2.86 -12.02
N GLY C 390 24.46 -2.10 -11.10
CA GLY C 390 24.37 -0.66 -11.20
C GLY C 390 25.64 0.01 -10.74
N ALA C 391 25.53 1.32 -10.52
CA ALA C 391 26.70 2.08 -10.08
C ALA C 391 27.12 1.67 -8.68
N PHE C 392 28.43 1.58 -8.48
CA PHE C 392 28.98 1.26 -7.17
C PHE C 392 29.23 2.57 -6.42
N VAL C 393 28.42 2.84 -5.41
CA VAL C 393 28.53 4.03 -4.60
C VAL C 393 29.31 3.69 -3.35
N PHE C 394 30.33 4.49 -3.05
CA PHE C 394 31.21 4.20 -1.92
C PHE C 394 30.45 4.38 -0.60
N GLU C 395 31.16 4.20 0.50
CA GLU C 395 30.54 4.22 1.81
C GLU C 395 30.68 5.60 2.44
N PRO C 396 29.59 6.31 2.69
CA PRO C 396 29.69 7.58 3.41
C PRO C 396 29.58 7.40 4.92
N LYS C 397 30.64 7.71 5.66
CA LYS C 397 30.57 7.75 7.11
C LYS C 397 30.26 9.18 7.51
N PRO C 398 29.02 9.50 7.85
CA PRO C 398 28.62 10.91 7.94
C PRO C 398 29.29 11.67 9.08
N ILE C 399 30.60 11.82 8.99
CA ILE C 399 31.37 12.60 9.94
C ILE C 399 31.93 13.82 9.21
N ALA C 400 32.04 14.94 9.93
CA ALA C 400 32.63 16.14 9.33
C ALA C 400 34.02 15.83 8.82
N ARG C 401 34.29 16.23 7.57
CA ARG C 401 35.54 15.87 6.90
C ARG C 401 36.46 17.07 6.70
N ARG C 402 36.17 18.21 7.31
CA ARG C 402 36.99 19.42 7.18
C ARG C 402 37.10 19.74 5.69
N TYR C 403 38.28 20.01 5.16
CA TYR C 403 38.42 20.24 3.73
C TYR C 403 38.61 18.91 3.01
N ILE C 404 38.05 18.83 1.80
CA ILE C 404 38.26 17.66 0.95
C ILE C 404 38.60 18.12 -0.46
N MET C 405 39.25 17.20 -1.18
CA MET C 405 39.60 17.37 -2.59
C MET C 405 38.77 16.37 -3.38
N SER C 406 37.83 16.88 -4.16
CA SER C 406 36.88 16.06 -4.92
C SER C 406 37.34 15.98 -6.35
N PHE C 407 37.64 14.78 -6.84
CA PHE C 407 38.02 14.64 -8.23
C PHE C 407 37.42 13.39 -8.85
N ASP C 408 37.16 13.49 -10.15
CA ASP C 408 36.63 12.40 -10.93
C ASP C 408 37.27 12.43 -12.31
N LEU C 409 37.22 11.30 -12.99
CA LEU C 409 37.84 11.14 -14.30
C LEU C 409 36.84 11.51 -15.39
N THR C 410 37.33 12.18 -16.43
CA THR C 410 36.48 12.71 -17.47
C THR C 410 36.17 11.65 -18.53
N SER C 411 34.91 11.56 -18.91
CA SER C 411 34.46 10.66 -19.97
C SER C 411 34.86 9.22 -19.67
N LEU C 412 34.22 8.67 -18.64
CA LEU C 412 34.55 7.32 -18.19
C LEU C 412 34.30 6.30 -19.28
N TYR C 413 33.04 6.12 -19.67
CA TYR C 413 32.67 4.99 -20.53
C TYR C 413 33.31 5.04 -21.90
N PRO C 414 33.36 6.16 -22.62
CA PRO C 414 34.14 6.16 -23.86
C PRO C 414 35.60 5.82 -23.64
N SER C 415 36.21 6.26 -22.54
CA SER C 415 37.60 5.90 -22.28
C SER C 415 37.73 4.40 -22.03
N ILE C 416 36.80 3.81 -21.29
CA ILE C 416 36.82 2.38 -21.03
C ILE C 416 36.73 1.62 -22.34
N ILE C 417 35.80 2.01 -23.21
CA ILE C 417 35.63 1.30 -24.47
C ILE C 417 36.84 1.49 -25.36
N ARG C 418 37.45 2.67 -25.32
CA ARG C 418 38.67 2.89 -26.10
C ARG C 418 39.80 2.01 -25.63
N GLN C 419 39.95 1.83 -24.31
CA GLN C 419 41.10 1.14 -23.76
C GLN C 419 40.91 -0.37 -23.64
N VAL C 420 39.67 -0.86 -23.71
CA VAL C 420 39.40 -2.30 -23.68
C VAL C 420 38.91 -2.82 -25.03
N ASN C 421 38.67 -1.95 -26.00
CA ASN C 421 38.23 -2.35 -27.33
C ASN C 421 36.95 -3.16 -27.30
N ILE C 422 36.06 -2.83 -26.37
CA ILE C 422 34.83 -3.58 -26.18
C ILE C 422 33.93 -3.39 -27.38
N SER C 423 33.88 -4.39 -28.24
CA SER C 423 33.14 -4.29 -29.50
C SER C 423 32.52 -5.64 -29.79
N PRO C 424 31.42 -5.68 -30.54
CA PRO C 424 30.75 -6.97 -30.79
C PRO C 424 31.62 -7.99 -31.49
N GLU C 425 32.50 -7.57 -32.39
CA GLU C 425 33.29 -8.50 -33.18
C GLU C 425 34.71 -8.68 -32.66
N THR C 426 35.06 -8.06 -31.54
CA THR C 426 36.38 -8.22 -30.96
C THR C 426 36.37 -9.11 -29.72
N ILE C 427 35.23 -9.72 -29.41
CA ILE C 427 35.15 -10.66 -28.29
C ILE C 427 35.76 -11.99 -28.72
N ARG C 428 36.75 -12.45 -27.97
CA ARG C 428 37.44 -13.70 -28.28
C ARG C 428 36.81 -14.88 -27.54
N GLY C 429 36.77 -14.82 -26.23
CA GLY C 429 36.24 -15.92 -25.45
C GLY C 429 36.15 -15.56 -24.00
N GLN C 430 35.94 -16.58 -23.16
CA GLN C 430 35.83 -16.40 -21.72
C GLN C 430 37.01 -17.05 -21.03
N PHE C 431 37.72 -16.28 -20.23
CA PHE C 431 38.78 -16.83 -19.39
C PHE C 431 38.24 -17.01 -17.97
N LYS C 432 38.90 -17.90 -17.22
CA LYS C 432 38.37 -18.31 -15.93
C LYS C 432 38.23 -17.10 -15.00
N VAL C 433 37.10 -17.06 -14.30
CA VAL C 433 36.75 -15.89 -13.50
C VAL C 433 37.24 -16.09 -12.07
N HIS C 434 37.46 -14.98 -11.40
CA HIS C 434 37.81 -14.92 -9.99
C HIS C 434 36.88 -13.93 -9.32
N PRO C 435 36.71 -14.02 -8.00
CA PRO C 435 35.87 -13.03 -7.31
C PRO C 435 36.40 -11.62 -7.53
N ILE C 436 35.47 -10.66 -7.49
CA ILE C 436 35.83 -9.27 -7.74
C ILE C 436 36.90 -8.79 -6.76
N HIS C 437 36.86 -9.31 -5.52
CA HIS C 437 37.87 -8.96 -4.54
C HIS C 437 39.26 -9.36 -5.01
N GLU C 438 39.37 -10.46 -5.74
CA GLU C 438 40.67 -10.94 -6.19
C GLU C 438 41.33 -9.94 -7.13
N TYR C 439 40.62 -9.52 -8.18
CA TYR C 439 41.19 -8.59 -9.15
C TYR C 439 41.25 -7.17 -8.60
N ILE C 440 40.34 -6.82 -7.69
CA ILE C 440 40.25 -5.45 -7.21
C ILE C 440 41.52 -5.03 -6.49
N ALA C 441 42.26 -5.97 -5.92
CA ALA C 441 43.52 -5.69 -5.24
C ALA C 441 44.71 -6.36 -5.92
N GLY C 442 44.49 -7.08 -7.01
CA GLY C 442 45.57 -7.75 -7.71
C GLY C 442 45.99 -9.09 -7.14
N THR C 443 45.29 -9.58 -6.12
CA THR C 443 45.67 -10.86 -5.53
C THR C 443 45.51 -12.01 -6.53
N ALA C 444 44.58 -11.87 -7.47
CA ALA C 444 44.40 -12.89 -8.49
C ALA C 444 45.59 -12.88 -9.45
N PRO C 445 45.88 -14.01 -10.09
CA PRO C 445 46.94 -14.03 -11.10
C PRO C 445 46.54 -13.21 -12.32
N LYS C 446 47.53 -12.88 -13.13
CA LYS C 446 47.28 -12.07 -14.31
C LYS C 446 46.31 -12.81 -15.24
N PRO C 447 45.24 -12.15 -15.69
CA PRO C 447 44.25 -12.86 -16.51
C PRO C 447 44.81 -13.48 -17.77
N SER C 448 45.73 -12.80 -18.44
CA SER C 448 46.41 -13.31 -19.63
C SER C 448 47.49 -12.33 -20.04
N ASP C 449 48.35 -12.76 -20.96
CA ASP C 449 49.33 -11.89 -21.57
C ASP C 449 49.14 -11.80 -23.08
N GLU C 450 48.00 -12.25 -23.59
CA GLU C 450 47.73 -12.28 -25.02
C GLU C 450 46.67 -11.25 -25.42
N TYR C 451 45.51 -11.26 -24.77
CA TYR C 451 44.42 -10.32 -25.17
C TYR C 451 43.95 -9.48 -23.97
N SER C 452 43.49 -8.25 -24.23
CA SER C 452 42.98 -7.36 -23.16
C SER C 452 41.68 -7.94 -22.59
N CYS C 453 41.22 -7.47 -21.43
CA CYS C 453 40.02 -8.11 -20.82
C CYS C 453 39.22 -7.17 -19.92
N SER C 454 38.32 -7.77 -19.12
CA SER C 454 37.50 -7.00 -18.15
C SER C 454 37.30 -7.88 -16.93
N PRO C 455 36.91 -7.35 -15.75
CA PRO C 455 36.64 -8.20 -14.59
C PRO C 455 35.49 -9.17 -14.92
N ASN C 456 34.87 -9.01 -16.09
CA ASN C 456 33.71 -9.86 -16.48
C ASN C 456 34.18 -11.26 -16.85
N GLY C 457 35.49 -11.49 -16.95
CA GLY C 457 36.00 -12.85 -17.23
C GLY C 457 35.97 -13.18 -18.71
N TRP C 458 36.22 -12.18 -19.57
CA TRP C 458 36.13 -12.41 -21.03
C TRP C 458 37.49 -12.17 -21.70
N MET C 459 37.51 -12.04 -23.02
CA MET C 459 38.77 -11.90 -23.74
C MET C 459 38.54 -10.93 -24.90
N TYR C 460 39.51 -10.06 -25.14
CA TYR C 460 39.33 -9.00 -26.13
C TYR C 460 40.65 -8.69 -26.81
N ASP C 461 40.66 -8.77 -28.14
CA ASP C 461 41.89 -8.63 -28.92
C ASP C 461 42.49 -7.24 -28.77
N LYS C 462 43.81 -7.18 -28.91
CA LYS C 462 44.56 -5.93 -28.87
C LYS C 462 45.01 -5.44 -30.23
N HIS C 463 45.41 -6.36 -31.11
CA HIS C 463 45.96 -5.97 -32.41
C HIS C 463 44.88 -5.65 -33.43
N GLN C 464 43.61 -5.87 -33.10
CA GLN C 464 42.49 -5.56 -33.98
C GLN C 464 41.64 -4.49 -33.31
N GLU C 465 41.67 -3.28 -33.87
CA GLU C 465 40.84 -2.20 -33.35
C GLU C 465 39.39 -2.45 -33.73
N GLY C 466 38.48 -2.29 -32.76
CA GLY C 466 37.09 -2.55 -32.99
C GLY C 466 36.44 -1.50 -33.87
N ILE C 467 35.11 -1.46 -33.80
CA ILE C 467 34.34 -0.44 -34.48
C ILE C 467 34.01 0.73 -33.56
N ILE C 468 33.46 0.40 -32.39
CA ILE C 468 33.21 1.42 -31.37
C ILE C 468 34.48 2.19 -31.02
N PRO C 469 35.64 1.55 -30.80
CA PRO C 469 36.83 2.35 -30.46
C PRO C 469 37.23 3.32 -31.55
N LYS C 470 37.29 2.87 -32.80
CA LYS C 470 37.64 3.77 -33.88
C LYS C 470 36.65 4.92 -33.98
N GLU C 471 35.37 4.63 -33.81
CA GLU C 471 34.36 5.66 -34.01
C GLU C 471 34.37 6.68 -32.88
N ILE C 472 34.52 6.21 -31.64
CA ILE C 472 34.65 7.11 -30.51
C ILE C 472 35.90 7.97 -30.68
N ALA C 473 36.97 7.38 -31.20
CA ALA C 473 38.17 8.17 -31.46
C ALA C 473 37.91 9.24 -32.49
N LYS C 474 37.16 8.91 -33.54
CA LYS C 474 36.85 9.90 -34.56
C LYS C 474 36.03 11.05 -33.99
N VAL C 475 35.05 10.74 -33.15
CA VAL C 475 34.24 11.80 -32.56
C VAL C 475 35.07 12.64 -31.58
N PHE C 476 35.93 11.99 -30.80
CA PHE C 476 36.82 12.74 -29.91
C PHE C 476 37.70 13.69 -30.70
N PHE C 477 38.29 13.20 -31.79
CA PHE C 477 39.17 14.03 -32.60
C PHE C 477 38.41 15.20 -33.21
N GLN C 478 37.20 14.95 -33.69
CA GLN C 478 36.39 16.04 -34.25
C GLN C 478 36.05 17.07 -33.18
N ARG C 479 35.72 16.60 -31.96
CA ARG C 479 35.45 17.53 -30.87
C ARG C 479 36.67 18.40 -30.59
N LYS C 480 37.84 17.79 -30.48
CA LYS C 480 39.04 18.55 -30.20
C LYS C 480 39.33 19.56 -31.30
N ASP C 481 39.20 19.14 -32.55
CA ASP C 481 39.45 20.04 -33.68
C ASP C 481 38.48 21.22 -33.67
N TRP C 482 37.19 20.95 -33.45
CA TRP C 482 36.22 22.03 -33.47
C TRP C 482 36.41 22.97 -32.30
N LYS C 483 36.77 22.45 -31.12
CA LYS C 483 37.06 23.32 -30.00
C LYS C 483 38.25 24.21 -30.30
N LYS C 484 39.31 23.64 -30.90
CA LYS C 484 40.47 24.44 -31.24
C LYS C 484 40.12 25.52 -32.25
N LYS C 485 39.26 25.19 -33.22
CA LYS C 485 38.79 26.20 -34.15
C LYS C 485 38.00 27.29 -33.45
N MET C 486 37.20 26.91 -32.45
CA MET C 486 36.44 27.89 -31.69
C MET C 486 37.37 28.86 -30.96
N PHE C 487 38.39 28.34 -30.29
CA PHE C 487 39.32 29.25 -29.63
C PHE C 487 40.11 30.08 -30.63
N ALA C 488 40.42 29.51 -31.79
CA ALA C 488 41.11 30.28 -32.82
C ALA C 488 40.28 31.47 -33.26
N GLU C 489 38.98 31.25 -33.49
CA GLU C 489 38.08 32.35 -33.77
C GLU C 489 38.02 33.32 -32.59
N GLU C 490 38.12 32.81 -31.36
CA GLU C 490 38.08 33.68 -30.19
C GLU C 490 39.25 34.66 -30.19
N MET C 491 40.48 34.16 -30.38
CA MET C 491 41.60 35.09 -30.45
C MET C 491 41.53 35.95 -31.69
N ASN C 492 40.96 35.44 -32.79
CA ASN C 492 40.77 36.26 -33.97
C ASN C 492 39.90 37.48 -33.67
N ALA C 493 38.75 37.25 -33.04
CA ALA C 493 37.86 38.34 -32.69
C ALA C 493 38.49 39.27 -31.67
N GLU C 494 39.26 38.73 -30.72
CA GLU C 494 39.94 39.57 -29.74
C GLU C 494 40.94 40.50 -30.42
N ALA C 495 41.73 39.96 -31.35
CA ALA C 495 42.67 40.80 -32.09
C ALA C 495 41.94 41.84 -32.92
N ILE C 496 40.81 41.46 -33.52
CA ILE C 496 40.05 42.40 -34.34
C ILE C 496 39.53 43.54 -33.50
N LYS C 497 38.98 43.25 -32.32
CA LYS C 497 38.46 44.32 -31.47
C LYS C 497 39.58 45.17 -30.89
N LYS C 498 40.74 44.58 -30.64
CA LYS C 498 41.89 45.38 -30.22
C LYS C 498 42.33 46.33 -31.33
N ILE C 499 42.30 45.85 -32.58
CA ILE C 499 42.59 46.72 -33.71
C ILE C 499 41.56 47.84 -33.80
N ILE C 500 40.29 47.51 -33.55
CA ILE C 500 39.23 48.51 -33.56
C ILE C 500 39.52 49.60 -32.53
N MET C 501 39.88 49.18 -31.31
CA MET C 501 40.20 50.15 -30.28
C MET C 501 41.47 50.94 -30.61
N LYS C 502 42.36 50.37 -31.44
CA LYS C 502 43.50 51.15 -31.93
C LYS C 502 43.06 52.17 -32.97
N GLY C 503 41.97 51.90 -33.69
CA GLY C 503 41.49 52.81 -34.71
C GLY C 503 41.86 52.37 -36.11
N ALA C 504 40.96 52.57 -37.07
CA ALA C 504 41.22 52.15 -38.45
C ALA C 504 40.33 52.97 -39.38
N GLY C 505 40.94 53.91 -40.11
CA GLY C 505 40.20 54.71 -41.07
C GLY C 505 40.67 54.51 -42.50
N SER C 506 39.82 53.92 -43.33
CA SER C 506 40.18 53.62 -44.72
C SER C 506 38.88 53.38 -45.49
N CYS C 507 39.01 52.83 -46.70
CA CYS C 507 37.86 52.51 -47.52
C CYS C 507 37.19 51.21 -47.03
N SER C 508 36.03 50.93 -47.60
CA SER C 508 35.23 49.77 -47.22
C SER C 508 35.41 48.67 -48.26
N THR C 509 35.83 47.48 -47.80
CA THR C 509 36.04 46.35 -48.69
C THR C 509 36.15 45.08 -47.84
N LYS C 510 35.35 44.07 -48.18
CA LYS C 510 35.40 42.81 -47.46
C LYS C 510 36.19 41.80 -48.27
N PRO C 511 37.34 41.33 -47.80
CA PRO C 511 38.09 40.31 -48.53
C PRO C 511 37.54 38.91 -48.28
N GLU C 512 38.21 37.90 -48.83
CA GLU C 512 37.83 36.52 -48.56
C GLU C 512 38.11 36.20 -47.10
N VAL C 513 37.07 35.87 -46.35
CA VAL C 513 37.16 35.62 -44.92
C VAL C 513 37.21 34.11 -44.73
N GLU C 514 38.41 33.57 -44.57
CA GLU C 514 38.54 32.16 -44.22
C GLU C 514 38.07 31.94 -42.79
N ARG C 515 37.27 30.89 -42.61
CA ARG C 515 36.58 30.65 -41.35
C ARG C 515 37.22 29.51 -40.57
N TYR C 516 37.02 29.54 -39.25
CA TYR C 516 37.51 28.51 -38.34
C TYR C 516 39.03 28.36 -38.39
N VAL C 517 39.74 29.45 -38.68
CA VAL C 517 41.19 29.43 -38.76
C VAL C 517 41.72 30.80 -38.37
N LYS C 518 42.78 30.81 -37.56
CA LYS C 518 43.34 32.05 -37.07
C LYS C 518 43.97 32.84 -38.22
N PHE C 519 43.76 34.16 -38.21
CA PHE C 519 44.33 35.02 -39.23
C PHE C 519 45.80 35.28 -38.97
N SER C 520 46.54 35.56 -40.05
CA SER C 520 47.93 35.93 -39.95
C SER C 520 48.07 37.41 -39.61
N ASP C 521 49.29 37.83 -39.28
CA ASP C 521 49.54 39.23 -38.97
C ASP C 521 49.28 40.12 -40.19
N ASP C 522 49.70 39.67 -41.37
CA ASP C 522 49.47 40.45 -42.59
C ASP C 522 47.98 40.60 -42.86
N PHE C 523 47.21 39.52 -42.69
CA PHE C 523 45.77 39.61 -42.87
C PHE C 523 45.15 40.53 -41.83
N LEU C 524 45.66 40.50 -40.60
CA LEU C 524 45.17 41.40 -39.57
C LEU C 524 45.42 42.86 -39.94
N ASN C 525 46.59 43.17 -40.47
CA ASN C 525 46.87 44.53 -40.92
C ASN C 525 45.96 44.92 -42.07
N GLU C 526 45.74 43.99 -43.02
CA GLU C 526 44.86 44.28 -44.14
C GLU C 526 43.44 44.59 -43.66
N LEU C 527 42.95 43.83 -42.68
CA LEU C 527 41.65 44.11 -42.10
C LEU C 527 41.65 45.45 -41.37
N SER C 528 42.76 45.78 -40.71
CA SER C 528 42.92 47.11 -40.10
C SER C 528 42.97 48.21 -41.14
N ASN C 529 43.17 47.87 -42.41
CA ASN C 529 43.16 48.85 -43.50
C ASN C 529 41.77 49.07 -44.07
N TYR C 530 40.72 48.89 -43.27
CA TYR C 530 39.36 49.17 -43.69
C TYR C 530 38.67 50.11 -42.70
N THR C 531 37.37 50.31 -42.86
CA THR C 531 36.61 51.18 -41.97
C THR C 531 36.31 50.48 -40.65
N GLU C 532 35.73 51.24 -39.72
CA GLU C 532 35.19 50.64 -38.50
C GLU C 532 33.97 49.80 -38.81
N SER C 533 33.17 50.22 -39.80
CA SER C 533 31.99 49.45 -40.19
C SER C 533 32.38 48.08 -40.73
N VAL C 534 33.43 48.03 -41.54
CA VAL C 534 33.90 46.74 -42.05
C VAL C 534 34.44 45.89 -40.90
N LEU C 535 35.10 46.52 -39.93
CA LEU C 535 35.58 45.80 -38.76
C LEU C 535 34.42 45.17 -37.99
N ASN C 536 33.33 45.93 -37.81
CA ASN C 536 32.17 45.40 -37.09
C ASN C 536 31.47 44.31 -37.90
N SER C 537 31.44 44.45 -39.23
CA SER C 537 30.88 43.39 -40.07
C SER C 537 31.69 42.11 -39.94
N LEU C 538 33.02 42.21 -39.93
CA LEU C 538 33.86 41.04 -39.75
C LEU C 538 33.70 40.46 -38.34
N ILE C 539 33.47 41.32 -37.35
CA ILE C 539 33.17 40.84 -36.00
C ILE C 539 31.87 40.04 -36.00
N GLU C 540 30.86 40.51 -36.73
CA GLU C 540 29.61 39.77 -36.82
C GLU C 540 29.80 38.43 -37.51
N GLU C 541 30.62 38.41 -38.57
CA GLU C 541 30.92 37.14 -39.24
C GLU C 541 31.64 36.19 -38.29
N CYS C 542 32.58 36.73 -37.51
CA CYS C 542 33.27 35.90 -36.51
C CYS C 542 32.29 35.39 -35.46
N GLU C 543 31.29 36.21 -35.10
CA GLU C 543 30.26 35.74 -34.18
C GLU C 543 29.48 34.58 -34.76
N LYS C 544 29.13 34.66 -36.05
CA LYS C 544 28.43 33.55 -36.69
C LYS C 544 29.30 32.30 -36.72
N ALA C 545 30.59 32.47 -37.03
CA ALA C 545 31.51 31.34 -37.02
C ALA C 545 31.64 30.75 -35.63
N ALA C 546 31.66 31.62 -34.61
CA ALA C 546 31.74 31.14 -33.23
C ALA C 546 30.50 30.36 -32.86
N THR C 547 29.32 30.82 -33.29
CA THR C 547 28.10 30.07 -33.02
C THR C 547 28.15 28.70 -33.68
N LEU C 548 28.62 28.64 -34.92
CA LEU C 548 28.72 27.34 -35.59
C LEU C 548 29.71 26.43 -34.88
N ALA C 549 30.86 26.97 -34.48
CA ALA C 549 31.87 26.16 -33.80
C ALA C 549 31.35 25.68 -32.45
N ASN C 550 30.66 26.54 -31.71
CA ASN C 550 30.12 26.14 -30.42
C ASN C 550 29.04 25.07 -30.58
N THR C 551 28.19 25.20 -31.60
CA THR C 551 27.20 24.17 -31.85
C THR C 551 27.87 22.84 -32.18
N ASN C 552 28.92 22.87 -33.00
CA ASN C 552 29.63 21.63 -33.29
C ASN C 552 30.24 21.03 -32.04
N GLN C 553 30.85 21.86 -31.19
CA GLN C 553 31.49 21.34 -29.98
C GLN C 553 30.46 20.71 -29.06
N LEU C 554 29.35 21.40 -28.83
CA LEU C 554 28.33 20.85 -27.94
C LEU C 554 27.67 19.63 -28.56
N ASN C 555 27.60 19.58 -29.89
CA ASN C 555 27.12 18.40 -30.59
C ASN C 555 28.00 17.20 -30.27
N ARG C 556 29.32 17.38 -30.37
CA ARG C 556 30.24 16.28 -30.07
C ARG C 556 30.11 15.85 -28.61
N LYS C 557 29.99 16.82 -27.70
CA LYS C 557 29.82 16.48 -26.30
C LYS C 557 28.57 15.65 -26.09
N ILE C 558 27.46 16.05 -26.71
CA ILE C 558 26.22 15.33 -26.56
C ILE C 558 26.34 13.92 -27.12
N LEU C 559 26.98 13.79 -28.28
CA LEU C 559 27.15 12.48 -28.90
C LEU C 559 27.89 11.54 -27.97
N ILE C 560 29.06 11.96 -27.47
CA ILE C 560 29.88 11.08 -26.66
C ILE C 560 29.17 10.74 -25.36
N ASN C 561 28.54 11.73 -24.72
CA ASN C 561 27.97 11.47 -23.41
C ASN C 561 26.85 10.44 -23.46
N SER C 562 26.08 10.39 -24.54
CA SER C 562 24.96 9.47 -24.65
C SER C 562 25.33 8.19 -25.38
N LEU C 563 26.57 7.73 -25.26
CA LEU C 563 26.99 6.51 -25.94
C LEU C 563 26.67 5.29 -25.11
N TYR C 564 27.19 5.23 -23.88
CA TYR C 564 26.95 4.10 -23.01
C TYR C 564 25.46 3.89 -22.74
N GLY C 565 24.65 4.91 -22.92
CA GLY C 565 23.22 4.70 -22.85
C GLY C 565 22.64 3.97 -24.03
N ALA C 566 23.47 3.63 -25.01
CA ALA C 566 23.04 2.87 -26.17
C ALA C 566 23.62 1.46 -26.21
N LEU C 567 24.94 1.33 -26.03
CA LEU C 567 25.56 0.01 -26.01
C LEU C 567 25.05 -0.85 -24.87
N GLY C 568 24.40 -0.23 -23.88
CA GLY C 568 23.78 -0.97 -22.80
C GLY C 568 22.29 -1.12 -22.99
N ASN C 569 21.81 -0.95 -24.22
CA ASN C 569 20.40 -1.09 -24.53
C ASN C 569 20.18 -2.30 -25.43
N ILE C 570 19.05 -2.98 -25.22
CA ILE C 570 18.79 -4.23 -25.94
C ILE C 570 18.34 -3.98 -27.37
N HIS C 571 18.00 -2.76 -27.74
CA HIS C 571 17.57 -2.46 -29.10
C HIS C 571 18.64 -1.80 -29.94
N PHE C 572 19.76 -1.40 -29.34
CA PHE C 572 20.92 -1.00 -30.13
C PHE C 572 21.55 -2.24 -30.73
N ARG C 573 21.69 -2.25 -32.06
CA ARG C 573 22.00 -3.49 -32.76
C ARG C 573 23.31 -4.12 -32.34
N TYR C 574 24.21 -3.36 -31.72
CA TYR C 574 25.47 -3.93 -31.24
C TYR C 574 25.41 -4.20 -29.74
N TYR C 575 24.42 -4.99 -29.33
CA TYR C 575 24.17 -5.24 -27.92
C TYR C 575 24.70 -6.61 -27.52
N ASP C 576 25.38 -6.67 -26.38
CA ASP C 576 25.82 -7.92 -25.77
C ASP C 576 25.73 -7.77 -24.27
N LEU C 577 25.27 -8.82 -23.58
CA LEU C 577 25.29 -8.79 -22.13
C LEU C 577 26.71 -8.71 -21.61
N ARG C 578 27.62 -9.47 -22.21
CA ARG C 578 28.99 -9.52 -21.74
C ARG C 578 29.65 -8.15 -21.82
N ASN C 579 29.48 -7.45 -22.95
CA ASN C 579 30.07 -6.13 -23.09
C ASN C 579 29.42 -5.12 -22.15
N ALA C 580 28.09 -5.16 -22.07
CA ALA C 580 27.38 -4.20 -21.22
C ALA C 580 27.74 -4.37 -19.76
N THR C 581 28.13 -5.57 -19.36
CA THR C 581 28.60 -5.76 -17.99
C THR C 581 30.09 -5.47 -17.85
N ALA C 582 30.88 -5.76 -18.89
CA ALA C 582 32.31 -5.51 -18.82
C ALA C 582 32.61 -4.04 -18.66
N ILE C 583 31.93 -3.15 -19.39
CA ILE C 583 32.18 -1.73 -19.19
C ILE C 583 31.89 -1.33 -17.76
N THR C 584 30.72 -1.70 -17.24
CA THR C 584 30.31 -1.27 -15.91
C THR C 584 31.29 -1.75 -14.86
N ILE C 585 31.59 -3.05 -14.85
CA ILE C 585 32.41 -3.54 -13.75
C ILE C 585 33.88 -3.24 -13.94
N PHE C 586 34.35 -2.99 -15.17
CA PHE C 586 35.69 -2.43 -15.30
C PHE C 586 35.73 -1.04 -14.68
N GLY C 587 34.67 -0.26 -14.86
CA GLY C 587 34.61 1.01 -14.16
C GLY C 587 34.67 0.83 -12.66
N GLN C 588 33.92 -0.13 -12.14
CA GLN C 588 33.95 -0.40 -10.71
C GLN C 588 35.36 -0.74 -10.24
N VAL C 589 36.03 -1.64 -10.97
CA VAL C 589 37.39 -2.03 -10.61
C VAL C 589 38.30 -0.82 -10.65
N GLY C 590 38.15 0.04 -11.65
CA GLY C 590 39.00 1.21 -11.73
C GLY C 590 38.85 2.12 -10.53
N ILE C 591 37.60 2.42 -10.16
CA ILE C 591 37.38 3.33 -9.04
C ILE C 591 37.88 2.72 -7.74
N GLN C 592 37.65 1.44 -7.51
CA GLN C 592 38.12 0.88 -6.25
C GLN C 592 39.64 0.72 -6.26
N TRP C 593 40.23 0.50 -7.43
CA TRP C 593 41.67 0.41 -7.54
C TRP C 593 42.33 1.74 -7.20
N ILE C 594 41.80 2.83 -7.74
CA ILE C 594 42.38 4.12 -7.40
C ILE C 594 42.09 4.45 -5.94
N ALA C 595 40.96 3.99 -5.40
CA ALA C 595 40.72 4.17 -3.97
C ALA C 595 41.81 3.51 -3.14
N ARG C 596 42.12 2.25 -3.45
CA ARG C 596 43.15 1.54 -2.70
C ARG C 596 44.52 2.17 -2.88
N LYS C 597 44.84 2.60 -4.10
CA LYS C 597 46.14 3.24 -4.34
C LYS C 597 46.26 4.56 -3.60
N ILE C 598 45.21 5.39 -3.60
CA ILE C 598 45.31 6.66 -2.90
C ILE C 598 45.40 6.44 -1.40
N ASN C 599 44.68 5.43 -0.89
CA ASN C 599 44.83 5.10 0.52
C ASN C 599 46.27 4.71 0.84
N GLU C 600 46.87 3.87 0.00
CA GLU C 600 48.25 3.45 0.22
C GLU C 600 49.21 4.64 0.19
N TYR C 601 49.05 5.52 -0.81
CA TYR C 601 49.96 6.65 -0.92
C TYR C 601 49.81 7.60 0.26
N LEU C 602 48.56 7.86 0.68
CA LEU C 602 48.36 8.75 1.82
C LEU C 602 48.93 8.14 3.09
N ASN C 603 48.75 6.84 3.28
CA ASN C 603 49.33 6.19 4.45
C ASN C 603 50.85 6.27 4.43
N LYS C 604 51.45 6.07 3.26
CA LYS C 604 52.90 6.12 3.16
C LYS C 604 53.42 7.53 3.45
N VAL C 605 52.80 8.55 2.86
CA VAL C 605 53.28 9.91 3.05
C VAL C 605 53.04 10.39 4.47
N CYS C 606 51.94 9.97 5.09
CA CYS C 606 51.63 10.38 6.46
C CYS C 606 52.18 9.43 7.51
N GLY C 607 52.79 8.32 7.10
CA GLY C 607 53.39 7.37 8.02
C GLY C 607 52.44 6.38 8.67
N THR C 608 51.24 6.83 9.02
CA THR C 608 50.28 5.96 9.67
C THR C 608 49.76 4.90 8.69
N ASN C 609 49.12 3.87 9.23
CA ASN C 609 48.59 2.79 8.43
C ASN C 609 47.12 2.56 8.76
N ASP C 610 46.41 1.95 7.82
CA ASP C 610 44.99 1.63 7.96
C ASP C 610 44.17 2.90 8.23
N GLU C 611 44.24 3.83 7.29
CA GLU C 611 43.49 5.07 7.35
C GLU C 611 42.69 5.21 6.06
N ASP C 612 41.41 5.52 6.20
CA ASP C 612 40.50 5.64 5.05
C ASP C 612 40.22 7.11 4.78
N PHE C 613 40.57 7.57 3.59
CA PHE C 613 40.39 8.96 3.20
C PHE C 613 39.34 9.17 2.11
N ILE C 614 39.14 8.18 1.25
CA ILE C 614 38.07 8.28 0.27
C ILE C 614 36.72 8.20 0.97
N ALA C 615 35.78 9.03 0.54
CA ALA C 615 34.48 9.09 1.17
C ALA C 615 33.40 9.31 0.13
N ALA C 616 32.39 8.45 0.13
CA ALA C 616 31.11 8.71 -0.49
C ALA C 616 31.20 8.90 -2.00
N GLY C 617 32.18 8.28 -2.63
CA GLY C 617 32.33 8.41 -4.06
C GLY C 617 31.22 7.72 -4.82
N ASP C 618 31.28 7.85 -6.15
CA ASP C 618 30.44 7.12 -7.06
C ASP C 618 31.33 6.40 -8.06
N THR C 619 30.72 5.79 -9.08
CA THR C 619 31.53 5.08 -10.06
C THR C 619 32.36 6.00 -10.92
N ASP C 620 32.37 7.30 -10.63
CA ASP C 620 33.19 8.28 -11.32
C ASP C 620 34.08 9.07 -10.38
N SER C 621 33.60 9.42 -9.19
CA SER C 621 34.25 10.41 -8.35
C SER C 621 34.79 9.80 -7.07
N VAL C 622 35.85 10.39 -6.54
CA VAL C 622 36.37 10.10 -5.22
C VAL C 622 36.63 11.43 -4.53
N TYR C 623 36.24 11.53 -3.27
CA TYR C 623 36.41 12.76 -2.49
C TYR C 623 37.37 12.44 -1.36
N VAL C 624 38.64 12.79 -1.53
CA VAL C 624 39.64 12.46 -0.52
C VAL C 624 39.60 13.49 0.59
N CYS C 625 39.73 13.02 1.84
CA CYS C 625 39.75 13.91 3.00
C CYS C 625 40.96 14.84 2.96
N VAL C 626 42.12 14.33 2.59
CA VAL C 626 43.36 15.09 2.42
C VAL C 626 43.56 16.09 3.55
N ASP C 627 43.15 15.72 4.76
CA ASP C 627 43.27 16.59 5.92
C ASP C 627 44.58 16.38 6.68
N LYS C 628 44.95 15.13 6.91
CA LYS C 628 46.12 14.84 7.74
C LYS C 628 47.41 15.37 7.12
N VAL C 629 47.48 15.44 5.79
CA VAL C 629 48.69 15.95 5.14
C VAL C 629 48.93 17.40 5.52
N ILE C 630 47.86 18.21 5.55
CA ILE C 630 48.01 19.61 5.91
C ILE C 630 48.37 19.74 7.39
N GLU C 631 47.80 18.87 8.23
CA GLU C 631 48.19 18.87 9.64
C GLU C 631 49.67 18.59 9.80
N LYS C 632 50.20 17.62 9.04
CA LYS C 632 51.63 17.37 9.05
C LYS C 632 52.40 18.58 8.55
N VAL C 633 51.86 19.25 7.52
CA VAL C 633 52.51 20.47 7.01
C VAL C 633 52.47 21.57 8.06
N GLY C 634 51.30 21.80 8.66
CA GLY C 634 51.15 22.86 9.65
C GLY C 634 50.38 24.05 9.14
N LEU C 635 49.15 24.22 9.61
CA LEU C 635 48.29 25.31 9.14
C LEU C 635 48.81 26.68 9.56
N ASP C 636 49.76 26.74 10.50
CA ASP C 636 50.31 28.02 10.93
C ASP C 636 51.06 28.73 9.82
N ARG C 637 51.45 28.03 8.76
CA ARG C 637 52.19 28.64 7.66
C ARG C 637 51.31 29.56 6.81
N PHE C 638 49.99 29.41 6.88
CA PHE C 638 49.09 30.17 6.02
C PHE C 638 48.56 31.40 6.74
N LYS C 639 48.34 32.47 5.97
CA LYS C 639 47.84 33.71 6.51
C LYS C 639 46.57 34.20 5.83
N GLU C 640 46.11 33.53 4.78
CA GLU C 640 44.90 33.95 4.08
C GLU C 640 44.33 32.74 3.34
N GLN C 641 43.03 32.82 3.03
CA GLN C 641 42.35 31.75 2.32
C GLN C 641 43.03 31.43 1.00
N ASN C 642 43.44 32.46 0.26
CA ASN C 642 44.01 32.24 -1.06
C ASN C 642 45.32 31.49 -0.99
N ASP C 643 46.15 31.76 0.04
CA ASP C 643 47.38 31.01 0.19
C ASP C 643 47.10 29.53 0.48
N LEU C 644 46.09 29.26 1.31
CA LEU C 644 45.72 27.89 1.59
C LEU C 644 45.25 27.19 0.33
N VAL C 645 44.44 27.88 -0.49
CA VAL C 645 43.99 27.31 -1.75
C VAL C 645 45.16 27.12 -2.72
N GLU C 646 46.16 28.00 -2.64
CA GLU C 646 47.33 27.87 -3.50
C GLU C 646 48.11 26.60 -3.16
N PHE C 647 48.38 26.38 -1.88
CA PHE C 647 49.10 25.15 -1.50
C PHE C 647 48.24 23.93 -1.81
N MET C 648 46.95 24.02 -1.51
CA MET C 648 45.95 23.08 -2.00
C MET C 648 46.18 22.66 -3.45
N ASN C 649 46.15 23.64 -4.36
CA ASN C 649 46.23 23.34 -5.78
C ASN C 649 47.60 22.79 -6.18
N GLN C 650 48.67 23.35 -5.60
CA GLN C 650 50.00 22.84 -5.93
C GLN C 650 50.18 21.40 -5.46
N PHE C 651 49.68 21.08 -4.27
CA PHE C 651 49.75 19.70 -3.81
C PHE C 651 48.86 18.80 -4.66
N GLY C 652 47.72 19.31 -5.12
CA GLY C 652 46.90 18.53 -6.02
C GLY C 652 47.63 18.19 -7.31
N LYS C 653 48.33 19.17 -7.88
CA LYS C 653 49.14 18.91 -9.06
C LYS C 653 50.24 17.91 -8.78
N LYS C 654 50.90 18.04 -7.62
CA LYS C 654 51.98 17.13 -7.26
C LYS C 654 51.47 15.72 -6.99
N LYS C 655 50.21 15.58 -6.57
CA LYS C 655 49.68 14.30 -6.14
C LYS C 655 48.98 13.54 -7.26
N MET C 656 48.08 14.21 -7.98
CA MET C 656 47.22 13.51 -8.93
C MET C 656 48.03 12.83 -10.03
N GLU C 657 48.72 13.63 -10.85
CA GLU C 657 49.40 13.06 -12.01
C GLU C 657 50.46 12.05 -11.63
N PRO C 658 51.48 12.38 -10.83
CA PRO C 658 52.53 11.39 -10.57
C PRO C 658 52.02 10.13 -9.89
N MET C 659 50.97 10.22 -9.07
CA MET C 659 50.44 9.04 -8.42
C MET C 659 49.41 8.32 -9.29
N ILE C 660 48.35 9.03 -9.70
CA ILE C 660 47.26 8.35 -10.39
C ILE C 660 47.66 7.90 -11.78
N ASP C 661 48.56 8.63 -12.44
CA ASP C 661 49.03 8.19 -13.75
C ASP C 661 49.63 6.79 -13.65
N VAL C 662 50.55 6.59 -12.72
CA VAL C 662 51.15 5.26 -12.58
C VAL C 662 50.16 4.29 -11.95
N ALA C 663 49.22 4.79 -11.13
CA ALA C 663 48.22 3.97 -10.47
C ALA C 663 47.14 3.49 -11.42
N TYR C 664 47.07 4.03 -12.63
CA TYR C 664 46.34 3.41 -13.70
C TYR C 664 47.23 2.69 -14.69
N ARG C 665 48.49 3.09 -14.81
CA ARG C 665 49.40 2.41 -15.72
C ARG C 665 49.62 0.97 -15.28
N GLU C 666 49.79 0.73 -13.97
CA GLU C 666 50.07 -0.64 -13.56
C GLU C 666 48.81 -1.47 -13.72
N LEU C 667 47.64 -0.85 -13.53
CA LEU C 667 46.39 -1.55 -13.79
C LEU C 667 46.28 -1.92 -15.24
N CYS C 668 46.70 -1.01 -16.13
CA CYS C 668 46.58 -1.26 -17.60
C CYS C 668 47.37 -2.52 -17.95
N ASP C 669 48.68 -2.53 -17.68
CA ASP C 669 49.53 -3.71 -17.98
C ASP C 669 48.96 -4.91 -17.22
N TYR C 670 48.47 -4.69 -16.01
CA TYR C 670 47.86 -5.79 -15.21
C TYR C 670 46.67 -6.37 -15.98
N MET C 671 45.91 -5.51 -16.66
CA MET C 671 44.72 -5.97 -17.42
C MET C 671 45.10 -6.21 -18.89
N ASN C 672 46.38 -5.99 -19.23
CA ASN C 672 46.85 -6.21 -20.62
C ASN C 672 45.97 -5.41 -21.57
N ASN C 673 45.57 -4.19 -21.17
CA ASN C 673 44.65 -3.38 -22.00
C ASN C 673 45.40 -2.75 -23.18
N ARG C 674 44.67 -2.13 -24.11
CA ARG C 674 45.27 -1.52 -25.27
C ARG C 674 46.18 -0.35 -24.89
N GLU C 675 45.61 0.72 -24.36
CA GLU C 675 46.37 1.89 -23.94
C GLU C 675 45.73 2.46 -22.68
N HIS C 676 46.53 3.17 -21.89
CA HIS C 676 46.00 3.83 -20.72
C HIS C 676 45.38 5.16 -21.14
N LEU C 677 44.12 5.38 -20.74
CA LEU C 677 43.42 6.59 -21.13
C LEU C 677 42.80 7.27 -19.92
N MET C 678 42.41 6.49 -18.93
CA MET C 678 41.75 7.01 -17.74
C MET C 678 42.65 8.02 -17.05
N HIS C 679 42.18 9.26 -16.93
CA HIS C 679 42.89 10.29 -16.18
C HIS C 679 41.89 11.13 -15.41
N MET C 680 42.33 11.67 -14.29
CA MET C 680 41.47 12.42 -13.38
C MET C 680 42.06 13.80 -13.11
N ASP C 681 41.17 14.74 -12.81
CA ASP C 681 41.53 16.11 -12.53
C ASP C 681 40.76 16.59 -11.29
N ARG C 682 41.38 17.44 -10.50
CA ARG C 682 40.74 17.88 -9.27
C ARG C 682 39.56 18.80 -9.57
N GLU C 683 38.36 18.22 -9.69
CA GLU C 683 37.22 19.01 -10.12
C GLU C 683 36.88 20.11 -9.12
N ALA C 684 36.74 19.76 -7.83
CA ALA C 684 36.34 20.74 -6.84
C ALA C 684 37.12 20.53 -5.55
N ILE C 685 37.13 21.55 -4.71
CA ILE C 685 37.76 21.49 -3.40
C ILE C 685 36.90 22.28 -2.43
N SER C 686 36.92 21.90 -1.16
CA SER C 686 36.12 22.60 -0.15
C SER C 686 36.94 22.95 1.08
N CYS C 687 37.61 24.08 1.04
CA CYS C 687 38.36 24.55 2.20
C CYS C 687 37.43 25.25 3.18
N PRO C 688 37.41 24.88 4.46
CA PRO C 688 36.73 25.71 5.45
C PRO C 688 37.39 27.06 5.55
N PRO C 689 36.62 28.12 5.78
CA PRO C 689 37.22 29.45 5.85
C PRO C 689 38.26 29.53 6.96
N LEU C 690 39.35 30.21 6.68
CA LEU C 690 40.48 30.25 7.61
C LEU C 690 40.11 31.00 8.87
N GLY C 691 40.53 30.46 10.01
CA GLY C 691 40.35 31.12 11.29
C GLY C 691 38.98 30.99 11.91
N SER C 692 38.07 30.26 11.28
CA SER C 692 36.73 30.06 11.81
C SER C 692 36.53 28.57 12.10
N LYS C 693 35.73 28.30 13.13
CA LYS C 693 35.53 26.93 13.61
C LYS C 693 34.47 26.17 12.82
N GLY C 694 34.11 26.64 11.63
CA GLY C 694 33.17 25.89 10.81
C GLY C 694 33.75 24.56 10.35
N VAL C 695 32.89 23.55 10.28
CA VAL C 695 33.35 22.19 10.04
C VAL C 695 33.87 21.97 8.63
N GLY C 696 33.61 22.89 7.71
CA GLY C 696 34.08 22.73 6.34
C GLY C 696 33.12 22.00 5.44
N GLY C 697 32.99 20.69 5.61
CA GLY C 697 32.10 19.91 4.78
C GLY C 697 31.77 18.54 5.34
N PHE C 698 30.49 18.20 5.37
CA PHE C 698 30.01 16.97 5.99
C PHE C 698 29.20 16.17 4.98
N TRP C 699 28.70 15.02 5.44
CA TRP C 699 27.83 14.16 4.66
C TRP C 699 26.74 13.62 5.57
N LYS C 700 25.64 13.20 4.98
CA LYS C 700 24.52 12.64 5.72
C LYS C 700 24.29 11.17 5.39
N ALA C 701 24.31 10.83 4.12
CA ALA C 701 24.14 9.46 3.65
C ALA C 701 24.79 9.37 2.27
N LYS C 702 24.41 8.36 1.50
CA LYS C 702 24.87 8.27 0.12
C LYS C 702 24.30 9.42 -0.71
N LYS C 703 25.17 10.13 -1.41
CA LYS C 703 24.77 11.20 -2.34
C LYS C 703 23.96 12.29 -1.63
N ARG C 704 24.37 12.62 -0.41
CA ARG C 704 23.83 13.76 0.33
C ARG C 704 24.97 14.36 1.12
N TYR C 705 25.23 15.65 0.93
CA TYR C 705 26.35 16.28 1.65
C TYR C 705 26.27 17.79 1.49
N ALA C 706 27.33 18.47 1.92
CA ALA C 706 27.51 19.89 1.74
C ALA C 706 29.00 20.13 1.58
N LEU C 707 29.35 21.12 0.76
CA LEU C 707 30.75 21.36 0.45
C LEU C 707 30.98 22.84 0.25
N ASN C 708 31.95 23.39 1.00
CA ASN C 708 32.30 24.80 0.92
C ASN C 708 33.25 24.98 -0.26
N VAL C 709 32.69 24.92 -1.46
CA VAL C 709 33.49 24.91 -2.67
C VAL C 709 34.25 26.21 -2.82
N TYR C 710 35.56 26.11 -3.07
CA TYR C 710 36.41 27.26 -3.28
C TYR C 710 37.07 27.31 -4.65
N ASP C 711 37.15 26.20 -5.37
CA ASP C 711 37.78 26.20 -6.68
C ASP C 711 37.22 25.01 -7.47
N MET C 712 36.28 25.28 -8.36
CA MET C 712 35.63 24.24 -9.15
C MET C 712 36.24 24.23 -10.55
N GLU C 713 37.01 23.18 -10.86
CA GLU C 713 37.61 22.99 -12.18
C GLU C 713 38.42 24.22 -12.60
N ASP C 714 39.48 24.48 -11.83
CA ASP C 714 40.44 25.55 -12.09
C ASP C 714 39.78 26.93 -12.17
N LYS C 715 38.51 27.04 -11.80
CA LYS C 715 37.79 28.31 -11.81
C LYS C 715 37.75 28.82 -10.37
N ARG C 716 38.74 29.62 -10.01
CA ARG C 716 38.85 30.10 -8.64
C ARG C 716 37.66 30.98 -8.29
N PHE C 717 37.30 30.99 -7.01
CA PHE C 717 36.21 31.81 -6.51
C PHE C 717 36.75 32.79 -5.49
N ALA C 718 36.36 34.06 -5.63
CA ALA C 718 36.73 35.06 -4.63
C ALA C 718 36.10 34.74 -3.28
N GLU C 719 34.83 34.36 -3.29
CA GLU C 719 34.13 33.88 -2.10
C GLU C 719 33.55 32.51 -2.40
N PRO C 720 33.47 31.64 -1.39
CA PRO C 720 33.06 30.26 -1.66
C PRO C 720 31.58 30.15 -1.98
N HIS C 721 31.24 29.15 -2.78
CA HIS C 721 29.86 28.86 -3.14
C HIS C 721 29.56 27.42 -2.73
N LEU C 722 28.76 27.27 -1.69
CA LEU C 722 28.47 25.95 -1.12
C LEU C 722 27.75 25.06 -2.12
N LYS C 723 28.17 23.80 -2.17
CA LYS C 723 27.64 22.84 -3.14
C LYS C 723 26.80 21.81 -2.40
N ILE C 724 25.55 22.12 -2.22
CA ILE C 724 24.63 21.20 -1.57
C ILE C 724 24.09 20.23 -2.59
N MET C 725 23.66 19.06 -2.12
CA MET C 725 22.86 18.17 -2.95
C MET C 725 22.15 17.11 -2.11
N GLY C 726 20.83 17.02 -2.28
CA GLY C 726 20.08 15.98 -1.64
C GLY C 726 19.21 16.44 -0.48
N MET C 727 19.72 17.33 0.36
CA MET C 727 18.98 17.72 1.56
C MET C 727 17.70 18.48 1.19
N GLU C 728 16.96 18.87 2.21
CA GLU C 728 15.65 19.46 2.01
C GLU C 728 15.70 20.83 1.35
N THR C 729 16.89 21.43 1.22
CA THR C 729 16.99 22.75 0.61
C THR C 729 16.47 22.77 -0.82
N GLN C 730 16.42 21.62 -1.49
CA GLN C 730 16.03 21.57 -2.90
C GLN C 730 14.64 20.99 -3.11
N GLN C 731 14.24 20.00 -2.31
CA GLN C 731 12.93 19.37 -2.50
C GLN C 731 11.81 20.38 -2.27
N SER C 732 10.74 20.24 -3.04
CA SER C 732 9.63 21.18 -2.96
C SER C 732 8.82 21.02 -1.68
N SER C 733 9.06 19.98 -0.89
CA SER C 733 8.29 19.79 0.34
C SER C 733 8.52 20.93 1.31
N THR C 734 9.77 21.36 1.48
CA THR C 734 10.09 22.48 2.34
C THR C 734 9.70 23.79 1.67
N PRO C 735 9.08 24.71 2.41
CA PRO C 735 8.73 26.00 1.83
C PRO C 735 9.96 26.81 1.47
N LYS C 736 9.76 27.76 0.55
CA LYS C 736 10.89 28.53 0.03
C LYS C 736 11.60 29.30 1.13
N ALA C 737 10.85 29.92 2.03
CA ALA C 737 11.48 30.61 3.15
C ALA C 737 12.29 29.65 4.01
N VAL C 738 11.72 28.48 4.32
CA VAL C 738 12.46 27.49 5.11
C VAL C 738 13.61 26.92 4.31
N GLN C 739 13.49 26.84 2.99
CA GLN C 739 14.63 26.39 2.18
C GLN C 739 15.79 27.36 2.28
N GLU C 740 15.51 28.66 2.15
CA GLU C 740 16.57 29.66 2.29
C GLU C 740 17.14 29.63 3.70
N ALA C 741 16.28 29.46 4.70
CA ALA C 741 16.77 29.36 6.07
C ALA C 741 17.68 28.16 6.25
N LEU C 742 17.32 27.03 5.64
CA LEU C 742 18.15 25.84 5.74
C LEU C 742 19.49 26.07 5.06
N GLU C 743 19.49 26.73 3.91
CA GLU C 743 20.76 27.03 3.25
C GLU C 743 21.63 27.96 4.10
N GLU C 744 21.01 28.95 4.72
CA GLU C 744 21.76 29.85 5.61
C GLU C 744 22.35 29.09 6.78
N SER C 745 21.56 28.19 7.37
CA SER C 745 22.06 27.37 8.46
C SER C 745 23.21 26.49 7.99
N ILE C 746 23.11 25.95 6.78
CA ILE C 746 24.16 25.10 6.24
C ILE C 746 25.45 25.89 6.07
N ARG C 747 25.34 27.10 5.52
CA ARG C 747 26.52 27.93 5.37
C ARG C 747 27.12 28.27 6.72
N ARG C 748 26.28 28.54 7.71
CA ARG C 748 26.79 28.86 9.05
C ARG C 748 27.46 27.64 9.67
N ILE C 749 26.90 26.45 9.42
CA ILE C 749 27.51 25.22 9.93
C ILE C 749 28.88 25.00 9.33
N LEU C 750 28.97 25.17 8.01
CA LEU C 750 30.22 24.86 7.32
C LEU C 750 31.28 25.92 7.60
N GLN C 751 30.89 27.18 7.66
CA GLN C 751 31.84 28.29 7.65
C GLN C 751 32.13 28.85 9.04
N GLU C 752 31.10 29.30 9.75
CA GLU C 752 31.35 30.00 11.01
C GLU C 752 31.69 29.02 12.14
N GLY C 753 30.79 28.11 12.45
CA GLY C 753 31.06 27.16 13.51
C GLY C 753 29.90 26.91 14.45
N GLU C 754 30.20 26.66 15.72
CA GLU C 754 29.18 26.19 16.65
C GLU C 754 28.19 27.29 17.01
N GLU C 755 28.70 28.38 17.60
CA GLU C 755 27.82 29.41 18.17
C GLU C 755 26.85 29.96 17.13
N SER C 756 27.31 30.08 15.88
CA SER C 756 26.49 30.68 14.85
C SER C 756 25.21 29.89 14.62
N VAL C 757 25.31 28.55 14.63
CA VAL C 757 24.12 27.74 14.38
C VAL C 757 23.07 27.98 15.44
N GLN C 758 23.48 28.00 16.72
CA GLN C 758 22.50 28.20 17.78
C GLN C 758 21.91 29.60 17.75
N GLU C 759 22.73 30.63 17.50
CA GLU C 759 22.14 31.96 17.48
C GLU C 759 21.20 32.12 16.30
N TYR C 760 21.53 31.54 15.14
CA TYR C 760 20.59 31.57 14.03
C TYR C 760 19.34 30.78 14.36
N TYR C 761 19.48 29.68 15.09
CA TYR C 761 18.32 28.92 15.52
C TYR C 761 17.39 29.79 16.35
N LYS C 762 17.96 30.51 17.32
CA LYS C 762 17.13 31.37 18.17
C LYS C 762 16.46 32.46 17.34
N ASN C 763 17.21 33.08 16.43
CA ASN C 763 16.63 34.13 15.59
C ASN C 763 15.51 33.58 14.72
N PHE C 764 15.72 32.41 14.13
CA PHE C 764 14.71 31.81 13.28
C PHE C 764 13.46 31.45 14.08
N GLU C 765 13.64 30.94 15.30
CA GLU C 765 12.49 30.67 16.15
C GLU C 765 11.74 31.96 16.46
N LYS C 766 12.48 33.04 16.71
CA LYS C 766 11.85 34.33 16.98
C LYS C 766 11.01 34.78 15.80
N GLU C 767 11.53 34.66 14.59
CA GLU C 767 10.83 35.19 13.42
C GLU C 767 9.92 34.15 12.75
N TYR C 768 9.87 32.93 13.27
CA TYR C 768 9.06 31.88 12.66
C TYR C 768 7.57 32.09 12.91
N ARG C 769 7.18 32.51 14.10
CA ARG C 769 5.77 32.69 14.39
C ARG C 769 5.20 33.96 13.78
N GLN C 770 5.95 35.05 13.82
CA GLN C 770 5.44 36.36 13.42
C GLN C 770 5.19 36.47 11.92
N LEU C 771 5.86 35.66 11.11
CA LEU C 771 5.74 35.78 9.66
C LEU C 771 4.38 35.27 9.19
N ASP C 772 4.11 35.46 7.91
CA ASP C 772 2.86 34.98 7.32
C ASP C 772 2.86 33.47 7.22
N TYR C 773 1.69 32.87 7.47
CA TYR C 773 1.61 31.42 7.51
C TYR C 773 1.75 30.76 6.15
N LYS C 774 1.54 31.50 5.05
CA LYS C 774 1.67 30.89 3.73
C LYS C 774 3.11 30.55 3.40
N VAL C 775 4.06 31.41 3.78
CA VAL C 775 5.45 31.18 3.42
C VAL C 775 6.10 30.07 4.25
N ILE C 776 5.44 29.63 5.32
CA ILE C 776 5.87 28.43 6.04
C ILE C 776 4.95 27.25 5.77
N ALA C 777 3.83 27.46 5.10
CA ALA C 777 2.90 26.38 4.82
C ALA C 777 3.55 25.34 3.92
N GLU C 778 3.42 24.08 4.30
CA GLU C 778 3.93 22.97 3.50
C GLU C 778 2.93 22.72 2.36
N VAL C 779 3.17 23.32 1.22
CA VAL C 779 2.26 23.21 0.08
C VAL C 779 2.66 21.98 -0.74
N LYS C 780 1.67 21.13 -1.02
CA LYS C 780 1.93 19.87 -1.71
C LYS C 780 0.84 19.63 -2.75
N THR C 781 0.98 18.58 -3.55
CA THR C 781 0.05 18.23 -4.61
C THR C 781 -0.99 17.25 -4.08
N ALA C 782 -2.26 17.51 -4.39
CA ALA C 782 -3.35 16.62 -4.00
C ALA C 782 -3.51 15.56 -5.09
N ASN C 783 -3.06 14.33 -4.80
CA ASN C 783 -3.08 13.27 -5.79
C ASN C 783 -4.34 12.41 -5.69
N ASP C 784 -4.53 11.75 -4.56
CA ASP C 784 -5.66 10.83 -4.35
C ASP C 784 -6.61 11.50 -3.37
N ILE C 785 -7.52 12.32 -3.89
CA ILE C 785 -8.48 13.04 -3.05
C ILE C 785 -9.60 12.14 -2.57
N ALA C 786 -9.79 10.96 -3.19
CA ALA C 786 -10.88 10.07 -2.80
C ALA C 786 -10.49 8.61 -2.72
N LYS C 787 -9.25 8.25 -3.04
CA LYS C 787 -8.87 6.83 -3.07
C LYS C 787 -8.81 6.24 -1.66
N TYR C 788 -8.17 6.94 -0.73
CA TYR C 788 -8.01 6.40 0.62
C TYR C 788 -9.27 6.55 1.45
N ASP C 789 -9.81 7.77 1.54
CA ASP C 789 -10.92 8.01 2.45
C ASP C 789 -12.16 7.22 2.05
N ASP C 790 -12.91 6.78 3.05
CA ASP C 790 -14.16 6.07 2.81
C ASP C 790 -15.27 7.03 2.43
N LYS C 791 -15.66 7.91 3.36
CA LYS C 791 -16.67 8.93 3.09
C LYS C 791 -16.29 10.16 3.90
N GLY C 792 -15.57 11.07 3.26
CA GLY C 792 -15.09 12.27 3.92
C GLY C 792 -14.02 11.95 4.96
N TRP C 793 -14.37 11.13 5.94
CA TRP C 793 -13.41 10.72 6.94
C TRP C 793 -12.32 9.86 6.31
N PRO C 794 -11.06 10.03 6.73
CA PRO C 794 -9.99 9.22 6.17
C PRO C 794 -10.10 7.76 6.58
N GLY C 795 -10.93 7.00 5.87
CA GLY C 795 -11.22 5.62 6.21
C GLY C 795 -10.01 4.72 6.41
N PHE C 796 -9.30 4.44 5.31
CA PHE C 796 -8.11 3.56 5.37
C PHE C 796 -6.87 4.40 5.68
N LYS C 797 -5.69 3.77 5.72
CA LYS C 797 -4.43 4.52 6.00
C LYS C 797 -4.44 5.77 5.12
N CYS C 798 -4.39 6.95 5.74
CA CYS C 798 -4.51 8.21 4.96
C CYS C 798 -3.19 8.98 4.95
N PRO C 799 -2.69 9.42 3.78
CA PRO C 799 -1.47 10.24 3.72
C PRO C 799 -1.64 11.54 4.52
N PHE C 800 -0.55 12.04 5.10
CA PHE C 800 -0.63 13.25 5.93
C PHE C 800 -1.40 14.36 5.22
N HIS C 801 -1.18 14.52 3.90
CA HIS C 801 -1.80 15.62 3.18
C HIS C 801 -3.28 15.38 2.92
N ILE C 802 -3.66 14.14 2.62
CA ILE C 802 -5.04 13.84 2.27
C ILE C 802 -5.96 14.09 3.46
N ARG C 803 -5.48 13.80 4.68
CA ARG C 803 -6.31 14.05 5.85
C ARG C 803 -6.66 15.52 5.96
N GLY C 804 -5.68 16.40 5.75
CA GLY C 804 -5.98 17.83 5.75
C GLY C 804 -6.86 18.25 4.59
N VAL C 805 -6.67 17.63 3.43
CA VAL C 805 -7.51 17.93 2.27
C VAL C 805 -8.97 17.67 2.59
N LEU C 806 -9.26 16.48 3.12
CA LEU C 806 -10.62 16.14 3.48
C LEU C 806 -11.13 16.98 4.65
N THR C 807 -10.23 17.35 5.57
CA THR C 807 -10.63 18.20 6.68
C THR C 807 -11.15 19.54 6.17
N TYR C 808 -10.40 20.18 5.27
CA TYR C 808 -10.85 21.47 4.77
C TYR C 808 -12.11 21.30 3.92
N ARG C 809 -12.17 20.22 3.13
CA ARG C 809 -13.33 20.00 2.27
C ARG C 809 -14.60 19.85 3.09
N ARG C 810 -14.52 19.10 4.20
CA ARG C 810 -15.67 18.96 5.08
C ARG C 810 -15.90 20.18 5.95
N ALA C 811 -14.90 21.06 6.08
CA ALA C 811 -15.08 22.28 6.84
C ALA C 811 -15.86 23.34 6.07
N VAL C 812 -15.81 23.31 4.74
CA VAL C 812 -16.39 24.37 3.92
C VAL C 812 -17.64 23.90 3.21
N SER C 813 -18.32 22.92 3.81
CA SER C 813 -19.58 22.44 3.25
C SER C 813 -20.63 23.55 3.34
N GLY C 814 -20.97 24.14 2.20
CA GLY C 814 -21.90 25.25 2.16
C GLY C 814 -21.30 26.61 2.44
N LEU C 815 -19.99 26.72 2.56
CA LEU C 815 -19.34 28.00 2.81
C LEU C 815 -19.17 28.84 1.56
N GLY C 816 -19.51 28.31 0.38
CA GLY C 816 -19.44 29.08 -0.84
C GLY C 816 -18.06 29.22 -1.45
N VAL C 817 -17.15 28.30 -1.15
CA VAL C 817 -15.81 28.32 -1.70
C VAL C 817 -15.63 27.09 -2.60
N ALA C 818 -14.84 27.26 -3.64
CA ALA C 818 -14.60 26.16 -4.58
C ALA C 818 -13.82 25.05 -3.89
N PRO C 819 -14.34 23.83 -3.86
CA PRO C 819 -13.61 22.73 -3.22
C PRO C 819 -12.32 22.40 -3.97
N ILE C 820 -11.53 21.53 -3.34
CA ILE C 820 -10.20 21.22 -3.85
C ILE C 820 -10.27 20.53 -5.18
N LEU C 821 -9.44 20.98 -6.12
CA LEU C 821 -9.16 20.27 -7.36
C LEU C 821 -7.80 19.62 -7.24
N ASP C 822 -7.68 18.39 -7.76
CA ASP C 822 -6.42 17.66 -7.64
C ASP C 822 -5.30 18.43 -8.31
N GLY C 823 -4.14 18.45 -7.65
CA GLY C 823 -2.99 19.19 -8.11
C GLY C 823 -2.92 20.64 -7.68
N ASN C 824 -3.90 21.12 -6.93
CA ASN C 824 -3.91 22.51 -6.51
C ASN C 824 -2.79 22.80 -5.51
N LYS C 825 -2.58 24.08 -5.24
CA LYS C 825 -1.57 24.52 -4.27
C LYS C 825 -2.12 24.39 -2.85
N VAL C 826 -2.56 23.17 -2.53
CA VAL C 826 -3.10 22.87 -1.21
C VAL C 826 -1.95 22.78 -0.22
N MET C 827 -2.02 23.57 0.85
CA MET C 827 -0.97 23.58 1.86
C MET C 827 -1.48 22.90 3.13
N VAL C 828 -0.69 21.97 3.65
CA VAL C 828 -1.08 21.17 4.81
C VAL C 828 -0.53 21.81 6.07
N LEU C 829 -1.42 22.17 6.99
CA LEU C 829 -1.04 22.73 8.27
C LEU C 829 -1.57 21.83 9.37
N PRO C 830 -0.71 21.27 10.22
CA PRO C 830 -1.21 20.54 11.39
C PRO C 830 -1.89 21.49 12.37
N LEU C 831 -2.91 20.98 13.04
CA LEU C 831 -3.69 21.76 13.98
C LEU C 831 -3.58 21.16 15.37
N ARG C 832 -3.65 22.03 16.38
CA ARG C 832 -3.58 21.58 17.76
C ARG C 832 -4.76 20.69 18.09
N GLU C 833 -4.54 19.74 18.99
CA GLU C 833 -5.59 18.79 19.37
C GLU C 833 -6.80 19.53 19.90
N GLY C 834 -7.98 19.12 19.45
CA GLY C 834 -9.21 19.75 19.85
C GLY C 834 -9.74 20.83 18.94
N ASN C 835 -9.22 20.93 17.72
CA ASN C 835 -9.74 21.90 16.77
C ASN C 835 -11.17 21.54 16.38
N PRO C 836 -12.02 22.54 16.16
CA PRO C 836 -13.43 22.24 15.83
C PRO C 836 -13.62 21.49 14.53
N PHE C 837 -12.63 21.47 13.66
CA PHE C 837 -12.77 20.78 12.37
C PHE C 837 -12.98 19.29 12.57
N GLY C 838 -12.21 18.68 13.47
CA GLY C 838 -12.32 17.25 13.72
C GLY C 838 -11.20 16.44 13.11
N ASP C 839 -9.99 16.99 13.11
CA ASP C 839 -8.82 16.29 12.59
C ASP C 839 -7.57 16.96 13.16
N LYS C 840 -6.41 16.58 12.63
CA LYS C 840 -5.14 17.14 13.08
C LYS C 840 -4.50 18.08 12.08
N CYS C 841 -4.89 18.03 10.80
CA CYS C 841 -4.32 18.91 9.80
C CYS C 841 -5.42 19.37 8.84
N ILE C 842 -5.16 20.49 8.19
CA ILE C 842 -6.08 21.09 7.23
C ILE C 842 -5.30 21.50 5.99
N ALA C 843 -5.87 21.26 4.81
CA ALA C 843 -5.22 21.56 3.55
C ALA C 843 -6.21 22.20 2.60
N TRP C 844 -5.92 23.42 2.17
CA TRP C 844 -6.72 24.12 1.18
C TRP C 844 -5.76 24.76 0.18
N PRO C 845 -6.23 25.05 -1.03
CA PRO C 845 -5.36 25.67 -2.03
C PRO C 845 -4.85 27.04 -1.58
N SER C 846 -3.59 27.31 -1.88
CA SER C 846 -2.97 28.56 -1.47
C SER C 846 -3.61 29.74 -2.19
N GLY C 847 -3.57 30.90 -1.53
CA GLY C 847 -4.17 32.11 -2.03
C GLY C 847 -5.52 32.45 -1.45
N THR C 848 -6.21 31.47 -0.86
CA THR C 848 -7.49 31.69 -0.21
C THR C 848 -7.26 31.67 1.30
N GLU C 849 -7.28 32.86 1.91
CA GLU C 849 -7.05 32.97 3.33
C GLU C 849 -8.20 32.36 4.12
N LEU C 850 -7.96 32.13 5.40
CA LEU C 850 -8.97 31.55 6.26
C LEU C 850 -10.13 32.52 6.41
N PRO C 851 -11.38 32.08 6.21
CA PRO C 851 -12.52 32.96 6.45
C PRO C 851 -12.57 33.40 7.91
N LYS C 852 -13.09 34.61 8.13
CA LYS C 852 -13.11 35.20 9.47
C LYS C 852 -13.82 34.29 10.46
N GLU C 853 -14.77 33.48 9.99
CA GLU C 853 -15.42 32.52 10.87
C GLU C 853 -14.42 31.53 11.46
N ILE C 854 -13.46 31.07 10.65
CA ILE C 854 -12.49 30.08 11.07
C ILE C 854 -11.07 30.63 11.16
N ARG C 855 -10.83 31.87 10.75
CA ARG C 855 -9.48 32.42 10.79
C ARG C 855 -8.96 32.51 12.22
N SER C 856 -9.75 33.11 13.11
CA SER C 856 -9.34 33.21 14.52
C SER C 856 -9.24 31.83 15.15
N ASP C 857 -10.15 30.92 14.79
CA ASP C 857 -10.11 29.58 15.35
C ASP C 857 -8.81 28.86 14.97
N VAL C 858 -8.40 28.98 13.71
CA VAL C 858 -7.17 28.33 13.28
C VAL C 858 -5.97 29.02 13.91
N LEU C 859 -5.99 30.36 13.98
CA LEU C 859 -4.87 31.10 14.55
C LEU C 859 -4.66 30.73 16.00
N SER C 860 -5.74 30.61 16.78
CA SER C 860 -5.59 30.20 18.18
C SER C 860 -5.30 28.71 18.30
N TRP C 861 -5.77 27.91 17.35
CA TRP C 861 -5.59 26.48 17.35
C TRP C 861 -4.41 26.03 16.50
N ILE C 862 -3.64 26.97 15.96
CA ILE C 862 -2.45 26.61 15.20
C ILE C 862 -1.44 25.93 16.12
N ASP C 863 -0.63 25.06 15.53
CA ASP C 863 0.43 24.36 16.32
C ASP C 863 1.77 24.57 15.62
N HIS C 864 2.33 25.77 15.70
CA HIS C 864 3.63 26.08 15.05
C HIS C 864 4.70 25.15 15.60
N SER C 865 4.58 24.77 16.88
CA SER C 865 5.61 23.90 17.52
C SER C 865 5.81 22.64 16.69
N THR C 866 4.72 21.93 16.36
CA THR C 866 4.83 20.71 15.52
C THR C 866 5.33 21.10 14.12
N LEU C 867 4.75 22.14 13.54
CA LEU C 867 5.16 22.61 12.19
C LEU C 867 6.66 22.90 12.22
N PHE C 868 7.12 23.67 13.21
CA PHE C 868 8.55 24.04 13.33
C PHE C 868 9.39 22.78 13.53
N GLN C 869 8.88 21.84 14.33
CA GLN C 869 9.65 20.60 14.62
C GLN C 869 9.94 19.84 13.33
N LYS C 870 8.92 19.59 12.50
CA LYS C 870 9.12 18.78 11.27
C LYS C 870 9.78 19.60 10.17
N SER C 871 9.42 20.88 10.03
CA SER C 871 9.94 21.71 8.91
C SER C 871 11.42 22.06 9.09
N PHE C 872 11.86 22.43 10.30
CA PHE C 872 13.26 22.88 10.45
C PHE C 872 14.00 22.07 11.53
N VAL C 873 13.38 21.86 12.69
CA VAL C 873 14.10 21.17 13.80
C VAL C 873 14.64 19.83 13.31
N LYS C 874 13.79 18.98 12.72
CA LYS C 874 14.24 17.63 12.30
C LYS C 874 15.36 17.74 11.26
N PRO C 875 15.18 18.42 10.11
CA PRO C 875 16.22 18.46 9.07
C PRO C 875 17.54 19.01 9.65
N LEU C 876 17.48 20.14 10.35
CA LEU C 876 18.71 20.77 10.90
C LEU C 876 19.36 19.81 11.90
N ALA C 877 18.56 19.17 12.76
CA ALA C 877 19.13 18.29 13.81
C ALA C 877 19.95 17.17 13.15
N GLY C 878 19.38 16.50 12.15
CA GLY C 878 20.09 15.38 11.48
C GLY C 878 21.39 15.86 10.87
N MET C 879 21.37 17.00 10.19
CA MET C 879 22.59 17.56 9.55
C MET C 879 23.61 17.87 10.66
N CYS C 880 23.15 18.52 11.74
CA CYS C 880 24.06 18.88 12.86
C CYS C 880 24.61 17.61 13.50
N GLU C 881 23.77 16.59 13.64
CA GLU C 881 24.23 15.29 14.22
C GLU C 881 25.32 14.72 13.32
N SER C 882 25.13 14.81 12.00
CA SER C 882 26.14 14.29 11.04
C SER C 882 27.27 15.31 10.87
N ALA C 883 27.20 16.43 11.60
CA ALA C 883 28.25 17.48 11.50
C ALA C 883 29.01 17.58 12.82
N GLY C 884 28.67 16.77 13.83
CA GLY C 884 29.34 16.91 15.11
C GLY C 884 29.14 18.25 15.74
N MET C 885 27.94 18.82 15.62
CA MET C 885 27.65 20.15 16.11
C MET C 885 26.29 20.13 16.80
N ASP C 886 26.22 20.74 17.98
CA ASP C 886 24.99 20.78 18.77
C ASP C 886 24.27 22.08 18.50
N TYR C 887 23.14 22.01 17.81
CA TYR C 887 22.39 23.20 17.45
C TYR C 887 21.60 23.78 18.61
N GLU C 888 21.57 23.11 19.76
CA GLU C 888 20.93 23.62 20.97
C GLU C 888 21.93 23.58 22.12
N GLU C 889 21.89 24.63 22.94
CA GLU C 889 22.77 24.68 24.10
C GLU C 889 22.44 23.54 25.06
N LYS C 890 23.48 22.87 25.55
CA LYS C 890 23.30 21.66 26.34
C LYS C 890 23.52 21.88 27.83
N ALA C 891 23.92 23.08 28.25
CA ALA C 891 24.01 23.41 29.66
C ALA C 891 24.97 22.48 30.41
N SER C 892 26.25 22.56 30.04
CA SER C 892 27.27 21.73 30.65
C SER C 892 28.11 22.55 31.63
N LEU C 893 28.85 21.83 32.47
CA LEU C 893 29.73 22.44 33.46
C LEU C 893 31.19 22.40 33.09
N ASP C 894 31.52 22.09 31.83
CA ASP C 894 32.93 21.98 31.44
C ASP C 894 33.67 23.29 31.67
N PHE C 895 32.96 24.43 31.60
CA PHE C 895 33.56 25.69 31.99
C PHE C 895 33.93 25.71 33.47
N LEU C 896 33.16 24.99 34.29
CA LEU C 896 33.41 24.94 35.72
C LEU C 896 34.17 23.68 36.14
N PHE C 897 34.35 22.72 35.24
CA PHE C 897 35.17 21.56 35.55
C PHE C 897 36.66 21.91 35.61
N GLY C 898 37.06 23.00 34.97
CA GLY C 898 38.44 23.43 34.97
C GLY C 898 38.59 24.92 35.14
N MET D 1 -11.92 24.10 49.37
CA MET D 1 -12.46 23.67 50.65
C MET D 1 -11.45 22.89 51.48
N LYS D 2 -11.86 22.53 52.70
CA LYS D 2 -11.04 21.71 53.58
C LYS D 2 -11.37 20.24 53.34
N LEU D 3 -10.32 19.44 53.14
CA LEU D 3 -10.48 18.02 52.84
C LEU D 3 -9.67 17.21 53.85
N SER D 4 -10.30 16.19 54.43
CA SER D 4 -9.69 15.35 55.44
C SER D 4 -9.30 14.00 54.84
N LYS D 5 -8.47 13.26 55.58
CA LYS D 5 -7.88 12.04 55.05
C LYS D 5 -8.93 10.98 54.76
N ASP D 6 -9.94 10.84 55.64
CA ASP D 6 -11.00 9.87 55.38
C ASP D 6 -11.75 10.22 54.10
N THR D 7 -12.00 11.50 53.88
CA THR D 7 -12.64 11.91 52.63
C THR D 7 -11.76 11.58 51.44
N THR D 8 -10.45 11.76 51.57
CA THR D 8 -9.55 11.41 50.48
C THR D 8 -9.58 9.91 50.19
N ALA D 9 -9.66 9.09 51.23
CA ALA D 9 -9.75 7.64 51.02
C ALA D 9 -11.06 7.29 50.31
N LEU D 10 -12.16 7.90 50.73
CA LEU D 10 -13.43 7.66 50.05
C LEU D 10 -13.35 8.09 48.60
N LEU D 11 -12.70 9.22 48.34
CA LEU D 11 -12.54 9.71 46.97
C LEU D 11 -11.71 8.73 46.14
N LYS D 12 -10.64 8.19 46.74
CA LYS D 12 -9.80 7.24 46.02
C LYS D 12 -10.56 5.98 45.68
N ASN D 13 -11.38 5.48 46.62
CA ASN D 13 -12.22 4.33 46.30
C ASN D 13 -13.23 4.66 45.21
N PHE D 14 -13.80 5.87 45.25
CA PHE D 14 -14.73 6.27 44.21
C PHE D 14 -14.05 6.39 42.85
N ALA D 15 -12.76 6.70 42.85
CA ALA D 15 -12.04 6.84 41.59
C ALA D 15 -11.98 5.54 40.80
N THR D 16 -12.09 4.40 41.46
CA THR D 16 -12.08 3.14 40.73
C THR D 16 -13.39 2.90 40.00
N ILE D 17 -14.49 3.49 40.48
CA ILE D 17 -15.76 3.36 39.75
C ILE D 17 -15.71 4.15 38.46
N ASN D 18 -15.21 5.38 38.50
CA ASN D 18 -15.03 6.18 37.30
C ASN D 18 -13.82 7.07 37.48
N SER D 19 -13.14 7.35 36.36
CA SER D 19 -11.92 8.13 36.41
C SER D 19 -12.17 9.55 36.90
N GLY D 20 -13.26 10.17 36.42
CA GLY D 20 -13.57 11.54 36.77
C GLY D 20 -14.91 11.64 37.47
N ILE D 21 -15.04 12.65 38.32
CA ILE D 21 -16.26 12.88 39.07
C ILE D 21 -16.52 14.39 39.18
N MET D 22 -17.72 14.73 39.60
CA MET D 22 -18.18 16.10 39.70
C MET D 22 -18.51 16.42 41.16
N LEU D 23 -17.75 17.34 41.75
CA LEU D 23 -17.96 17.74 43.14
C LEU D 23 -18.92 18.93 43.18
N LYS D 24 -20.21 18.64 43.01
CA LYS D 24 -21.22 19.67 43.16
C LYS D 24 -21.19 20.23 44.58
N SER D 25 -21.39 21.54 44.71
CA SER D 25 -21.39 22.15 46.02
C SER D 25 -22.49 21.58 46.89
N GLY D 26 -22.13 21.19 48.10
CA GLY D 26 -23.05 20.55 49.01
C GLY D 26 -22.34 19.51 49.84
N GLN D 27 -23.14 18.68 50.50
CA GLN D 27 -22.62 17.66 51.41
C GLN D 27 -22.69 16.25 50.83
N PHE D 28 -23.50 16.03 49.80
CA PHE D 28 -23.73 14.70 49.23
C PHE D 28 -22.81 14.53 48.02
N ILE D 29 -21.81 13.67 48.15
CA ILE D 29 -20.93 13.34 47.03
C ILE D 29 -21.42 12.04 46.42
N MET D 30 -21.30 11.93 45.10
CA MET D 30 -21.98 10.84 44.40
C MET D 30 -21.49 10.78 42.95
N THR D 31 -21.42 9.55 42.43
CA THR D 31 -20.89 9.31 41.10
C THR D 31 -21.51 8.05 40.52
N ARG D 32 -21.20 7.78 39.26
CA ARG D 32 -21.70 6.61 38.55
C ARG D 32 -20.64 6.12 37.59
N ALA D 33 -20.77 4.86 37.19
CA ALA D 33 -19.84 4.27 36.24
C ALA D 33 -20.08 4.81 34.84
N VAL D 34 -19.01 4.77 34.03
CA VAL D 34 -19.11 5.26 32.65
C VAL D 34 -20.12 4.45 31.86
N ASN D 35 -20.29 3.18 32.21
CA ASN D 35 -21.26 2.31 31.56
C ASN D 35 -22.55 2.18 32.36
N GLY D 36 -22.67 2.86 33.48
CA GLY D 36 -23.90 2.87 34.24
C GLY D 36 -24.19 1.60 35.01
N THR D 37 -23.22 0.70 35.14
CA THR D 37 -23.47 -0.57 35.82
C THR D 37 -23.59 -0.38 37.33
N THR D 38 -23.01 0.69 37.86
CA THR D 38 -23.01 0.92 39.30
C THR D 38 -23.02 2.40 39.59
N TYR D 39 -23.50 2.74 40.79
CA TYR D 39 -23.58 4.11 41.26
C TYR D 39 -23.13 4.13 42.71
N ALA D 40 -22.51 5.22 43.13
CA ALA D 40 -22.00 5.33 44.50
C ALA D 40 -22.42 6.65 45.10
N GLU D 41 -22.70 6.63 46.40
CA GLU D 41 -23.11 7.83 47.13
C GLU D 41 -22.39 7.84 48.47
N ALA D 42 -22.22 9.05 49.01
CA ALA D 42 -21.57 9.21 50.31
C ALA D 42 -21.89 10.59 50.86
N ASN D 43 -21.84 10.69 52.18
CA ASN D 43 -22.01 11.95 52.87
C ASN D 43 -20.80 12.16 53.78
N ILE D 44 -20.16 13.32 53.66
CA ILE D 44 -18.94 13.61 54.41
C ILE D 44 -19.12 14.92 55.15
N SER D 45 -18.37 15.06 56.26
CA SER D 45 -18.48 16.25 57.08
C SER D 45 -18.07 17.50 56.31
N ASP D 46 -16.99 17.41 55.54
CA ASP D 46 -16.55 18.54 54.74
C ASP D 46 -17.57 18.86 53.65
N VAL D 47 -17.77 20.14 53.41
CA VAL D 47 -18.66 20.60 52.36
C VAL D 47 -17.82 20.98 51.15
N ILE D 48 -18.47 21.08 50.00
CA ILE D 48 -17.82 21.42 48.74
C ILE D 48 -18.23 22.83 48.35
N ASP D 49 -17.24 23.67 48.03
CA ASP D 49 -17.51 25.07 47.72
C ASP D 49 -18.19 25.24 46.36
N PHE D 50 -17.69 24.57 45.32
CA PHE D 50 -18.26 24.75 44.00
C PHE D 50 -18.06 23.50 43.16
N ASP D 51 -18.81 23.42 42.07
CA ASP D 51 -18.74 22.27 41.17
C ASP D 51 -17.47 22.34 40.33
N VAL D 52 -16.71 21.24 40.33
CA VAL D 52 -15.52 21.11 39.51
C VAL D 52 -15.57 19.77 38.80
N ALA D 53 -15.13 19.76 37.54
CA ALA D 53 -15.09 18.54 36.74
C ALA D 53 -13.66 18.02 36.70
N ILE D 54 -13.24 17.41 37.82
CA ILE D 54 -11.92 16.82 37.88
C ILE D 54 -11.88 15.57 37.01
N TYR D 55 -10.82 15.46 36.20
CA TYR D 55 -10.74 14.34 35.26
C TYR D 55 -9.92 13.18 35.83
N ASP D 56 -8.65 13.41 36.14
CA ASP D 56 -7.76 12.36 36.62
C ASP D 56 -7.81 12.34 38.15
N LEU D 57 -8.86 11.71 38.68
CA LEU D 57 -9.02 11.63 40.13
C LEU D 57 -7.81 10.96 40.77
N ASN D 58 -7.25 9.96 40.11
CA ASN D 58 -6.06 9.31 40.65
C ASN D 58 -4.91 10.30 40.78
N GLY D 59 -4.63 11.03 39.69
CA GLY D 59 -3.56 12.02 39.75
C GLY D 59 -3.86 13.16 40.71
N PHE D 60 -5.11 13.64 40.71
CA PHE D 60 -5.49 14.73 41.60
C PHE D 60 -5.30 14.34 43.05
N LEU D 61 -5.79 13.16 43.43
CA LEU D 61 -5.63 12.72 44.81
C LEU D 61 -4.17 12.40 45.12
N GLY D 62 -3.41 11.92 44.14
CA GLY D 62 -2.01 11.66 44.38
C GLY D 62 -1.24 12.93 44.71
N ILE D 63 -1.47 13.99 43.94
CA ILE D 63 -0.79 15.24 44.23
C ILE D 63 -1.36 15.87 45.50
N LEU D 64 -2.65 15.66 45.77
CA LEU D 64 -3.26 16.25 46.96
C LEU D 64 -2.70 15.63 48.23
N SER D 65 -2.53 14.31 48.26
CA SER D 65 -2.10 13.64 49.47
C SER D 65 -0.67 13.99 49.86
N LEU D 66 0.10 14.61 48.97
CA LEU D 66 1.49 14.95 49.25
C LEU D 66 1.64 16.25 50.02
N VAL D 67 0.56 16.98 50.26
CA VAL D 67 0.64 18.25 50.97
C VAL D 67 -0.05 18.12 52.32
N ASN D 68 -0.03 19.18 53.12
CA ASN D 68 -0.61 19.13 54.45
C ASN D 68 -2.13 18.95 54.37
N ASP D 69 -2.69 18.43 55.46
CA ASP D 69 -4.11 18.11 55.49
C ASP D 69 -4.97 19.36 55.35
N ASP D 70 -4.58 20.45 56.01
CA ASP D 70 -5.37 21.67 56.03
C ASP D 70 -5.14 22.55 54.81
N ALA D 71 -4.64 21.99 53.71
CA ALA D 71 -4.48 22.77 52.49
C ALA D 71 -5.83 23.24 51.98
N GLU D 72 -5.85 24.45 51.44
CA GLU D 72 -7.09 25.08 51.02
C GLU D 72 -7.27 24.96 49.51
N ILE D 73 -8.46 24.56 49.08
CA ILE D 73 -8.77 24.30 47.69
C ILE D 73 -9.81 25.31 47.23
N SER D 74 -9.47 26.10 46.20
CA SER D 74 -10.36 27.14 45.72
C SER D 74 -10.18 27.32 44.22
N GLN D 75 -10.97 28.21 43.64
CA GLN D 75 -10.97 28.41 42.20
C GLN D 75 -9.84 29.33 41.79
N SER D 76 -9.10 28.92 40.76
CA SER D 76 -8.08 29.78 40.17
C SER D 76 -8.74 30.78 39.24
N GLU D 77 -7.93 31.71 38.71
CA GLU D 77 -8.46 32.77 37.87
C GLU D 77 -8.86 32.27 36.49
N ASP D 78 -8.29 31.16 36.01
CA ASP D 78 -8.58 30.65 34.68
C ASP D 78 -9.67 29.59 34.69
N GLY D 79 -10.26 29.29 35.84
CA GLY D 79 -11.26 28.25 35.95
C GLY D 79 -10.74 26.91 36.44
N ASN D 80 -9.43 26.76 36.61
CA ASN D 80 -8.87 25.52 37.13
C ASN D 80 -8.95 25.53 38.66
N ILE D 81 -8.36 24.54 39.30
CA ILE D 81 -8.45 24.37 40.74
C ILE D 81 -7.08 24.69 41.32
N LYS D 82 -7.06 25.41 42.44
CA LYS D 82 -5.83 25.81 43.12
C LYS D 82 -5.84 25.20 44.51
N ILE D 83 -4.81 24.41 44.81
CA ILE D 83 -4.66 23.80 46.12
C ILE D 83 -3.42 24.39 46.77
N ALA D 84 -3.62 25.15 47.85
CA ALA D 84 -2.54 25.87 48.50
C ALA D 84 -2.21 25.23 49.84
N ASP D 85 -0.94 24.87 50.00
CA ASP D 85 -0.43 24.42 51.29
C ASP D 85 -0.10 25.65 52.13
N ALA D 86 0.43 25.43 53.33
CA ALA D 86 0.83 26.55 54.18
C ALA D 86 1.96 27.36 53.56
N ARG D 87 2.70 26.79 52.60
CA ARG D 87 3.83 27.49 52.01
C ARG D 87 3.95 27.30 50.50
N SER D 88 3.00 26.65 49.85
CA SER D 88 3.09 26.42 48.41
C SER D 88 1.69 26.17 47.86
N THR D 89 1.57 26.29 46.55
CA THR D 89 0.30 26.03 45.89
C THR D 89 0.54 25.31 44.57
N ILE D 90 -0.47 24.55 44.15
CA ILE D 90 -0.44 23.74 42.94
C ILE D 90 -1.68 24.05 42.13
N PHE D 91 -1.52 24.15 40.82
CA PHE D 91 -2.60 24.50 39.91
C PHE D 91 -2.96 23.27 39.10
N TRP D 92 -4.08 22.63 39.45
CA TRP D 92 -4.54 21.44 38.77
C TRP D 92 -5.66 21.81 37.81
N PRO D 93 -5.56 21.48 36.52
CA PRO D 93 -6.61 21.88 35.59
C PRO D 93 -7.93 21.21 35.91
N ALA D 94 -9.02 21.93 35.63
CA ALA D 94 -10.37 21.40 35.73
C ALA D 94 -10.94 21.31 34.33
N ALA D 95 -11.36 20.11 33.94
CA ALA D 95 -11.83 19.87 32.58
C ALA D 95 -13.22 20.45 32.39
N ASP D 96 -13.71 20.37 31.16
CA ASP D 96 -15.05 20.83 30.84
C ASP D 96 -16.08 19.98 31.58
N PRO D 97 -17.19 20.59 32.02
CA PRO D 97 -18.23 19.81 32.70
C PRO D 97 -18.78 18.67 31.86
N SER D 98 -18.81 18.81 30.54
CA SER D 98 -19.45 17.79 29.70
C SER D 98 -18.66 16.48 29.69
N THR D 99 -17.33 16.56 29.67
CA THR D 99 -16.54 15.35 29.45
C THR D 99 -16.59 14.37 30.60
N VAL D 100 -17.13 14.76 31.76
CA VAL D 100 -17.23 13.87 32.91
C VAL D 100 -18.64 13.30 32.96
N VAL D 101 -18.75 11.99 32.92
CA VAL D 101 -20.04 11.32 33.02
C VAL D 101 -20.43 11.27 34.49
N ALA D 102 -21.46 12.02 34.86
CA ALA D 102 -21.89 12.10 36.24
C ALA D 102 -23.39 11.87 36.36
N PRO D 103 -23.84 11.31 37.47
CA PRO D 103 -25.29 11.13 37.67
C PRO D 103 -25.98 12.47 37.87
N ASN D 104 -26.93 12.79 36.98
CA ASN D 104 -27.61 14.08 37.03
C ASN D 104 -28.43 14.24 38.29
N LYS D 105 -28.97 13.15 38.85
CA LYS D 105 -29.83 13.22 40.00
C LYS D 105 -29.51 12.09 40.95
N PRO D 106 -29.38 12.36 42.25
CA PRO D 106 -29.15 11.27 43.21
C PRO D 106 -30.27 10.25 43.17
N ILE D 107 -29.90 8.98 43.27
CA ILE D 107 -30.87 7.90 43.12
C ILE D 107 -31.59 7.67 44.45
N PRO D 108 -32.91 7.82 44.48
CA PRO D 108 -33.69 7.49 45.69
C PRO D 108 -34.07 6.02 45.70
N PHE D 109 -33.11 5.19 46.10
CA PHE D 109 -33.28 3.74 46.16
C PHE D 109 -34.47 3.38 47.04
N PRO D 110 -35.56 2.87 46.45
CA PRO D 110 -36.78 2.66 47.23
C PRO D 110 -36.70 1.43 48.11
N VAL D 111 -37.82 1.09 48.75
CA VAL D 111 -37.87 -0.08 49.63
C VAL D 111 -37.55 -1.34 48.82
N ALA D 112 -36.70 -2.19 49.40
CA ALA D 112 -36.24 -3.38 48.72
C ALA D 112 -37.12 -4.58 49.07
N SER D 113 -37.11 -5.57 48.17
CA SER D 113 -37.86 -6.80 48.43
C SER D 113 -37.29 -7.56 49.60
N ALA D 114 -35.97 -7.68 49.68
CA ALA D 114 -35.33 -8.46 50.73
C ALA D 114 -34.16 -7.67 51.30
N VAL D 115 -33.80 -7.99 52.55
CA VAL D 115 -32.68 -7.36 53.23
C VAL D 115 -31.81 -8.45 53.85
N THR D 116 -30.54 -8.12 54.03
CA THR D 116 -29.60 -9.03 54.68
C THR D 116 -28.36 -8.24 55.09
N GLU D 117 -27.43 -8.92 55.77
CA GLU D 117 -26.25 -8.31 56.34
C GLU D 117 -25.02 -9.16 56.01
N ILE D 118 -23.91 -8.49 55.71
CA ILE D 118 -22.66 -9.18 55.39
C ILE D 118 -21.54 -8.56 56.21
N LYS D 119 -20.63 -9.42 56.68
CA LYS D 119 -19.52 -9.01 57.53
C LYS D 119 -18.34 -8.54 56.68
N ALA D 120 -17.41 -7.85 57.34
CA ALA D 120 -16.29 -7.23 56.65
C ALA D 120 -15.38 -8.27 56.01
N GLU D 121 -15.05 -9.33 56.74
CA GLU D 121 -14.12 -10.32 56.20
C GLU D 121 -14.69 -11.09 55.03
N ASP D 122 -16.03 -11.16 54.92
CA ASP D 122 -16.64 -11.91 53.83
C ASP D 122 -16.28 -11.31 52.48
N LEU D 123 -16.35 -9.97 52.38
CA LEU D 123 -16.01 -9.31 51.12
C LEU D 123 -14.54 -9.51 50.78
N GLN D 124 -13.66 -9.42 51.78
CA GLN D 124 -12.24 -9.64 51.54
C GLN D 124 -12.00 -11.05 51.01
N GLN D 125 -12.59 -12.06 51.66
CA GLN D 125 -12.41 -13.43 51.22
C GLN D 125 -12.98 -13.64 49.82
N LEU D 126 -14.15 -13.05 49.56
CA LEU D 126 -14.78 -13.19 48.26
C LEU D 126 -13.92 -12.60 47.15
N LEU D 127 -13.40 -11.39 47.36
CA LEU D 127 -12.55 -10.77 46.36
C LEU D 127 -11.26 -11.56 46.17
N ARG D 128 -10.69 -12.06 47.27
CA ARG D 128 -9.45 -12.82 47.15
C ARG D 128 -9.66 -14.10 46.37
N VAL D 129 -10.74 -14.83 46.64
CA VAL D 129 -10.98 -16.07 45.91
C VAL D 129 -11.30 -15.78 44.46
N SER D 130 -12.02 -14.69 44.19
CA SER D 130 -12.28 -14.30 42.80
C SER D 130 -10.97 -14.01 42.08
N ARG D 131 -10.01 -13.41 42.79
CA ARG D 131 -8.68 -13.21 42.22
C ARG D 131 -7.95 -14.54 42.04
N GLY D 132 -8.22 -15.51 42.90
CA GLY D 132 -7.52 -16.78 42.85
C GLY D 132 -8.23 -17.84 42.04
N LEU D 133 -9.53 -18.01 42.27
CA LEU D 133 -10.33 -18.99 41.53
C LEU D 133 -10.78 -18.45 40.18
N GLN D 134 -10.26 -17.31 39.75
CA GLN D 134 -10.69 -16.61 38.54
C GLN D 134 -12.21 -16.56 38.45
N ILE D 135 -12.86 -16.29 39.57
CA ILE D 135 -14.31 -16.22 39.60
C ILE D 135 -14.77 -15.00 38.81
N ASP D 136 -15.74 -15.23 37.91
CA ASP D 136 -16.26 -14.16 37.06
C ASP D 136 -17.64 -13.69 37.47
N THR D 137 -18.41 -14.52 38.16
CA THR D 137 -19.81 -14.21 38.44
C THR D 137 -20.16 -14.60 39.86
N ILE D 138 -20.95 -13.77 40.52
CA ILE D 138 -21.44 -14.03 41.87
C ILE D 138 -22.96 -14.16 41.81
N ALA D 139 -23.50 -15.11 42.57
CA ALA D 139 -24.92 -15.39 42.58
C ALA D 139 -25.42 -15.35 44.02
N ILE D 140 -26.35 -14.45 44.30
CA ILE D 140 -27.04 -14.40 45.57
C ILE D 140 -28.29 -15.28 45.44
N THR D 141 -28.34 -16.37 46.21
CA THR D 141 -29.44 -17.30 46.07
C THR D 141 -29.90 -17.75 47.46
N VAL D 142 -30.92 -18.61 47.48
CA VAL D 142 -31.41 -19.22 48.71
C VAL D 142 -31.32 -20.73 48.54
N LYS D 143 -30.55 -21.38 49.40
CA LYS D 143 -30.35 -22.82 49.35
C LYS D 143 -30.57 -23.39 50.74
N GLU D 144 -31.32 -24.50 50.81
CA GLU D 144 -31.60 -25.24 52.03
C GLU D 144 -32.50 -24.45 52.99
N GLY D 145 -32.85 -23.20 52.64
CA GLY D 145 -33.55 -22.31 53.55
C GLY D 145 -32.69 -21.17 54.04
N LYS D 146 -31.43 -21.11 53.67
CA LYS D 146 -30.50 -20.06 54.06
C LYS D 146 -30.09 -19.26 52.84
N ILE D 147 -29.98 -17.94 53.01
CA ILE D 147 -29.47 -17.13 51.91
C ILE D 147 -27.97 -17.33 51.81
N VAL D 148 -27.51 -17.68 50.61
CA VAL D 148 -26.13 -18.11 50.39
C VAL D 148 -25.60 -17.46 49.12
N ILE D 149 -24.30 -17.62 48.91
CA ILE D 149 -23.58 -17.03 47.80
C ILE D 149 -22.93 -18.15 47.01
N ASN D 150 -22.98 -18.04 45.68
CA ASN D 150 -22.37 -19.02 44.79
C ASN D 150 -21.41 -18.30 43.84
N GLY D 151 -20.34 -18.97 43.49
CA GLY D 151 -19.34 -18.44 42.58
C GLY D 151 -19.29 -19.22 41.29
N PHE D 152 -19.16 -18.52 40.16
CA PHE D 152 -19.18 -19.19 38.84
C PHE D 152 -18.04 -18.68 37.96
N ASN D 153 -17.78 -19.37 36.84
CA ASN D 153 -16.74 -18.93 35.88
C ASN D 153 -17.39 -18.88 34.48
N LYS D 154 -18.09 -17.79 34.17
CA LYS D 154 -18.80 -17.69 32.87
C LYS D 154 -17.83 -17.97 31.71
N VAL D 155 -16.58 -17.50 31.82
CA VAL D 155 -15.61 -17.65 30.69
C VAL D 155 -15.72 -19.07 30.13
N GLU D 156 -15.65 -20.08 31.01
CA GLU D 156 -15.82 -21.48 30.56
C GLU D 156 -17.31 -21.86 30.67
N ASP D 157 -17.80 -22.13 31.88
CA ASP D 157 -19.21 -22.56 32.06
C ASP D 157 -20.15 -21.37 31.83
N SER D 158 -20.63 -21.21 30.59
CA SER D 158 -21.54 -20.08 30.26
C SER D 158 -22.93 -20.33 30.87
N ALA D 159 -23.22 -21.59 31.21
CA ALA D 159 -24.52 -21.92 31.83
C ALA D 159 -24.37 -21.98 33.35
N LEU D 160 -23.27 -21.41 33.88
CA LEU D 160 -23.04 -21.39 35.34
C LEU D 160 -23.26 -22.80 35.88
N THR D 161 -22.70 -23.81 35.20
CA THR D 161 -22.93 -25.22 35.61
C THR D 161 -22.16 -25.55 36.89
N ARG D 162 -20.88 -25.14 36.97
CA ARG D 162 -20.06 -25.53 38.15
C ARG D 162 -20.02 -24.40 39.18
N VAL D 163 -20.54 -24.66 40.39
CA VAL D 163 -20.50 -23.65 41.48
C VAL D 163 -19.09 -23.66 42.08
N LYS D 164 -18.15 -22.97 41.43
CA LYS D 164 -16.73 -22.96 41.89
C LYS D 164 -16.66 -22.59 43.37
N TYR D 165 -17.52 -21.68 43.84
CA TYR D 165 -17.41 -21.21 45.25
C TYR D 165 -18.77 -21.09 45.91
N SER D 166 -18.86 -21.38 47.21
CA SER D 166 -20.10 -21.20 47.94
C SER D 166 -19.83 -20.48 49.27
N LEU D 167 -20.80 -19.69 49.71
CA LEU D 167 -20.73 -19.00 50.98
C LEU D 167 -22.14 -18.88 51.55
N THR D 168 -22.29 -19.17 52.83
CA THR D 168 -23.59 -19.06 53.50
C THR D 168 -23.72 -17.66 54.06
N LEU D 169 -24.51 -16.82 53.38
CA LEU D 169 -24.67 -15.43 53.81
C LEU D 169 -25.36 -15.33 55.17
N GLY D 170 -26.43 -16.09 55.37
CA GLY D 170 -27.15 -16.04 56.62
C GLY D 170 -28.52 -16.68 56.51
N ASP D 171 -29.39 -16.31 57.44
CA ASP D 171 -30.72 -16.89 57.53
C ASP D 171 -31.69 -16.21 56.56
N TYR D 172 -32.63 -17.00 56.05
CA TYR D 172 -33.67 -16.51 55.15
C TYR D 172 -35.03 -16.71 55.81
N ASP D 173 -35.88 -15.69 55.70
CA ASP D 173 -37.26 -15.76 56.18
C ASP D 173 -38.17 -15.29 55.04
N GLY D 174 -38.84 -16.24 54.41
CA GLY D 174 -39.73 -15.93 53.31
C GLY D 174 -39.85 -17.12 52.38
N GLU D 175 -40.65 -16.91 51.33
CA GLU D 175 -40.88 -17.93 50.32
C GLU D 175 -40.37 -17.55 48.94
N ASN D 176 -40.02 -16.28 48.72
CA ASN D 176 -39.51 -15.86 47.42
C ASN D 176 -38.14 -16.46 47.17
N THR D 177 -37.96 -17.05 45.99
CA THR D 177 -36.71 -17.70 45.62
C THR D 177 -36.09 -16.94 44.46
N PHE D 178 -34.80 -16.63 44.58
CA PHE D 178 -34.18 -15.80 43.56
C PHE D 178 -32.72 -16.16 43.40
N ASN D 179 -32.20 -15.87 42.21
CA ASN D 179 -30.78 -16.02 41.85
C ASN D 179 -30.36 -14.69 41.25
N PHE D 180 -29.81 -13.81 42.09
CA PHE D 180 -29.28 -12.54 41.65
C PHE D 180 -27.89 -12.74 41.07
N ILE D 181 -27.71 -12.42 39.81
CA ILE D 181 -26.43 -12.59 39.13
C ILE D 181 -25.75 -11.24 39.03
N ILE D 182 -24.50 -11.17 39.50
CA ILE D 182 -23.73 -9.93 39.48
C ILE D 182 -22.33 -10.24 38.94
N ASN D 183 -21.74 -9.24 38.30
CA ASN D 183 -20.37 -9.34 37.80
C ASN D 183 -19.39 -9.02 38.91
N MET D 184 -18.17 -9.56 38.77
CA MET D 184 -17.08 -9.19 39.65
C MET D 184 -16.47 -7.83 39.29
N ALA D 185 -16.42 -7.49 38.01
CA ALA D 185 -15.77 -6.26 37.60
C ALA D 185 -16.46 -5.04 38.20
N ASN D 186 -17.76 -5.13 38.45
CA ASN D 186 -18.55 -4.03 38.98
C ASN D 186 -18.63 -4.04 40.50
N MET D 187 -17.95 -4.96 41.16
CA MET D 187 -17.94 -5.06 42.61
C MET D 187 -16.73 -4.28 43.11
N LYS D 188 -16.94 -3.00 43.42
CA LYS D 188 -15.88 -2.09 43.86
C LYS D 188 -16.11 -1.63 45.30
N MET D 189 -16.58 -2.53 46.16
CA MET D 189 -16.80 -2.18 47.55
C MET D 189 -15.47 -2.00 48.28
N GLN D 190 -15.51 -1.21 49.37
CA GLN D 190 -14.39 -1.09 50.29
C GLN D 190 -14.64 -1.95 51.53
N PRO D 191 -13.58 -2.44 52.17
CA PRO D 191 -13.76 -3.38 53.28
C PRO D 191 -14.60 -2.79 54.41
N GLY D 192 -15.43 -3.64 55.00
CA GLY D 192 -16.29 -3.24 56.10
C GLY D 192 -17.60 -4.00 56.07
N ASN D 193 -18.40 -3.75 57.10
CA ASN D 193 -19.74 -4.30 57.17
C ASN D 193 -20.61 -3.72 56.06
N TYR D 194 -21.60 -4.49 55.61
CA TYR D 194 -22.50 -3.96 54.61
C TYR D 194 -23.91 -4.51 54.80
N LYS D 195 -24.89 -3.71 54.42
CA LYS D 195 -26.30 -4.07 54.48
C LYS D 195 -26.83 -4.16 53.06
N LEU D 196 -27.25 -5.37 52.66
CA LEU D 196 -27.72 -5.62 51.30
C LEU D 196 -29.24 -5.44 51.26
N LEU D 197 -29.69 -4.59 50.34
CA LEU D 197 -31.11 -4.40 50.07
C LEU D 197 -31.35 -4.76 48.61
N LEU D 198 -32.12 -5.83 48.38
CA LEU D 198 -32.30 -6.40 47.05
C LEU D 198 -33.74 -6.19 46.60
N TRP D 199 -33.92 -5.78 45.35
CA TRP D 199 -35.23 -5.55 44.77
C TRP D 199 -35.18 -6.05 43.33
N ALA D 200 -36.24 -6.74 42.91
CA ALA D 200 -36.33 -7.25 41.54
C ALA D 200 -37.69 -6.92 40.95
N LYS D 201 -37.70 -6.64 39.64
CA LYS D 201 -38.94 -6.38 38.92
C LYS D 201 -38.74 -6.75 37.46
N GLY D 202 -39.66 -7.54 36.92
CA GLY D 202 -39.55 -7.94 35.52
C GLY D 202 -38.23 -8.65 35.25
N LYS D 203 -37.51 -8.17 34.26
CA LYS D 203 -36.21 -8.73 33.91
C LYS D 203 -35.04 -8.01 34.57
N GLN D 204 -35.30 -6.97 35.37
CA GLN D 204 -34.24 -6.15 35.94
C GLN D 204 -34.42 -6.04 37.44
N GLY D 205 -33.57 -5.21 38.05
CA GLY D 205 -33.62 -5.00 39.48
C GLY D 205 -32.31 -4.44 39.96
N ALA D 206 -32.25 -4.21 41.27
CA ALA D 206 -31.10 -3.55 41.89
C ALA D 206 -30.75 -4.20 43.21
N ALA D 207 -29.50 -3.99 43.62
CA ALA D 207 -29.02 -4.36 44.93
C ALA D 207 -28.23 -3.19 45.48
N LYS D 208 -28.50 -2.80 46.71
CA LYS D 208 -27.84 -1.67 47.34
C LYS D 208 -27.04 -2.16 48.53
N PHE D 209 -25.74 -1.88 48.55
CA PHE D 209 -24.88 -2.17 49.68
C PHE D 209 -24.73 -0.88 50.48
N GLU D 210 -25.43 -0.79 51.61
CA GLU D 210 -25.33 0.34 52.51
C GLU D 210 -24.18 0.13 53.48
N GLY D 211 -23.41 1.20 53.70
CA GLY D 211 -22.28 1.15 54.60
C GLY D 211 -22.25 2.37 55.51
N GLU D 212 -21.38 2.29 56.51
CA GLU D 212 -21.26 3.36 57.48
C GLU D 212 -20.58 4.60 56.91
N HIS D 213 -19.83 4.46 55.82
CA HIS D 213 -19.22 5.60 55.15
C HIS D 213 -19.84 5.89 53.80
N ALA D 214 -19.90 4.91 52.91
CA ALA D 214 -20.43 5.10 51.57
C ALA D 214 -21.37 3.95 51.22
N ASN D 215 -22.24 4.20 50.26
CA ASN D 215 -23.20 3.22 49.80
C ASN D 215 -23.06 3.03 48.29
N TYR D 216 -23.36 1.83 47.83
CA TYR D 216 -23.25 1.48 46.43
C TYR D 216 -24.57 0.89 45.94
N VAL D 217 -24.85 1.10 44.66
CA VAL D 217 -26.02 0.55 43.99
C VAL D 217 -25.54 -0.17 42.74
N VAL D 218 -25.97 -1.41 42.57
CA VAL D 218 -25.50 -2.28 41.50
C VAL D 218 -26.70 -2.92 40.83
N ALA D 219 -26.61 -3.09 39.51
CA ALA D 219 -27.67 -3.72 38.74
C ALA D 219 -27.44 -5.23 38.65
N LEU D 220 -28.44 -5.92 38.13
CA LEU D 220 -28.43 -7.37 38.03
C LEU D 220 -28.25 -7.78 36.57
N GLU D 221 -27.57 -8.90 36.37
CA GLU D 221 -27.41 -9.44 35.03
C GLU D 221 -28.71 -10.10 34.56
N ALA D 222 -28.77 -10.38 33.26
CA ALA D 222 -29.98 -10.95 32.69
C ALA D 222 -30.24 -12.36 33.22
N ASP D 223 -29.20 -13.09 33.58
CA ASP D 223 -29.38 -14.45 34.10
C ASP D 223 -30.05 -14.47 35.46
N SER D 224 -30.17 -13.34 36.14
CA SER D 224 -30.84 -13.30 37.43
C SER D 224 -32.31 -13.67 37.27
N THR D 225 -32.80 -14.54 38.15
CA THR D 225 -34.15 -15.07 38.06
C THR D 225 -34.85 -14.85 39.40
N HIS D 226 -35.98 -14.15 39.38
CA HIS D 226 -36.74 -13.87 40.59
C HIS D 226 -38.03 -14.68 40.60
N ASP D 227 -38.48 -15.03 41.81
CA ASP D 227 -39.75 -15.75 41.96
C ASP D 227 -40.37 -15.28 43.27
N PHE D 228 -41.27 -14.31 43.17
CA PHE D 228 -42.03 -13.84 44.32
C PHE D 228 -43.31 -14.65 44.51
N MET E 1 -9.30 -33.05 55.90
CA MET E 1 -7.86 -32.94 56.13
C MET E 1 -7.51 -31.53 56.59
N LYS E 2 -6.50 -31.43 57.46
CA LYS E 2 -6.06 -30.15 58.01
C LYS E 2 -4.63 -29.88 57.58
N LEU E 3 -4.29 -28.60 57.45
CA LEU E 3 -2.95 -28.17 57.07
C LEU E 3 -2.55 -26.96 57.91
N SER E 4 -1.25 -26.82 58.12
CA SER E 4 -0.69 -25.75 58.94
C SER E 4 0.17 -24.83 58.07
N LYS E 5 0.71 -23.80 58.72
CA LYS E 5 1.50 -22.80 58.00
C LYS E 5 2.79 -23.40 57.44
N ASP E 6 3.49 -24.20 58.24
CA ASP E 6 4.72 -24.81 57.77
C ASP E 6 4.46 -25.79 56.63
N THR E 7 3.40 -26.60 56.77
CA THR E 7 3.03 -27.53 55.71
C THR E 7 2.70 -26.79 54.43
N THR E 8 1.94 -25.70 54.53
CA THR E 8 1.59 -24.93 53.34
C THR E 8 2.82 -24.28 52.71
N ALA E 9 3.74 -23.76 53.54
CA ALA E 9 4.95 -23.15 52.99
C ALA E 9 5.81 -24.17 52.27
N LEU E 10 5.96 -25.36 52.84
CA LEU E 10 6.74 -26.37 52.16
C LEU E 10 6.02 -26.91 50.93
N LEU E 11 4.68 -26.94 50.96
CA LEU E 11 3.93 -27.25 49.75
C LEU E 11 4.16 -26.19 48.68
N LYS E 12 4.31 -24.94 49.09
CA LYS E 12 4.66 -23.88 48.15
C LYS E 12 6.02 -24.14 47.53
N ASN E 13 6.99 -24.50 48.36
CA ASN E 13 8.31 -24.88 47.84
C ASN E 13 8.18 -26.03 46.85
N PHE E 14 7.34 -27.02 47.17
CA PHE E 14 7.12 -28.15 46.29
C PHE E 14 6.52 -27.70 44.97
N ALA E 15 5.62 -26.71 45.02
CA ALA E 15 5.05 -26.13 43.80
C ALA E 15 6.15 -25.49 42.96
N THR E 16 7.09 -24.80 43.61
CA THR E 16 8.27 -24.32 42.90
C THR E 16 9.03 -25.47 42.24
N ILE E 17 9.09 -26.62 42.91
CA ILE E 17 9.71 -27.80 42.28
C ILE E 17 8.89 -28.24 41.07
N ASN E 18 7.63 -28.65 41.31
CA ASN E 18 6.79 -29.16 40.24
C ASN E 18 5.39 -28.59 40.38
N SER E 19 4.71 -28.43 39.24
CA SER E 19 3.36 -27.87 39.24
C SER E 19 2.37 -28.82 39.91
N GLY E 20 2.36 -30.08 39.49
CA GLY E 20 1.47 -31.06 40.07
C GLY E 20 2.09 -31.80 41.23
N ILE E 21 1.26 -32.59 41.92
CA ILE E 21 1.70 -33.31 43.10
C ILE E 21 0.75 -34.47 43.35
N MET E 22 1.24 -35.47 44.09
CA MET E 22 0.45 -36.61 44.53
C MET E 22 0.33 -36.58 46.04
N LEU E 23 -0.86 -36.87 46.55
CA LEU E 23 -1.13 -36.88 47.98
C LEU E 23 -1.60 -38.28 48.37
N LYS E 24 -0.70 -39.08 48.91
CA LYS E 24 -1.01 -40.39 49.46
C LYS E 24 -1.52 -40.22 50.89
N SER E 25 -2.41 -41.12 51.28
CA SER E 25 -2.96 -41.07 52.63
C SER E 25 -1.87 -41.31 53.65
N GLY E 26 -1.78 -40.42 54.64
CA GLY E 26 -0.78 -40.55 55.68
C GLY E 26 -0.01 -39.27 55.99
N GLN E 27 1.31 -39.34 55.91
CA GLN E 27 2.17 -38.25 56.33
C GLN E 27 3.26 -37.97 55.30
N PHE E 28 3.56 -38.96 54.47
CA PHE E 28 4.79 -39.00 53.70
C PHE E 28 4.50 -38.58 52.26
N ILE E 29 5.09 -37.47 51.82
CA ILE E 29 4.71 -36.79 50.59
C ILE E 29 5.94 -36.66 49.69
N MET E 30 5.75 -36.97 48.40
CA MET E 30 6.82 -37.04 47.43
C MET E 30 6.54 -36.09 46.27
N THR E 31 7.59 -35.60 45.63
CA THR E 31 7.46 -34.97 44.32
C THR E 31 8.81 -35.02 43.61
N ARG E 32 8.76 -34.95 42.28
CA ARG E 32 9.97 -34.98 41.47
C ARG E 32 9.74 -34.11 40.25
N ALA E 33 10.84 -33.60 39.70
CA ALA E 33 10.76 -32.76 38.52
C ALA E 33 10.25 -33.56 37.33
N VAL E 34 9.76 -32.83 36.32
CA VAL E 34 9.28 -33.49 35.10
C VAL E 34 10.40 -34.25 34.43
N ASN E 35 11.56 -33.61 34.27
CA ASN E 35 12.74 -34.32 33.81
C ASN E 35 13.35 -35.22 34.88
N GLY E 36 12.93 -35.08 36.13
CA GLY E 36 13.37 -35.95 37.19
C GLY E 36 14.74 -35.66 37.74
N THR E 37 15.28 -34.46 37.52
CA THR E 37 16.62 -34.15 38.03
C THR E 37 16.62 -34.13 39.56
N THR E 38 15.56 -33.61 40.17
CA THR E 38 15.50 -33.45 41.61
C THR E 38 14.20 -34.02 42.16
N TYR E 39 14.27 -34.46 43.41
CA TYR E 39 13.16 -35.06 44.13
C TYR E 39 13.11 -34.44 45.51
N ALA E 40 11.91 -34.42 46.10
CA ALA E 40 11.73 -33.84 47.42
C ALA E 40 10.67 -34.62 48.18
N GLU E 41 10.91 -34.78 49.49
CA GLU E 41 10.03 -35.54 50.36
C GLU E 41 9.83 -34.77 51.65
N ALA E 42 8.60 -34.83 52.17
CA ALA E 42 8.27 -34.17 53.42
C ALA E 42 7.27 -34.99 54.21
N ASN E 43 7.40 -34.96 55.54
CA ASN E 43 6.43 -35.57 56.44
C ASN E 43 5.67 -34.43 57.12
N ILE E 44 4.39 -34.29 56.76
CA ILE E 44 3.61 -33.17 57.28
C ILE E 44 3.29 -33.40 58.74
N SER E 45 2.99 -32.29 59.44
CA SER E 45 2.61 -32.39 60.85
C SER E 45 1.24 -33.05 61.00
N ASP E 46 0.39 -32.94 60.00
CA ASP E 46 -0.96 -33.50 60.05
C ASP E 46 -0.97 -34.91 59.48
N VAL E 47 -2.15 -35.45 59.22
CA VAL E 47 -2.32 -36.79 58.66
C VAL E 47 -3.24 -36.68 57.45
N ILE E 48 -2.84 -37.31 56.35
CA ILE E 48 -3.62 -37.31 55.11
C ILE E 48 -4.55 -38.51 55.09
N ASP E 49 -5.80 -38.28 54.73
CA ASP E 49 -6.82 -39.32 54.76
C ASP E 49 -7.27 -39.78 53.38
N PHE E 50 -6.70 -39.25 52.30
CA PHE E 50 -7.10 -39.66 50.97
C PHE E 50 -5.97 -39.41 49.99
N ASP E 51 -6.05 -40.08 48.85
CA ASP E 51 -5.08 -39.96 47.77
C ASP E 51 -5.67 -39.10 46.67
N VAL E 52 -4.96 -38.03 46.28
CA VAL E 52 -5.46 -37.11 45.27
C VAL E 52 -4.30 -36.61 44.41
N ALA E 53 -4.63 -36.23 43.17
CA ALA E 53 -3.67 -35.66 42.24
C ALA E 53 -3.99 -34.18 42.06
N ILE E 54 -2.96 -33.33 42.13
CA ILE E 54 -3.13 -31.89 42.08
C ILE E 54 -2.37 -31.35 40.87
N TYR E 55 -3.05 -30.55 40.06
CA TYR E 55 -2.44 -29.94 38.88
C TYR E 55 -1.92 -28.53 39.17
N ASP E 56 -2.79 -27.66 39.68
CA ASP E 56 -2.45 -26.26 39.93
C ASP E 56 -2.24 -26.10 41.43
N LEU E 57 -1.01 -26.34 41.88
CA LEU E 57 -0.72 -26.33 43.31
C LEU E 57 -0.74 -24.90 43.87
N ASN E 58 -0.24 -23.93 43.09
CA ASN E 58 -0.11 -22.57 43.60
C ASN E 58 -1.48 -21.97 43.94
N GLY E 59 -2.48 -22.23 43.11
CA GLY E 59 -3.83 -21.78 43.45
C GLY E 59 -4.34 -22.41 44.73
N PHE E 60 -4.05 -23.70 44.93
CA PHE E 60 -4.42 -24.35 46.17
C PHE E 60 -3.73 -23.70 47.36
N LEU E 61 -2.46 -23.36 47.21
CA LEU E 61 -1.73 -22.69 48.28
C LEU E 61 -2.36 -21.35 48.62
N GLY E 62 -2.69 -20.57 47.59
CA GLY E 62 -3.35 -19.30 47.83
C GLY E 62 -4.67 -19.46 48.54
N ILE E 63 -5.48 -20.42 48.10
CA ILE E 63 -6.78 -20.66 48.72
C ILE E 63 -6.60 -21.03 50.18
N LEU E 64 -5.74 -22.01 50.46
CA LEU E 64 -5.55 -22.46 51.83
C LEU E 64 -4.94 -21.38 52.71
N SER E 65 -4.17 -20.47 52.11
CA SER E 65 -3.61 -19.38 52.89
C SER E 65 -4.68 -18.35 53.24
N LEU E 66 -5.56 -18.02 52.30
CA LEU E 66 -6.55 -16.99 52.56
C LEU E 66 -7.69 -17.46 53.44
N VAL E 67 -7.94 -18.77 53.51
CA VAL E 67 -9.05 -19.29 54.29
C VAL E 67 -8.59 -19.54 55.72
N ASN E 68 -9.56 -19.66 56.62
CA ASN E 68 -9.26 -20.00 58.00
C ASN E 68 -8.70 -21.42 58.09
N ASP E 69 -7.78 -21.61 59.02
CA ASP E 69 -7.13 -22.92 59.17
C ASP E 69 -8.10 -24.00 59.64
N ASP E 70 -9.18 -23.62 60.30
CA ASP E 70 -10.16 -24.60 60.77
C ASP E 70 -10.98 -25.21 59.64
N ALA E 71 -10.87 -24.69 58.42
CA ALA E 71 -11.59 -25.26 57.29
C ALA E 71 -11.12 -26.68 57.03
N GLU E 72 -12.04 -27.54 56.60
CA GLU E 72 -11.76 -28.95 56.36
C GLU E 72 -11.61 -29.20 54.87
N ILE E 73 -10.55 -29.91 54.50
CA ILE E 73 -10.27 -30.29 53.12
C ILE E 73 -10.56 -31.76 52.97
N SER E 74 -11.40 -32.11 51.99
CA SER E 74 -11.78 -33.50 51.79
C SER E 74 -12.16 -33.71 50.34
N GLN E 75 -12.76 -34.86 50.05
CA GLN E 75 -13.23 -35.18 48.71
C GLN E 75 -14.65 -34.68 48.54
N SER E 76 -14.91 -33.98 47.45
CA SER E 76 -16.25 -33.49 47.17
C SER E 76 -17.13 -34.64 46.68
N GLU E 77 -18.40 -34.33 46.43
CA GLU E 77 -19.34 -35.36 45.99
C GLU E 77 -18.94 -35.93 44.63
N ASP E 78 -18.26 -35.15 43.81
CA ASP E 78 -17.80 -35.60 42.49
C ASP E 78 -16.36 -36.06 42.52
N GLY E 79 -15.83 -36.39 43.70
CA GLY E 79 -14.47 -36.86 43.81
C GLY E 79 -13.42 -35.79 43.60
N ASN E 80 -13.78 -34.53 43.75
CA ASN E 80 -12.86 -33.41 43.61
C ASN E 80 -12.51 -32.88 45.00
N ILE E 81 -11.73 -31.81 45.03
CA ILE E 81 -11.25 -31.24 46.29
C ILE E 81 -12.30 -30.26 46.80
N LYS E 82 -12.76 -30.47 48.03
CA LYS E 82 -13.71 -29.58 48.67
C LYS E 82 -13.09 -29.02 49.94
N ILE E 83 -12.99 -27.70 50.01
CA ILE E 83 -12.44 -27.00 51.17
C ILE E 83 -13.58 -26.20 51.78
N ALA E 84 -14.07 -26.63 52.94
CA ALA E 84 -15.23 -26.01 53.54
C ALA E 84 -14.99 -25.73 55.02
N ASP E 85 -15.14 -24.47 55.40
CA ASP E 85 -15.18 -24.08 56.80
C ASP E 85 -16.64 -23.98 57.24
N ALA E 86 -16.87 -23.43 58.43
CA ALA E 86 -18.23 -23.24 58.90
C ALA E 86 -18.99 -22.19 58.10
N ARG E 87 -18.31 -21.42 57.25
CA ARG E 87 -18.93 -20.32 56.54
C ARG E 87 -19.01 -20.58 55.04
N SER E 88 -17.88 -20.88 54.40
CA SER E 88 -17.79 -20.96 52.95
C SER E 88 -17.52 -22.39 52.51
N THR E 89 -17.38 -22.56 51.19
CA THR E 89 -17.07 -23.85 50.59
C THR E 89 -16.52 -23.63 49.19
N ILE E 90 -15.39 -24.25 48.89
CA ILE E 90 -14.68 -24.06 47.63
C ILE E 90 -14.48 -25.42 46.98
N PHE E 91 -14.81 -25.51 45.69
CA PHE E 91 -14.67 -26.73 44.91
C PHE E 91 -13.58 -26.54 43.86
N TRP E 92 -12.60 -27.44 43.86
CA TRP E 92 -11.51 -27.41 42.89
C TRP E 92 -11.40 -28.78 42.24
N PRO E 93 -11.40 -28.86 40.92
CA PRO E 93 -11.32 -30.16 40.25
C PRO E 93 -9.98 -30.85 40.48
N ALA E 94 -10.02 -32.17 40.47
CA ALA E 94 -8.82 -33.00 40.58
C ALA E 94 -8.46 -33.54 39.20
N ALA E 95 -7.22 -33.29 38.78
CA ALA E 95 -6.80 -33.66 37.44
C ALA E 95 -6.56 -35.17 37.33
N ASP E 96 -6.49 -35.65 36.09
CA ASP E 96 -6.26 -37.06 35.84
C ASP E 96 -4.81 -37.42 36.19
N PRO E 97 -4.58 -38.51 36.92
CA PRO E 97 -3.20 -38.85 37.30
C PRO E 97 -2.27 -39.11 36.13
N SER E 98 -2.80 -39.47 34.96
CA SER E 98 -1.96 -39.71 33.80
C SER E 98 -1.26 -38.43 33.35
N THR E 99 -1.97 -37.30 33.41
CA THR E 99 -1.39 -36.04 32.94
C THR E 99 -0.26 -35.57 33.85
N VAL E 100 -0.33 -35.87 35.15
CA VAL E 100 0.65 -35.41 36.11
C VAL E 100 1.76 -36.44 36.23
N VAL E 101 2.90 -36.01 36.73
CA VAL E 101 4.07 -36.86 36.92
C VAL E 101 4.39 -36.90 38.40
N ALA E 102 4.51 -38.11 38.95
CA ALA E 102 4.80 -38.32 40.35
C ALA E 102 5.91 -39.35 40.49
N PRO E 103 6.68 -39.30 41.57
CA PRO E 103 7.72 -40.31 41.78
C PRO E 103 7.14 -41.69 41.99
N ASN E 104 7.88 -42.70 41.54
CA ASN E 104 7.45 -44.09 41.73
C ASN E 104 7.59 -44.51 43.19
N LYS E 105 8.73 -44.19 43.81
CA LYS E 105 9.00 -44.58 45.18
C LYS E 105 10.11 -43.68 45.72
N PRO E 106 10.21 -43.53 47.04
CA PRO E 106 11.31 -42.76 47.61
C PRO E 106 12.65 -43.43 47.36
N ILE E 107 13.69 -42.61 47.22
CA ILE E 107 15.05 -43.09 47.01
C ILE E 107 15.71 -43.22 48.38
N PRO E 108 16.03 -44.43 48.83
CA PRO E 108 16.66 -44.58 50.16
C PRO E 108 18.00 -43.86 50.29
N PHE E 109 18.80 -43.81 49.22
CA PHE E 109 20.12 -43.17 49.23
C PHE E 109 20.98 -43.77 50.33
N PRO E 110 21.38 -45.04 50.21
CA PRO E 110 22.03 -45.72 51.34
C PRO E 110 23.41 -45.17 51.69
N VAL E 111 24.25 -44.95 50.69
CA VAL E 111 25.64 -44.60 50.92
C VAL E 111 25.83 -43.11 50.66
N ALA E 112 26.83 -42.53 51.31
CA ALA E 112 27.16 -41.12 51.17
C ALA E 112 28.67 -40.99 51.01
N SER E 113 29.11 -40.67 49.78
CA SER E 113 30.54 -40.55 49.54
C SER E 113 31.16 -39.40 50.32
N ALA E 114 30.46 -38.27 50.40
CA ALA E 114 30.94 -37.10 51.13
C ALA E 114 29.82 -36.55 52.00
N VAL E 115 30.18 -36.08 53.19
CA VAL E 115 29.23 -35.54 54.16
C VAL E 115 29.67 -34.13 54.52
N THR E 116 28.73 -33.19 54.47
CA THR E 116 29.05 -31.81 54.83
C THR E 116 27.83 -31.14 55.44
N GLU E 117 28.07 -30.07 56.18
CA GLU E 117 27.02 -29.28 56.82
C GLU E 117 27.07 -27.86 56.30
N ILE E 118 25.92 -27.33 55.89
CA ILE E 118 25.80 -25.98 55.34
C ILE E 118 24.80 -25.21 56.19
N LYS E 119 25.19 -24.02 56.64
CA LYS E 119 24.33 -23.22 57.48
C LYS E 119 23.29 -22.48 56.63
N ALA E 120 22.22 -22.04 57.31
CA ALA E 120 21.15 -21.32 56.62
C ALA E 120 21.64 -19.99 56.07
N GLU E 121 22.40 -19.24 56.89
CA GLU E 121 22.85 -17.92 56.46
C GLU E 121 23.77 -18.02 55.25
N ASP E 122 24.68 -18.99 55.25
CA ASP E 122 25.57 -19.17 54.11
C ASP E 122 24.79 -19.58 52.87
N LEU E 123 23.77 -20.43 53.03
CA LEU E 123 22.94 -20.82 51.90
C LEU E 123 22.21 -19.62 51.31
N GLN E 124 21.64 -18.78 52.16
CA GLN E 124 20.94 -17.59 51.66
C GLN E 124 21.91 -16.63 51.00
N GLN E 125 23.09 -16.45 51.57
CA GLN E 125 24.09 -15.60 50.96
C GLN E 125 24.46 -16.12 49.57
N LEU E 126 24.65 -17.44 49.45
CA LEU E 126 24.95 -18.03 48.16
C LEU E 126 23.81 -17.79 47.17
N LEU E 127 22.57 -17.99 47.62
CA LEU E 127 21.41 -17.78 46.75
C LEU E 127 21.38 -16.35 46.23
N ARG E 128 21.48 -15.38 47.13
CA ARG E 128 21.35 -13.98 46.73
C ARG E 128 22.52 -13.55 45.86
N VAL E 129 23.75 -13.96 46.20
CA VAL E 129 24.89 -13.57 45.39
C VAL E 129 24.86 -14.25 44.03
N SER E 130 24.28 -15.45 43.94
CA SER E 130 24.16 -16.11 42.64
C SER E 130 23.12 -15.40 41.80
N ARG E 131 22.00 -14.99 42.40
CA ARG E 131 21.01 -14.21 41.66
C ARG E 131 21.60 -12.91 41.15
N GLY E 132 22.37 -12.23 42.00
CA GLY E 132 22.99 -10.98 41.58
C GLY E 132 24.05 -11.17 40.51
N LEU E 133 24.89 -12.19 40.66
CA LEU E 133 26.03 -12.40 39.79
C LEU E 133 25.73 -13.31 38.61
N GLN E 134 24.48 -13.79 38.49
CA GLN E 134 24.06 -14.68 37.41
C GLN E 134 24.92 -15.94 37.39
N ILE E 135 24.84 -16.69 38.49
CA ILE E 135 25.55 -17.95 38.64
C ILE E 135 24.53 -19.08 38.45
N ASP E 136 24.81 -19.97 37.50
CA ASP E 136 23.95 -21.13 37.24
C ASP E 136 24.68 -22.44 37.47
N THR E 137 25.84 -22.42 38.13
CA THR E 137 26.62 -23.62 38.33
C THR E 137 27.38 -23.51 39.64
N ILE E 138 27.31 -24.55 40.46
CA ILE E 138 28.13 -24.65 41.66
C ILE E 138 29.00 -25.90 41.53
N ALA E 139 30.29 -25.74 41.81
CA ALA E 139 31.24 -26.84 41.84
C ALA E 139 31.66 -27.04 43.29
N ILE E 140 31.28 -28.19 43.84
CA ILE E 140 31.66 -28.56 45.20
C ILE E 140 32.88 -29.46 45.13
N THR E 141 33.96 -29.08 45.80
CA THR E 141 35.20 -29.82 45.73
C THR E 141 35.93 -29.72 47.07
N VAL E 142 37.13 -30.27 47.11
CA VAL E 142 38.00 -30.18 48.28
C VAL E 142 39.37 -29.74 47.82
N LYS E 143 39.88 -28.66 48.42
CA LYS E 143 41.22 -28.16 48.17
C LYS E 143 41.93 -27.95 49.50
N GLU E 144 43.17 -28.43 49.59
CA GLU E 144 44.00 -28.30 50.79
C GLU E 144 43.28 -28.84 52.02
N GLY E 145 42.57 -29.96 51.85
CA GLY E 145 41.83 -30.54 52.95
C GLY E 145 40.63 -29.73 53.40
N LYS E 146 40.09 -28.89 52.54
CA LYS E 146 38.94 -28.06 52.86
C LYS E 146 37.85 -28.27 51.82
N ILE E 147 36.65 -28.59 52.29
CA ILE E 147 35.48 -28.64 51.41
C ILE E 147 35.07 -27.22 51.08
N VAL E 148 35.02 -26.91 49.79
CA VAL E 148 34.69 -25.58 49.29
C VAL E 148 33.67 -25.69 48.16
N ILE E 149 32.98 -24.59 47.93
CA ILE E 149 32.00 -24.47 46.85
C ILE E 149 32.35 -23.24 46.03
N ASN E 150 32.42 -23.40 44.71
CA ASN E 150 32.79 -22.32 43.81
C ASN E 150 31.68 -22.06 42.81
N GLY E 151 31.43 -20.77 42.54
CA GLY E 151 30.44 -20.41 41.56
C GLY E 151 31.02 -20.36 40.15
N PHE E 152 30.24 -20.84 39.19
CA PHE E 152 30.67 -20.90 37.80
C PHE E 152 29.45 -20.77 36.91
N ASN E 153 29.62 -20.04 35.81
CA ASN E 153 28.60 -19.89 34.77
C ASN E 153 29.16 -20.54 33.51
N LYS E 154 28.65 -21.74 33.19
CA LYS E 154 29.18 -22.49 32.05
C LYS E 154 28.93 -21.78 30.72
N VAL E 155 27.98 -20.85 30.68
CA VAL E 155 27.74 -20.10 29.45
C VAL E 155 28.97 -19.28 29.08
N GLU E 156 29.57 -18.62 30.05
CA GLU E 156 30.77 -17.83 29.84
C GLU E 156 32.06 -18.56 30.17
N ASP E 157 31.96 -19.55 31.06
CA ASP E 157 33.16 -20.30 31.52
C ASP E 157 32.91 -21.81 31.35
N SER E 158 32.92 -22.30 30.11
CA SER E 158 32.76 -23.75 29.87
C SER E 158 34.02 -24.48 30.36
N ALA E 159 35.15 -23.76 30.46
CA ALA E 159 36.41 -24.37 30.92
C ALA E 159 36.46 -24.39 32.45
N LEU E 160 35.43 -23.84 33.12
CA LEU E 160 35.38 -23.83 34.60
C LEU E 160 36.69 -23.24 35.15
N THR E 161 37.06 -22.04 34.70
CA THR E 161 38.31 -21.38 35.18
C THR E 161 37.96 -20.12 35.98
N ARG E 162 37.16 -19.22 35.41
CA ARG E 162 36.80 -17.94 36.11
C ARG E 162 35.94 -18.24 37.34
N VAL E 163 36.48 -17.98 38.53
CA VAL E 163 35.76 -18.26 39.78
C VAL E 163 35.13 -16.96 40.27
N LYS E 164 33.81 -16.99 40.48
CA LYS E 164 33.07 -15.82 40.96
C LYS E 164 32.67 -15.91 42.42
N TYR E 165 32.55 -17.11 42.97
CA TYR E 165 32.24 -17.29 44.39
C TYR E 165 33.20 -18.31 44.98
N SER E 166 33.53 -18.11 46.25
CA SER E 166 34.31 -19.05 47.04
C SER E 166 33.56 -19.31 48.33
N LEU E 167 32.89 -20.46 48.40
CA LEU E 167 32.08 -20.84 49.57
C LEU E 167 32.78 -22.02 50.25
N THR E 168 33.65 -21.71 51.21
CA THR E 168 34.35 -22.75 51.96
C THR E 168 33.38 -23.44 52.91
N LEU E 169 33.00 -24.68 52.58
CA LEU E 169 32.08 -25.42 53.44
C LEU E 169 32.71 -25.72 54.79
N GLY E 170 33.98 -26.12 54.80
CA GLY E 170 34.64 -26.43 56.07
C GLY E 170 35.88 -27.27 55.85
N ASP E 171 36.22 -28.05 56.88
CA ASP E 171 37.42 -28.88 56.85
C ASP E 171 37.09 -30.27 56.34
N TYR E 172 38.04 -30.86 55.61
CA TYR E 172 37.90 -32.20 55.04
C TYR E 172 39.03 -33.09 55.54
N ASP E 173 38.69 -34.33 55.85
CA ASP E 173 39.65 -35.35 56.28
C ASP E 173 39.55 -36.54 55.35
N GLY E 174 40.54 -36.71 54.50
CA GLY E 174 40.56 -37.80 53.53
C GLY E 174 41.26 -37.37 52.26
N GLU E 175 41.65 -38.39 51.47
CA GLU E 175 42.37 -38.16 50.23
C GLU E 175 41.48 -38.34 49.00
N ASN E 176 40.17 -38.47 49.19
CA ASN E 176 39.25 -38.56 48.06
C ASN E 176 39.20 -37.21 47.34
N THR E 177 39.31 -37.25 46.01
CA THR E 177 39.32 -36.03 45.20
C THR E 177 38.04 -35.99 44.36
N PHE E 178 37.11 -35.11 44.73
CA PHE E 178 35.83 -35.04 44.05
C PHE E 178 35.52 -33.59 43.70
N ASN E 179 34.85 -33.42 42.57
CA ASN E 179 34.39 -32.10 42.12
C ASN E 179 33.06 -32.31 41.41
N PHE E 180 31.98 -31.80 42.01
CA PHE E 180 30.62 -32.04 41.54
C PHE E 180 30.01 -30.76 41.02
N ILE E 181 29.38 -30.85 39.84
CA ILE E 181 28.77 -29.71 39.16
C ILE E 181 27.26 -29.82 39.33
N ILE E 182 26.63 -28.74 39.80
CA ILE E 182 25.19 -28.69 40.01
C ILE E 182 24.64 -27.42 39.37
N ASN E 183 23.51 -27.55 38.69
CA ASN E 183 22.88 -26.44 37.97
C ASN E 183 21.78 -25.81 38.82
N MET E 184 21.76 -24.47 38.84
CA MET E 184 20.88 -23.72 39.73
C MET E 184 19.39 -23.89 39.42
N ALA E 185 19.04 -24.44 38.27
CA ALA E 185 17.63 -24.50 37.88
C ALA E 185 16.82 -25.51 38.66
N ASN E 186 17.40 -26.17 39.66
CA ASN E 186 16.73 -27.29 40.34
C ASN E 186 16.43 -27.00 41.81
N MET E 187 17.45 -26.71 42.62
CA MET E 187 17.27 -26.71 44.06
C MET E 187 16.53 -25.46 44.53
N LYS E 188 15.57 -25.66 45.42
CA LYS E 188 14.76 -24.59 45.99
C LYS E 188 14.40 -24.99 47.41
N MET E 189 14.84 -24.20 48.39
CA MET E 189 14.63 -24.55 49.79
C MET E 189 14.42 -23.29 50.62
N GLN E 190 13.84 -23.50 51.81
CA GLN E 190 13.66 -22.53 52.89
C GLN E 190 14.91 -22.46 53.75
N PRO E 191 15.22 -21.28 54.30
CA PRO E 191 16.49 -21.10 55.01
C PRO E 191 16.52 -21.92 56.29
N GLY E 192 17.47 -22.85 56.36
CA GLY E 192 17.61 -23.71 57.52
C GLY E 192 18.91 -24.48 57.51
N ASN E 193 19.45 -24.79 58.70
CA ASN E 193 20.68 -25.56 58.78
C ASN E 193 20.48 -26.91 58.10
N TYR E 194 21.41 -27.28 57.22
CA TYR E 194 21.16 -28.37 56.30
C TYR E 194 22.37 -29.28 56.20
N LYS E 195 22.13 -30.52 55.80
CA LYS E 195 23.15 -31.54 55.63
C LYS E 195 23.19 -31.98 54.18
N LEU E 196 24.39 -32.24 53.66
CA LEU E 196 24.56 -32.68 52.28
C LEU E 196 25.36 -33.98 52.26
N LEU E 197 24.83 -34.98 51.55
CA LEU E 197 25.47 -36.29 51.39
C LEU E 197 25.64 -36.53 49.90
N LEU E 198 26.85 -36.31 49.38
CA LEU E 198 27.16 -36.56 47.99
C LEU E 198 27.54 -38.02 47.79
N TRP E 199 27.22 -38.55 46.61
CA TRP E 199 27.63 -39.90 46.26
C TRP E 199 27.63 -40.01 44.74
N ALA E 200 28.68 -40.65 44.21
CA ALA E 200 28.79 -40.83 42.76
C ALA E 200 29.77 -41.95 42.47
N LYS E 201 29.29 -43.03 41.88
CA LYS E 201 30.13 -44.14 41.45
C LYS E 201 30.07 -44.22 39.92
N GLY E 202 31.24 -44.32 39.30
CA GLY E 202 31.32 -44.35 37.85
C GLY E 202 30.70 -43.12 37.23
N LYS E 203 29.54 -43.30 36.60
CA LYS E 203 28.80 -42.20 36.00
C LYS E 203 27.47 -41.92 36.69
N GLN E 204 27.08 -42.72 37.67
CA GLN E 204 25.77 -42.59 38.31
C GLN E 204 25.93 -42.17 39.76
N GLY E 205 25.10 -41.22 40.19
CA GLY E 205 25.15 -40.77 41.56
C GLY E 205 24.13 -39.68 41.79
N ALA E 206 24.08 -39.21 43.04
CA ALA E 206 23.18 -38.14 43.44
C ALA E 206 23.68 -37.53 44.74
N ALA E 207 23.06 -36.41 45.12
CA ALA E 207 23.34 -35.73 46.37
C ALA E 207 22.06 -35.60 47.15
N LYS E 208 22.03 -36.17 48.35
CA LYS E 208 20.88 -36.06 49.23
C LYS E 208 21.04 -34.86 50.14
N PHE E 209 19.93 -34.19 50.42
CA PHE E 209 19.91 -32.96 51.21
C PHE E 209 18.97 -33.19 52.39
N GLU E 210 19.53 -33.17 53.59
CA GLU E 210 18.81 -33.49 54.82
C GLU E 210 18.45 -32.21 55.56
N GLY E 211 17.16 -32.02 55.81
CA GLY E 211 16.69 -30.88 56.58
C GLY E 211 15.94 -31.36 57.81
N GLU E 212 15.60 -30.39 58.66
CA GLU E 212 14.97 -30.71 59.94
C GLU E 212 13.60 -31.35 59.76
N HIS E 213 12.92 -31.11 58.64
CA HIS E 213 11.61 -31.72 58.45
C HIS E 213 11.47 -32.32 57.05
N ALA E 214 12.21 -31.80 56.07
CA ALA E 214 12.08 -32.24 54.70
C ALA E 214 13.44 -32.57 54.11
N ASN E 215 13.43 -33.38 53.05
CA ASN E 215 14.65 -33.82 52.39
C ASN E 215 14.50 -33.64 50.88
N TYR E 216 15.65 -33.47 50.21
CA TYR E 216 15.69 -33.41 48.76
C TYR E 216 16.77 -34.34 48.23
N VAL E 217 16.78 -34.50 46.91
CA VAL E 217 17.78 -35.28 46.19
C VAL E 217 18.01 -34.59 44.85
N VAL E 218 19.27 -34.35 44.51
CA VAL E 218 19.64 -33.69 43.26
C VAL E 218 20.58 -34.59 42.48
N ALA E 219 20.26 -34.81 41.21
CA ALA E 219 21.10 -35.64 40.35
C ALA E 219 22.35 -34.88 39.96
N LEU E 220 23.51 -35.41 40.34
CA LEU E 220 24.77 -34.77 40.01
C LEU E 220 25.03 -34.85 38.51
N GLU E 221 25.66 -33.81 37.97
CA GLU E 221 25.98 -33.79 36.54
C GLU E 221 27.04 -34.84 36.24
N ALA E 222 26.88 -35.49 35.09
CA ALA E 222 27.81 -36.56 34.71
C ALA E 222 29.24 -36.07 34.56
N ASP E 223 29.45 -34.78 34.26
CA ASP E 223 30.79 -34.23 34.12
C ASP E 223 31.52 -34.12 35.44
N SER E 224 30.84 -34.32 36.56
CA SER E 224 31.51 -34.30 37.86
C SER E 224 32.56 -35.41 37.92
N THR E 225 33.73 -35.07 38.48
CA THR E 225 34.82 -36.02 38.60
C THR E 225 34.89 -36.56 40.02
N HIS E 226 35.15 -37.86 40.14
CA HIS E 226 35.24 -38.50 41.44
C HIS E 226 36.39 -39.49 41.46
N ASP E 227 37.23 -39.39 42.48
CA ASP E 227 38.31 -40.34 42.74
C ASP E 227 38.19 -40.70 44.21
N PHE E 228 37.55 -41.82 44.49
CA PHE E 228 37.29 -42.24 45.87
C PHE E 228 38.15 -43.43 46.26
#